data_2E6N
#
_entry.id   2E6N
#
_entity_poly.entity_id   1
_entity_poly.type   'polypeptide(L)'
_entity_poly.pdbx_seq_one_letter_code
;GSSGSSGGTQLEKLMENMRNDIASHPPVEGSYAPRRGEFCIAKFVDGEWYRARVEKVESPAKIHVFYIDYGNREVLPSTR
LGTLSPAFSTRVLPAQATEYAFAF
;
_entity_poly.pdbx_strand_id   A
#
# COMPACT_ATOMS: atom_id res chain seq x y z
N GLY A 1 -14.30 3.82 -15.66
CA GLY A 1 -14.49 5.24 -15.52
C GLY A 1 -15.92 5.61 -15.21
N SER A 2 -16.12 6.84 -14.74
CA SER A 2 -17.46 7.31 -14.39
C SER A 2 -17.72 8.70 -14.99
N SER A 3 -18.87 8.85 -15.64
CA SER A 3 -19.25 10.12 -16.25
C SER A 3 -20.66 10.52 -15.87
N GLY A 4 -20.80 11.72 -15.31
CA GLY A 4 -22.11 12.21 -14.91
C GLY A 4 -22.39 11.95 -13.44
N SER A 5 -22.60 13.02 -12.69
CA SER A 5 -22.88 12.91 -11.25
C SER A 5 -21.86 11.99 -10.58
N SER A 6 -20.59 12.13 -10.96
CA SER A 6 -19.52 11.33 -10.39
C SER A 6 -18.96 11.97 -9.13
N GLY A 7 -17.98 11.31 -8.52
CA GLY A 7 -17.36 11.84 -7.31
C GLY A 7 -17.01 10.75 -6.33
N GLY A 8 -15.79 10.80 -5.81
CA GLY A 8 -15.34 9.80 -4.85
C GLY A 8 -14.59 10.41 -3.69
N THR A 9 -13.85 9.57 -2.96
CA THR A 9 -13.08 10.04 -1.81
C THR A 9 -11.61 10.21 -2.17
N GLN A 10 -10.97 11.21 -1.57
CA GLN A 10 -9.56 11.49 -1.82
C GLN A 10 -8.79 10.19 -2.06
N LEU A 11 -8.75 9.33 -1.04
CA LEU A 11 -8.05 8.07 -1.14
C LEU A 11 -8.55 7.25 -2.33
N GLU A 12 -9.87 7.18 -2.48
CA GLU A 12 -10.48 6.44 -3.57
C GLU A 12 -9.93 6.90 -4.93
N LYS A 13 -9.61 8.19 -5.02
CA LYS A 13 -9.07 8.76 -6.24
C LYS A 13 -7.70 8.18 -6.56
N LEU A 14 -6.73 8.45 -5.68
CA LEU A 14 -5.37 7.95 -5.86
C LEU A 14 -5.37 6.43 -6.02
N MET A 15 -5.96 5.74 -5.05
CA MET A 15 -6.03 4.28 -5.08
C MET A 15 -6.66 3.79 -6.38
N GLU A 16 -7.62 4.55 -6.90
CA GLU A 16 -8.30 4.20 -8.14
C GLU A 16 -7.33 4.22 -9.32
N ASN A 17 -6.40 5.17 -9.29
CA ASN A 17 -5.41 5.29 -10.36
C ASN A 17 -4.36 4.21 -10.25
N MET A 18 -3.95 3.91 -9.02
CA MET A 18 -2.93 2.88 -8.79
C MET A 18 -3.49 1.49 -9.06
N ARG A 19 -4.63 1.18 -8.44
CA ARG A 19 -5.26 -0.13 -8.61
C ARG A 19 -5.29 -0.51 -10.09
N ASN A 20 -5.35 0.48 -10.96
CA ASN A 20 -5.39 0.24 -12.40
C ASN A 20 -4.06 -0.35 -12.88
N ASP A 21 -3.03 0.48 -12.89
CA ASP A 21 -1.70 0.05 -13.33
C ASP A 21 -1.18 -1.09 -12.46
N ILE A 22 -1.74 -1.21 -11.25
CA ILE A 22 -1.34 -2.26 -10.32
C ILE A 22 -2.05 -3.56 -10.64
N ALA A 23 -3.30 -3.46 -11.06
CA ALA A 23 -4.09 -4.64 -11.40
C ALA A 23 -3.78 -5.13 -12.81
N SER A 24 -3.25 -4.23 -13.63
CA SER A 24 -2.90 -4.57 -15.01
C SER A 24 -1.43 -4.95 -15.13
N HIS A 25 -0.59 -4.33 -14.31
CA HIS A 25 0.84 -4.60 -14.32
C HIS A 25 1.35 -4.85 -12.90
N PRO A 26 0.73 -5.80 -12.20
CA PRO A 26 1.11 -6.16 -10.83
C PRO A 26 2.60 -6.37 -10.69
N PRO A 27 3.13 -6.05 -9.50
CA PRO A 27 4.56 -6.19 -9.19
C PRO A 27 4.99 -7.65 -9.10
N VAL A 28 6.30 -7.88 -9.12
CA VAL A 28 6.83 -9.24 -9.03
C VAL A 28 6.92 -9.70 -7.58
N GLU A 29 6.19 -10.76 -7.26
CA GLU A 29 6.18 -11.30 -5.91
C GLU A 29 7.58 -11.77 -5.50
N GLY A 30 8.17 -11.08 -4.54
CA GLY A 30 9.50 -11.44 -4.08
C GLY A 30 10.59 -10.68 -4.80
N SER A 31 10.26 -9.48 -5.26
CA SER A 31 11.23 -8.64 -5.98
C SER A 31 11.67 -7.46 -5.12
N TYR A 32 10.69 -6.78 -4.51
CA TYR A 32 10.97 -5.63 -3.67
C TYR A 32 11.32 -6.07 -2.25
N ALA A 33 12.45 -5.58 -1.75
CA ALA A 33 12.89 -5.91 -0.40
C ALA A 33 12.46 -4.85 0.61
N PRO A 34 11.54 -5.22 1.50
CA PRO A 34 11.02 -4.31 2.53
C PRO A 34 12.07 -3.99 3.59
N ARG A 35 12.29 -2.69 3.82
CA ARG A 35 13.27 -2.26 4.82
C ARG A 35 12.60 -1.44 5.92
N ARG A 36 13.05 -1.64 7.15
CA ARG A 36 12.49 -0.93 8.29
C ARG A 36 12.51 0.58 8.05
N GLY A 37 11.34 1.15 7.77
CA GLY A 37 11.25 2.58 7.53
C GLY A 37 11.16 2.91 6.05
N GLU A 38 10.59 1.99 5.27
CA GLU A 38 10.46 2.19 3.83
C GLU A 38 9.00 2.04 3.39
N PHE A 39 8.56 2.92 2.51
CA PHE A 39 7.19 2.88 2.01
C PHE A 39 7.07 1.92 0.83
N CYS A 40 5.94 1.24 0.74
CA CYS A 40 5.70 0.29 -0.34
C CYS A 40 4.23 -0.12 -0.39
N ILE A 41 3.87 -0.89 -1.42
CA ILE A 41 2.49 -1.35 -1.58
C ILE A 41 2.33 -2.78 -1.07
N ALA A 42 1.30 -3.01 -0.28
CA ALA A 42 1.03 -4.33 0.28
C ALA A 42 -0.28 -4.90 -0.28
N LYS A 43 -0.29 -6.20 -0.52
CA LYS A 43 -1.47 -6.88 -1.05
C LYS A 43 -2.38 -7.34 0.08
N PHE A 44 -3.65 -6.94 0.03
CA PHE A 44 -4.61 -7.31 1.04
C PHE A 44 -5.24 -8.67 0.71
N VAL A 45 -5.75 -9.34 1.73
CA VAL A 45 -6.38 -10.65 1.56
C VAL A 45 -7.32 -10.64 0.36
N ASP A 46 -7.81 -9.47 0.00
CA ASP A 46 -8.72 -9.32 -1.12
C ASP A 46 -7.96 -8.97 -2.40
N GLY A 47 -6.70 -9.39 -2.47
CA GLY A 47 -5.88 -9.11 -3.63
C GLY A 47 -5.88 -7.63 -3.99
N GLU A 48 -6.03 -6.77 -2.98
CA GLU A 48 -6.05 -5.33 -3.21
C GLU A 48 -4.78 -4.68 -2.66
N TRP A 49 -4.07 -3.97 -3.52
CA TRP A 49 -2.85 -3.29 -3.13
C TRP A 49 -3.15 -2.01 -2.37
N TYR A 50 -2.36 -1.73 -1.34
CA TYR A 50 -2.54 -0.54 -0.53
C TYR A 50 -1.21 0.01 -0.04
N ARG A 51 -1.16 1.31 0.20
CA ARG A 51 0.06 1.96 0.68
C ARG A 51 0.34 1.59 2.14
N ALA A 52 1.58 1.23 2.42
CA ALA A 52 1.98 0.86 3.77
C ALA A 52 3.46 1.16 4.01
N ARG A 53 3.82 1.38 5.28
CA ARG A 53 5.20 1.68 5.63
C ARG A 53 5.78 0.56 6.50
N VAL A 54 6.86 -0.05 6.02
CA VAL A 54 7.52 -1.13 6.75
C VAL A 54 7.85 -0.70 8.18
N GLU A 55 7.22 -1.38 9.14
CA GLU A 55 7.45 -1.07 10.54
C GLU A 55 8.58 -1.94 11.12
N LYS A 56 8.55 -3.22 10.80
CA LYS A 56 9.58 -4.15 11.28
C LYS A 56 9.72 -5.34 10.34
N VAL A 57 10.93 -5.53 9.81
CA VAL A 57 11.19 -6.64 8.90
C VAL A 57 11.78 -7.83 9.64
N GLU A 58 10.99 -8.89 9.76
CA GLU A 58 11.44 -10.10 10.45
C GLU A 58 12.14 -11.05 9.48
N SER A 59 11.38 -11.55 8.50
CA SER A 59 11.93 -12.46 7.51
C SER A 59 11.20 -12.33 6.18
N PRO A 60 11.84 -12.82 5.10
CA PRO A 60 11.27 -12.76 3.75
C PRO A 60 9.81 -13.23 3.71
N ALA A 61 9.40 -13.94 4.76
CA ALA A 61 8.04 -14.45 4.84
C ALA A 61 7.21 -13.63 5.83
N LYS A 62 7.89 -12.93 6.73
CA LYS A 62 7.22 -12.11 7.74
C LYS A 62 7.75 -10.69 7.71
N ILE A 63 6.87 -9.74 7.36
CA ILE A 63 7.25 -8.33 7.30
C ILE A 63 6.20 -7.45 7.95
N HIS A 64 6.52 -6.90 9.12
CA HIS A 64 5.61 -6.04 9.85
C HIS A 64 5.44 -4.70 9.13
N VAL A 65 4.21 -4.40 8.73
CA VAL A 65 3.92 -3.15 8.03
C VAL A 65 2.66 -2.50 8.58
N PHE A 66 2.40 -1.26 8.17
CA PHE A 66 1.23 -0.53 8.62
C PHE A 66 0.59 0.25 7.47
N TYR A 67 -0.68 -0.06 7.19
CA TYR A 67 -1.40 0.60 6.11
C TYR A 67 -1.61 2.08 6.42
N ILE A 68 -0.95 2.94 5.68
CA ILE A 68 -1.07 4.38 5.87
C ILE A 68 -2.30 4.93 5.15
N ASP A 69 -3.22 4.05 4.79
CA ASP A 69 -4.44 4.44 4.10
C ASP A 69 -5.65 4.27 5.01
N TYR A 70 -5.61 3.25 5.87
CA TYR A 70 -6.71 2.99 6.78
C TYR A 70 -6.27 3.18 8.23
N GLY A 71 -5.09 2.66 8.56
CA GLY A 71 -4.57 2.79 9.91
C GLY A 71 -4.53 1.46 10.64
N ASN A 72 -4.11 0.41 9.93
CA ASN A 72 -4.03 -0.93 10.52
C ASN A 72 -2.65 -1.53 10.31
N ARG A 73 -2.39 -2.65 10.98
CA ARG A 73 -1.10 -3.32 10.86
C ARG A 73 -1.29 -4.80 10.52
N GLU A 74 -0.43 -5.32 9.66
CA GLU A 74 -0.50 -6.72 9.25
C GLU A 74 0.87 -7.24 8.85
N VAL A 75 1.21 -8.43 9.34
CA VAL A 75 2.50 -9.04 9.04
C VAL A 75 2.43 -9.85 7.75
N LEU A 76 2.87 -9.24 6.65
CA LEU A 76 2.85 -9.91 5.35
C LEU A 76 4.27 -10.15 4.85
N PRO A 77 4.44 -11.19 4.03
CA PRO A 77 5.74 -11.56 3.46
C PRO A 77 6.23 -10.54 2.42
N SER A 78 7.45 -10.73 1.94
CA SER A 78 8.03 -9.83 0.96
C SER A 78 7.45 -10.08 -0.42
N THR A 79 6.51 -11.02 -0.49
CA THR A 79 5.86 -11.36 -1.77
C THR A 79 4.69 -10.43 -2.05
N ARG A 80 3.95 -10.07 -1.01
CA ARG A 80 2.79 -9.19 -1.15
C ARG A 80 3.24 -7.73 -1.18
N LEU A 81 4.54 -7.51 -1.00
CA LEU A 81 5.09 -6.15 -1.01
C LEU A 81 5.74 -5.84 -2.35
N GLY A 82 5.58 -4.60 -2.81
CA GLY A 82 6.17 -4.20 -4.07
C GLY A 82 6.61 -2.76 -4.07
N THR A 83 7.30 -2.34 -5.13
CA THR A 83 7.79 -0.98 -5.24
C THR A 83 6.64 -0.01 -5.43
N LEU A 84 6.47 0.90 -4.47
CA LEU A 84 5.40 1.89 -4.53
C LEU A 84 5.75 3.02 -5.51
N SER A 85 5.02 3.08 -6.62
CA SER A 85 5.26 4.09 -7.63
C SER A 85 5.14 5.50 -7.04
N PRO A 86 5.96 6.42 -7.54
CA PRO A 86 5.97 7.81 -7.07
C PRO A 86 4.71 8.57 -7.48
N ALA A 87 4.06 8.09 -8.52
CA ALA A 87 2.84 8.73 -9.02
C ALA A 87 1.67 8.45 -8.09
N PHE A 88 1.66 7.27 -7.48
CA PHE A 88 0.59 6.90 -6.56
C PHE A 88 1.05 7.02 -5.10
N SER A 89 2.34 7.25 -4.92
CA SER A 89 2.91 7.38 -3.58
C SER A 89 2.18 8.46 -2.79
N THR A 90 2.12 8.28 -1.48
CA THR A 90 1.44 9.23 -0.60
C THR A 90 1.94 10.64 -0.83
N ARG A 91 3.09 10.76 -1.49
CA ARG A 91 3.67 12.06 -1.78
C ARG A 91 2.64 13.00 -2.39
N VAL A 92 1.65 12.42 -3.06
CA VAL A 92 0.59 13.21 -3.69
C VAL A 92 -0.62 13.33 -2.77
N LEU A 93 -0.95 12.24 -2.08
CA LEU A 93 -2.08 12.23 -1.17
C LEU A 93 -1.64 11.90 0.24
N PRO A 94 -2.19 12.64 1.23
CA PRO A 94 -1.87 12.44 2.64
C PRO A 94 -2.43 11.13 3.19
N ALA A 95 -1.66 10.48 4.05
CA ALA A 95 -2.09 9.21 4.65
C ALA A 95 -3.40 9.38 5.40
N GLN A 96 -4.42 8.66 4.96
CA GLN A 96 -5.73 8.72 5.60
C GLN A 96 -5.81 7.78 6.80
N ALA A 97 -4.71 7.07 7.04
CA ALA A 97 -4.66 6.13 8.17
C ALA A 97 -4.93 6.83 9.48
N THR A 98 -5.60 6.14 10.40
CA THR A 98 -5.92 6.69 11.71
C THR A 98 -4.75 6.56 12.67
N GLU A 99 -4.23 5.35 12.79
CA GLU A 99 -3.09 5.10 13.69
C GLU A 99 -1.77 5.40 12.99
N TYR A 100 -1.82 6.31 12.01
CA TYR A 100 -0.63 6.69 11.28
C TYR A 100 0.29 7.57 12.11
N ALA A 101 -0.27 8.62 12.70
CA ALA A 101 0.48 9.53 13.54
C ALA A 101 1.31 8.77 14.58
N PHE A 102 0.79 7.62 15.00
CA PHE A 102 1.46 6.80 16.00
C PHE A 102 2.31 5.72 15.33
N ALA A 103 1.98 5.41 14.08
CA ALA A 103 2.72 4.40 13.33
C ALA A 103 4.22 4.64 13.41
N PHE A 104 4.62 5.90 13.35
CA PHE A 104 6.03 6.27 13.42
C PHE A 104 6.22 7.59 14.16
N GLY A 1 -18.23 0.52 -22.64
CA GLY A 1 -17.32 1.49 -23.22
C GLY A 1 -16.55 2.25 -22.17
N SER A 2 -16.29 3.52 -22.45
CA SER A 2 -15.54 4.37 -21.51
C SER A 2 -16.50 5.15 -20.62
N SER A 3 -16.27 5.08 -19.31
CA SER A 3 -17.11 5.76 -18.33
C SER A 3 -16.31 6.83 -17.59
N GLY A 4 -15.28 6.38 -16.87
CA GLY A 4 -14.45 7.30 -16.11
C GLY A 4 -14.81 7.33 -14.65
N SER A 5 -15.30 8.49 -14.19
CA SER A 5 -15.68 8.65 -12.79
C SER A 5 -16.59 9.87 -12.61
N SER A 6 -17.23 9.95 -11.45
CA SER A 6 -18.14 11.05 -11.16
C SER A 6 -17.75 11.74 -9.85
N GLY A 7 -17.41 10.95 -8.84
CA GLY A 7 -17.03 11.51 -7.56
C GLY A 7 -16.88 10.45 -6.48
N GLY A 8 -15.85 10.58 -5.66
CA GLY A 8 -15.63 9.63 -4.60
C GLY A 8 -14.93 10.24 -3.39
N THR A 9 -13.64 9.99 -3.26
CA THR A 9 -12.86 10.51 -2.15
C THR A 9 -11.37 10.53 -2.47
N GLN A 10 -10.66 11.50 -1.88
CA GLN A 10 -9.23 11.63 -2.12
C GLN A 10 -8.58 10.26 -2.28
N LEU A 11 -8.59 9.48 -1.22
CA LEU A 11 -7.99 8.14 -1.24
C LEU A 11 -8.54 7.32 -2.40
N GLU A 12 -9.86 7.37 -2.57
CA GLU A 12 -10.51 6.63 -3.65
C GLU A 12 -9.90 6.99 -5.00
N LYS A 13 -9.61 8.27 -5.19
CA LYS A 13 -9.02 8.75 -6.44
C LYS A 13 -7.64 8.14 -6.66
N LEU A 14 -6.71 8.47 -5.77
CA LEU A 14 -5.34 7.95 -5.87
C LEU A 14 -5.35 6.44 -5.99
N MET A 15 -5.91 5.77 -4.98
CA MET A 15 -5.98 4.32 -4.97
C MET A 15 -6.60 3.79 -6.25
N GLU A 16 -7.58 4.52 -6.78
CA GLU A 16 -8.27 4.13 -8.00
C GLU A 16 -7.31 4.14 -9.18
N ASN A 17 -6.39 5.11 -9.20
CA ASN A 17 -5.42 5.23 -10.27
C ASN A 17 -4.36 4.14 -10.17
N MET A 18 -3.96 3.83 -8.94
CA MET A 18 -2.96 2.81 -8.70
C MET A 18 -3.52 1.42 -8.97
N ARG A 19 -4.64 1.09 -8.33
CA ARG A 19 -5.27 -0.21 -8.49
C ARG A 19 -5.34 -0.59 -9.97
N ASN A 20 -5.42 0.41 -10.83
CA ASN A 20 -5.48 0.18 -12.27
C ASN A 20 -4.17 -0.40 -12.79
N ASP A 21 -3.14 0.43 -12.83
CA ASP A 21 -1.83 0.00 -13.30
C ASP A 21 -1.30 -1.15 -12.44
N ILE A 22 -1.81 -1.25 -11.23
CA ILE A 22 -1.38 -2.31 -10.31
C ILE A 22 -2.11 -3.62 -10.61
N ALA A 23 -3.38 -3.52 -10.97
CA ALA A 23 -4.18 -4.69 -11.29
C ALA A 23 -3.93 -5.17 -12.72
N SER A 24 -3.39 -4.28 -13.55
CA SER A 24 -3.11 -4.62 -14.94
C SER A 24 -1.65 -5.03 -15.10
N HIS A 25 -0.77 -4.41 -14.31
CA HIS A 25 0.66 -4.73 -14.37
C HIS A 25 1.22 -4.96 -12.97
N PRO A 26 0.58 -5.87 -12.23
CA PRO A 26 1.00 -6.21 -10.86
C PRO A 26 2.50 -6.46 -10.76
N PRO A 27 3.08 -6.13 -9.60
CA PRO A 27 4.52 -6.32 -9.36
C PRO A 27 4.90 -7.79 -9.24
N VAL A 28 6.19 -8.07 -9.37
CA VAL A 28 6.69 -9.45 -9.28
C VAL A 28 6.87 -9.86 -7.82
N GLU A 29 6.15 -10.89 -7.41
CA GLU A 29 6.24 -11.40 -6.05
C GLU A 29 7.68 -11.79 -5.70
N GLY A 30 8.23 -11.14 -4.68
CA GLY A 30 9.59 -11.42 -4.27
C GLY A 30 10.62 -10.63 -5.05
N SER A 31 10.23 -9.44 -5.50
CA SER A 31 11.12 -8.58 -6.26
C SER A 31 11.56 -7.39 -5.43
N TYR A 32 10.64 -6.82 -4.67
CA TYR A 32 10.93 -5.67 -3.83
C TYR A 32 11.34 -6.10 -2.43
N ALA A 33 12.46 -5.58 -1.95
CA ALA A 33 12.97 -5.92 -0.62
C ALA A 33 12.56 -4.85 0.40
N PRO A 34 11.68 -5.24 1.33
CA PRO A 34 11.19 -4.34 2.38
C PRO A 34 12.27 -4.00 3.41
N ARG A 35 12.33 -2.73 3.80
CA ARG A 35 13.31 -2.29 4.78
C ARG A 35 12.66 -1.49 5.90
N ARG A 36 13.12 -1.68 7.13
CA ARG A 36 12.57 -0.97 8.27
C ARG A 36 12.61 0.54 8.06
N GLY A 37 11.45 1.12 7.75
CA GLY A 37 11.38 2.54 7.52
C GLY A 37 11.29 2.89 6.05
N GLU A 38 10.66 2.01 5.27
CA GLU A 38 10.51 2.23 3.84
C GLU A 38 9.06 2.06 3.41
N PHE A 39 8.59 2.93 2.52
CA PHE A 39 7.22 2.87 2.04
C PHE A 39 7.10 1.92 0.85
N CYS A 40 5.94 1.28 0.72
CA CYS A 40 5.71 0.34 -0.37
C CYS A 40 4.25 -0.10 -0.41
N ILE A 41 3.88 -0.84 -1.45
CA ILE A 41 2.52 -1.31 -1.59
C ILE A 41 2.38 -2.75 -1.11
N ALA A 42 1.32 -3.02 -0.34
CA ALA A 42 1.07 -4.35 0.18
C ALA A 42 -0.23 -4.93 -0.38
N LYS A 43 -0.22 -6.23 -0.67
CA LYS A 43 -1.39 -6.90 -1.21
C LYS A 43 -2.31 -7.35 -0.08
N PHE A 44 -3.58 -6.93 -0.15
CA PHE A 44 -4.56 -7.30 0.86
C PHE A 44 -5.19 -8.65 0.54
N VAL A 45 -5.66 -9.33 1.59
CA VAL A 45 -6.29 -10.64 1.43
C VAL A 45 -7.24 -10.65 0.24
N ASP A 46 -7.72 -9.46 -0.14
CA ASP A 46 -8.65 -9.34 -1.26
C ASP A 46 -7.90 -8.95 -2.53
N GLY A 47 -6.63 -9.36 -2.62
CA GLY A 47 -5.83 -9.05 -3.79
C GLY A 47 -5.83 -7.56 -4.10
N GLU A 48 -6.04 -6.74 -3.09
CA GLU A 48 -6.06 -5.29 -3.27
C GLU A 48 -4.79 -4.66 -2.69
N TRP A 49 -4.05 -3.97 -3.54
CA TRP A 49 -2.81 -3.31 -3.13
C TRP A 49 -3.11 -2.01 -2.38
N TYR A 50 -2.33 -1.74 -1.34
CA TYR A 50 -2.51 -0.54 -0.54
C TYR A 50 -1.17 0.00 -0.05
N ARG A 51 -1.12 1.30 0.20
CA ARG A 51 0.11 1.94 0.68
C ARG A 51 0.40 1.55 2.13
N ALA A 52 1.64 1.19 2.40
CA ALA A 52 2.04 0.80 3.75
C ALA A 52 3.53 1.07 3.98
N ARG A 53 3.89 1.39 5.22
CA ARG A 53 5.27 1.67 5.57
C ARG A 53 5.86 0.55 6.43
N VAL A 54 6.94 -0.05 5.94
CA VAL A 54 7.59 -1.14 6.66
C VAL A 54 7.87 -0.75 8.10
N GLU A 55 7.30 -1.48 9.04
CA GLU A 55 7.49 -1.21 10.46
C GLU A 55 8.64 -2.05 11.03
N LYS A 56 8.63 -3.34 10.70
CA LYS A 56 9.67 -4.25 11.18
C LYS A 56 9.81 -5.44 10.24
N VAL A 57 10.96 -5.54 9.57
CA VAL A 57 11.22 -6.63 8.66
C VAL A 57 11.83 -7.83 9.38
N GLU A 58 11.05 -8.89 9.54
CA GLU A 58 11.51 -10.09 10.21
C GLU A 58 12.21 -11.03 9.23
N SER A 59 11.45 -11.56 8.28
CA SER A 59 11.99 -12.49 7.29
C SER A 59 11.25 -12.34 5.96
N PRO A 60 11.88 -12.84 4.89
CA PRO A 60 11.30 -12.77 3.54
C PRO A 60 9.86 -13.25 3.51
N ALA A 61 9.44 -13.95 4.56
CA ALA A 61 8.08 -14.45 4.66
C ALA A 61 7.26 -13.64 5.65
N LYS A 62 7.96 -12.94 6.55
CA LYS A 62 7.29 -12.12 7.55
C LYS A 62 7.82 -10.69 7.53
N ILE A 63 6.95 -9.75 7.19
CA ILE A 63 7.33 -8.35 7.13
C ILE A 63 6.28 -7.47 7.79
N HIS A 64 6.63 -6.90 8.94
CA HIS A 64 5.73 -6.03 9.68
C HIS A 64 5.55 -4.70 8.96
N VAL A 65 4.29 -4.34 8.70
CA VAL A 65 3.98 -3.09 8.01
C VAL A 65 2.72 -2.45 8.59
N PHE A 66 2.42 -1.23 8.14
CA PHE A 66 1.25 -0.51 8.61
C PHE A 66 0.60 0.27 7.47
N TYR A 67 -0.66 -0.06 7.19
CA TYR A 67 -1.40 0.61 6.13
C TYR A 67 -1.63 2.08 6.45
N ILE A 68 -0.94 2.95 5.73
CA ILE A 68 -1.07 4.40 5.93
C ILE A 68 -2.29 4.95 5.21
N ASP A 69 -3.22 4.06 4.85
CA ASP A 69 -4.44 4.46 4.16
C ASP A 69 -5.66 4.28 5.06
N TYR A 70 -5.61 3.26 5.91
CA TYR A 70 -6.72 2.98 6.82
C TYR A 70 -6.27 3.11 8.28
N GLY A 71 -5.06 2.63 8.56
CA GLY A 71 -4.54 2.69 9.91
C GLY A 71 -4.52 1.33 10.59
N ASN A 72 -4.11 0.31 9.86
CA ASN A 72 -4.06 -1.04 10.41
C ASN A 72 -2.70 -1.68 10.14
N ARG A 73 -2.30 -2.59 11.02
CA ARG A 73 -1.01 -3.28 10.87
C ARG A 73 -1.22 -4.76 10.56
N GLU A 74 -0.35 -5.30 9.71
CA GLU A 74 -0.43 -6.70 9.32
C GLU A 74 0.93 -7.24 8.91
N VAL A 75 1.24 -8.44 9.39
CA VAL A 75 2.53 -9.07 9.08
C VAL A 75 2.45 -9.87 7.79
N LEU A 76 2.87 -9.26 6.69
CA LEU A 76 2.84 -9.92 5.38
C LEU A 76 4.26 -10.15 4.87
N PRO A 77 4.41 -11.19 4.03
CA PRO A 77 5.72 -11.54 3.44
C PRO A 77 6.18 -10.52 2.42
N SER A 78 7.41 -10.68 1.94
CA SER A 78 7.98 -9.76 0.95
C SER A 78 7.36 -10.00 -0.42
N THR A 79 6.48 -11.00 -0.51
CA THR A 79 5.82 -11.33 -1.76
C THR A 79 4.66 -10.38 -2.04
N ARG A 80 3.91 -10.05 -0.99
CA ARG A 80 2.77 -9.17 -1.12
C ARG A 80 3.22 -7.71 -1.17
N LEU A 81 4.51 -7.49 -1.00
CA LEU A 81 5.08 -6.14 -1.02
C LEU A 81 5.72 -5.84 -2.37
N GLY A 82 5.54 -4.62 -2.84
CA GLY A 82 6.11 -4.22 -4.12
C GLY A 82 6.60 -2.79 -4.12
N THR A 83 7.26 -2.39 -5.21
CA THR A 83 7.79 -1.03 -5.32
C THR A 83 6.67 -0.03 -5.51
N LEU A 84 6.49 0.84 -4.51
CA LEU A 84 5.44 1.86 -4.57
C LEU A 84 5.79 2.94 -5.60
N SER A 85 4.94 3.09 -6.60
CA SER A 85 5.15 4.07 -7.65
C SER A 85 5.08 5.48 -7.08
N PRO A 86 5.91 6.39 -7.63
CA PRO A 86 5.96 7.78 -7.20
C PRO A 86 4.70 8.56 -7.57
N ALA A 87 3.94 8.02 -8.52
CA ALA A 87 2.71 8.65 -8.96
C ALA A 87 1.57 8.42 -7.98
N PHE A 88 1.57 7.23 -7.36
CA PHE A 88 0.53 6.87 -6.40
C PHE A 88 1.05 7.00 -4.98
N SER A 89 2.34 7.30 -4.85
CA SER A 89 2.96 7.45 -3.53
C SER A 89 2.26 8.54 -2.72
N THR A 90 2.10 8.29 -1.42
CA THR A 90 1.45 9.24 -0.54
C THR A 90 1.94 10.66 -0.80
N ARG A 91 3.14 10.77 -1.37
CA ARG A 91 3.73 12.07 -1.66
C ARG A 91 2.69 13.00 -2.28
N VAL A 92 1.68 12.43 -2.94
CA VAL A 92 0.63 13.21 -3.56
C VAL A 92 -0.59 13.31 -2.66
N LEU A 93 -0.90 12.21 -1.98
CA LEU A 93 -2.05 12.16 -1.07
C LEU A 93 -1.62 11.85 0.36
N PRO A 94 -2.20 12.57 1.32
CA PRO A 94 -1.89 12.38 2.74
C PRO A 94 -2.41 11.05 3.28
N ALA A 95 -1.63 10.42 4.16
CA ALA A 95 -2.02 9.15 4.75
C ALA A 95 -3.34 9.28 5.50
N GLN A 96 -4.39 8.70 4.94
CA GLN A 96 -5.71 8.74 5.56
C GLN A 96 -5.80 7.74 6.71
N ALA A 97 -4.70 7.06 6.99
CA ALA A 97 -4.66 6.08 8.07
C ALA A 97 -4.99 6.72 9.41
N THR A 98 -5.68 5.96 10.27
CA THR A 98 -6.05 6.46 11.58
C THR A 98 -4.86 6.45 12.54
N GLU A 99 -4.24 5.29 12.70
CA GLU A 99 -3.09 5.14 13.58
C GLU A 99 -1.80 5.47 12.84
N TYR A 100 -1.88 6.39 11.89
CA TYR A 100 -0.72 6.80 11.10
C TYR A 100 0.24 7.62 11.95
N ALA A 101 -0.30 8.60 12.66
CA ALA A 101 0.51 9.46 13.52
C ALA A 101 1.15 8.67 14.65
N PHE A 102 0.33 7.88 15.35
CA PHE A 102 0.81 7.07 16.46
C PHE A 102 1.30 5.71 15.98
N ALA A 103 1.93 5.70 14.80
CA ALA A 103 2.45 4.47 14.22
C ALA A 103 3.96 4.54 14.06
N PHE A 104 4.48 5.73 13.78
CA PHE A 104 5.91 5.92 13.60
C PHE A 104 6.41 7.10 14.44
N GLY A 1 -23.33 1.47 -21.73
CA GLY A 1 -22.91 2.86 -21.60
C GLY A 1 -21.41 3.02 -21.52
N SER A 2 -20.95 4.26 -21.62
CA SER A 2 -19.52 4.55 -21.58
C SER A 2 -19.21 5.62 -20.53
N SER A 3 -19.82 6.79 -20.70
CA SER A 3 -19.62 7.89 -19.78
C SER A 3 -20.25 7.61 -18.42
N GLY A 4 -19.42 7.63 -17.38
CA GLY A 4 -19.92 7.36 -16.04
C GLY A 4 -19.57 8.45 -15.06
N SER A 5 -20.49 8.72 -14.14
CA SER A 5 -20.27 9.77 -13.13
C SER A 5 -20.70 9.30 -11.75
N SER A 6 -19.86 9.57 -10.75
CA SER A 6 -20.15 9.17 -9.38
C SER A 6 -19.12 9.76 -8.42
N GLY A 7 -19.60 10.28 -7.29
CA GLY A 7 -18.70 10.86 -6.31
C GLY A 7 -17.58 9.91 -5.92
N GLY A 8 -16.79 10.31 -4.92
CA GLY A 8 -15.69 9.48 -4.47
C GLY A 8 -15.03 10.02 -3.22
N THR A 9 -13.71 9.86 -3.14
CA THR A 9 -12.96 10.35 -1.99
C THR A 9 -11.47 10.43 -2.30
N GLN A 10 -10.78 11.36 -1.64
CA GLN A 10 -9.35 11.54 -1.85
C GLN A 10 -8.66 10.21 -2.10
N LEU A 11 -8.69 9.34 -1.09
CA LEU A 11 -8.07 8.02 -1.20
C LEU A 11 -8.60 7.27 -2.41
N GLU A 12 -9.91 7.30 -2.60
CA GLU A 12 -10.54 6.62 -3.73
C GLU A 12 -9.91 7.05 -5.05
N LYS A 13 -9.59 8.34 -5.14
CA LYS A 13 -8.98 8.89 -6.35
C LYS A 13 -7.61 8.27 -6.59
N LEU A 14 -6.68 8.54 -5.69
CA LEU A 14 -5.32 8.01 -5.80
C LEU A 14 -5.34 6.50 -5.97
N MET A 15 -5.97 5.81 -5.02
CA MET A 15 -6.07 4.35 -5.06
C MET A 15 -6.69 3.89 -6.38
N GLU A 16 -7.66 4.65 -6.87
CA GLU A 16 -8.33 4.32 -8.12
C GLU A 16 -7.34 4.30 -9.29
N ASN A 17 -6.38 5.22 -9.25
CA ASN A 17 -5.37 5.31 -10.31
C ASN A 17 -4.32 4.21 -10.16
N MET A 18 -3.92 3.96 -8.92
CA MET A 18 -2.92 2.93 -8.64
C MET A 18 -3.48 1.54 -8.92
N ARG A 19 -4.60 1.21 -8.29
CA ARG A 19 -5.24 -0.09 -8.48
C ARG A 19 -5.27 -0.47 -9.95
N ASN A 20 -5.33 0.54 -10.82
CA ASN A 20 -5.37 0.30 -12.26
C ASN A 20 -4.05 -0.28 -12.75
N ASP A 21 -3.01 0.54 -12.75
CA ASP A 21 -1.68 0.11 -13.20
C ASP A 21 -1.17 -1.04 -12.33
N ILE A 22 -1.72 -1.15 -11.12
CA ILE A 22 -1.32 -2.20 -10.19
C ILE A 22 -2.04 -3.51 -10.50
N ALA A 23 -3.29 -3.41 -10.93
CA ALA A 23 -4.08 -4.58 -11.26
C ALA A 23 -3.81 -5.04 -12.69
N SER A 24 -3.25 -4.15 -13.50
CA SER A 24 -2.94 -4.46 -14.88
C SER A 24 -1.47 -4.85 -15.04
N HIS A 25 -0.62 -4.23 -14.23
CA HIS A 25 0.82 -4.51 -14.27
C HIS A 25 1.37 -4.75 -12.87
N PRO A 26 0.75 -5.71 -12.15
CA PRO A 26 1.15 -6.07 -10.80
C PRO A 26 2.66 -6.29 -10.68
N PRO A 27 3.22 -5.98 -9.50
CA PRO A 27 4.64 -6.13 -9.23
C PRO A 27 5.07 -7.60 -9.16
N VAL A 28 6.37 -7.84 -9.27
CA VAL A 28 6.91 -9.19 -9.22
C VAL A 28 6.98 -9.70 -7.79
N GLU A 29 6.33 -10.82 -7.52
CA GLU A 29 6.32 -11.41 -6.19
C GLU A 29 7.73 -11.82 -5.77
N GLY A 30 8.26 -11.15 -4.74
CA GLY A 30 9.59 -11.46 -4.26
C GLY A 30 10.66 -10.66 -4.98
N SER A 31 10.34 -9.41 -5.31
CA SER A 31 11.28 -8.54 -6.01
C SER A 31 11.70 -7.37 -5.13
N TYR A 32 10.71 -6.63 -4.63
CA TYR A 32 10.97 -5.49 -3.77
C TYR A 32 11.38 -5.94 -2.37
N ALA A 33 12.52 -5.42 -1.89
CA ALA A 33 13.02 -5.76 -0.57
C ALA A 33 12.56 -4.75 0.47
N PRO A 34 11.67 -5.20 1.38
CA PRO A 34 11.14 -4.34 2.44
C PRO A 34 12.19 -4.00 3.49
N ARG A 35 12.34 -2.72 3.76
CA ARG A 35 13.31 -2.25 4.75
C ARG A 35 12.62 -1.52 5.89
N ARG A 36 13.18 -1.65 7.09
CA ARG A 36 12.61 -0.98 8.27
C ARG A 36 12.57 0.53 8.08
N GLY A 37 11.36 1.06 7.93
CA GLY A 37 11.19 2.49 7.75
C GLY A 37 11.12 2.88 6.29
N GLU A 38 10.51 2.03 5.47
CA GLU A 38 10.38 2.29 4.05
C GLU A 38 8.94 2.12 3.59
N PHE A 39 8.51 2.96 2.67
CA PHE A 39 7.14 2.92 2.15
C PHE A 39 7.04 1.91 1.00
N CYS A 40 5.89 1.25 0.91
CA CYS A 40 5.66 0.27 -0.15
C CYS A 40 4.20 -0.17 -0.17
N ILE A 41 3.83 -0.90 -1.22
CA ILE A 41 2.46 -1.38 -1.36
C ILE A 41 2.33 -2.84 -0.91
N ALA A 42 1.27 -3.13 -0.16
CA ALA A 42 1.03 -4.48 0.33
C ALA A 42 -0.26 -5.06 -0.23
N LYS A 43 -0.24 -6.34 -0.55
CA LYS A 43 -1.42 -7.01 -1.10
C LYS A 43 -2.33 -7.51 0.02
N PHE A 44 -3.59 -7.10 -0.02
CA PHE A 44 -4.56 -7.50 0.99
C PHE A 44 -5.20 -8.84 0.62
N VAL A 45 -5.70 -9.55 1.63
CA VAL A 45 -6.35 -10.84 1.41
C VAL A 45 -7.30 -10.78 0.21
N ASP A 46 -7.79 -9.58 -0.08
CA ASP A 46 -8.71 -9.39 -1.19
C ASP A 46 -7.96 -9.02 -2.47
N GLY A 47 -6.71 -9.47 -2.55
CA GLY A 47 -5.90 -9.18 -3.73
C GLY A 47 -5.88 -7.70 -4.07
N GLU A 48 -6.11 -6.86 -3.06
CA GLU A 48 -6.12 -5.41 -3.26
C GLU A 48 -4.86 -4.79 -2.69
N TRP A 49 -4.13 -4.04 -3.53
CA TRP A 49 -2.90 -3.38 -3.12
C TRP A 49 -3.22 -2.11 -2.33
N TYR A 50 -2.46 -1.89 -1.26
CA TYR A 50 -2.64 -0.71 -0.43
C TYR A 50 -1.30 -0.18 0.07
N ARG A 51 -1.24 1.14 0.29
CA ARG A 51 -0.02 1.77 0.77
C ARG A 51 0.25 1.40 2.23
N ALA A 52 1.52 1.13 2.53
CA ALA A 52 1.91 0.76 3.88
C ALA A 52 3.40 0.99 4.11
N ARG A 53 3.77 1.33 5.33
CA ARG A 53 5.16 1.58 5.68
C ARG A 53 5.73 0.46 6.54
N VAL A 54 6.84 -0.13 6.09
CA VAL A 54 7.47 -1.22 6.82
C VAL A 54 7.75 -0.82 8.27
N GLU A 55 7.20 -1.59 9.20
CA GLU A 55 7.38 -1.32 10.62
C GLU A 55 8.50 -2.18 11.20
N LYS A 56 8.53 -3.44 10.79
CA LYS A 56 9.55 -4.37 11.26
C LYS A 56 9.72 -5.54 10.29
N VAL A 57 10.89 -5.61 9.66
CA VAL A 57 11.18 -6.67 8.70
C VAL A 57 11.84 -7.86 9.40
N GLU A 58 11.06 -8.95 9.55
CA GLU A 58 11.57 -10.15 10.19
C GLU A 58 12.30 -11.05 9.19
N SER A 59 11.56 -11.54 8.20
CA SER A 59 12.14 -12.41 7.17
C SER A 59 11.38 -12.27 5.86
N PRO A 60 12.00 -12.72 4.77
CA PRO A 60 11.41 -12.66 3.43
C PRO A 60 9.97 -13.19 3.42
N ALA A 61 9.61 -13.93 4.45
CA ALA A 61 8.28 -14.49 4.56
C ALA A 61 7.42 -13.72 5.56
N LYS A 62 8.09 -13.01 6.47
CA LYS A 62 7.39 -12.23 7.47
C LYS A 62 7.89 -10.77 7.48
N ILE A 63 7.00 -9.86 7.12
CA ILE A 63 7.35 -8.45 7.07
C ILE A 63 6.27 -7.60 7.73
N HIS A 64 6.59 -7.04 8.90
CA HIS A 64 5.65 -6.21 9.63
C HIS A 64 5.46 -4.86 8.94
N VAL A 65 4.21 -4.53 8.60
CA VAL A 65 3.90 -3.28 7.94
C VAL A 65 2.63 -2.66 8.50
N PHE A 66 2.40 -1.39 8.19
CA PHE A 66 1.22 -0.67 8.67
C PHE A 66 0.56 0.09 7.54
N TYR A 67 -0.70 -0.25 7.27
CA TYR A 67 -1.46 0.40 6.19
C TYR A 67 -1.70 1.87 6.52
N ILE A 68 -1.00 2.76 5.79
CA ILE A 68 -1.15 4.19 6.00
C ILE A 68 -2.37 4.73 5.28
N ASP A 69 -3.27 3.83 4.87
CA ASP A 69 -4.48 4.23 4.18
C ASP A 69 -5.71 4.02 5.06
N TYR A 70 -5.64 3.01 5.93
CA TYR A 70 -6.74 2.72 6.84
C TYR A 70 -6.31 2.87 8.30
N GLY A 71 -5.14 2.37 8.62
CA GLY A 71 -4.62 2.47 9.98
C GLY A 71 -4.57 1.12 10.67
N ASN A 72 -4.11 0.11 9.95
CA ASN A 72 -4.01 -1.24 10.51
C ASN A 72 -2.63 -1.84 10.24
N ARG A 73 -2.36 -2.97 10.88
CA ARG A 73 -1.07 -3.64 10.70
C ARG A 73 -1.27 -5.10 10.31
N GLU A 74 -0.30 -5.67 9.61
CA GLU A 74 -0.36 -7.05 9.17
C GLU A 74 1.02 -7.57 8.76
N VAL A 75 1.36 -8.76 9.22
CA VAL A 75 2.64 -9.37 8.91
C VAL A 75 2.58 -10.14 7.59
N LEU A 76 3.03 -9.51 6.51
CA LEU A 76 3.02 -10.14 5.20
C LEU A 76 4.44 -10.34 4.68
N PRO A 77 4.62 -11.35 3.83
CA PRO A 77 5.93 -11.68 3.24
C PRO A 77 6.40 -10.61 2.25
N SER A 78 7.63 -10.77 1.77
CA SER A 78 8.20 -9.82 0.82
C SER A 78 7.62 -10.04 -0.57
N THR A 79 6.70 -10.99 -0.69
CA THR A 79 6.06 -11.30 -1.96
C THR A 79 4.89 -10.37 -2.23
N ARG A 80 4.12 -10.09 -1.18
CA ARG A 80 2.95 -9.23 -1.31
C ARG A 80 3.36 -7.76 -1.29
N LEU A 81 4.66 -7.52 -1.13
CA LEU A 81 5.18 -6.16 -1.10
C LEU A 81 5.81 -5.78 -2.43
N GLY A 82 5.62 -4.53 -2.84
CA GLY A 82 6.17 -4.06 -4.10
C GLY A 82 6.59 -2.61 -4.04
N THR A 83 7.20 -2.12 -5.12
CA THR A 83 7.66 -0.74 -5.19
C THR A 83 6.49 0.22 -5.36
N LEU A 84 6.26 1.05 -4.35
CA LEU A 84 5.18 2.02 -4.39
C LEU A 84 5.47 3.13 -5.38
N SER A 85 4.79 3.10 -6.52
CA SER A 85 4.98 4.10 -7.56
C SER A 85 4.91 5.50 -6.97
N PRO A 86 5.72 6.42 -7.52
CA PRO A 86 5.77 7.81 -7.07
C PRO A 86 4.51 8.59 -7.41
N ALA A 87 3.82 8.15 -8.47
CA ALA A 87 2.59 8.80 -8.90
C ALA A 87 1.45 8.52 -7.93
N PHE A 88 1.53 7.38 -7.23
CA PHE A 88 0.50 7.00 -6.27
C PHE A 88 1.02 7.15 -4.85
N SER A 89 2.33 7.33 -4.70
CA SER A 89 2.95 7.48 -3.40
C SER A 89 2.23 8.54 -2.57
N THR A 90 2.05 8.26 -1.29
CA THR A 90 1.38 9.19 -0.39
C THR A 90 1.88 10.62 -0.60
N ARG A 91 3.07 10.74 -1.17
CA ARG A 91 3.66 12.06 -1.43
C ARG A 91 2.64 13.00 -2.05
N VAL A 92 1.64 12.43 -2.70
CA VAL A 92 0.58 13.22 -3.35
C VAL A 92 -0.66 13.29 -2.46
N LEU A 93 -0.97 12.18 -1.82
CA LEU A 93 -2.14 12.11 -0.94
C LEU A 93 -1.74 11.78 0.49
N PRO A 94 -2.35 12.47 1.46
CA PRO A 94 -2.07 12.26 2.88
C PRO A 94 -2.58 10.92 3.38
N ALA A 95 -1.80 10.28 4.25
CA ALA A 95 -2.19 8.99 4.81
C ALA A 95 -3.48 9.09 5.60
N GLN A 96 -4.53 8.45 5.07
CA GLN A 96 -5.84 8.48 5.73
C GLN A 96 -5.83 7.60 6.98
N ALA A 97 -4.77 6.83 7.15
CA ALA A 97 -4.64 5.94 8.30
C ALA A 97 -4.98 6.68 9.59
N THR A 98 -5.49 5.94 10.57
CA THR A 98 -5.86 6.53 11.86
C THR A 98 -4.72 6.42 12.85
N GLU A 99 -4.03 5.28 12.84
CA GLU A 99 -2.90 5.05 13.73
C GLU A 99 -1.60 5.56 13.13
N TYR A 100 -1.72 6.25 12.00
CA TYR A 100 -0.55 6.79 11.31
C TYR A 100 0.09 7.92 12.12
N ALA A 101 -0.74 8.87 12.56
CA ALA A 101 -0.26 10.00 13.35
C ALA A 101 0.80 9.56 14.35
N PHE A 102 0.65 8.34 14.86
CA PHE A 102 1.59 7.80 15.84
C PHE A 102 2.54 6.80 15.18
N ALA A 103 2.10 6.22 14.07
CA ALA A 103 2.91 5.24 13.35
C ALA A 103 4.23 5.86 12.91
N PHE A 104 4.18 7.08 12.40
CA PHE A 104 5.37 7.77 11.94
C PHE A 104 5.21 9.27 12.05
N GLY A 1 -21.45 -0.34 -6.14
CA GLY A 1 -21.01 -0.88 -4.86
C GLY A 1 -20.32 0.16 -4.00
N SER A 2 -21.09 1.12 -3.51
CA SER A 2 -20.54 2.18 -2.67
C SER A 2 -19.47 2.97 -3.42
N SER A 3 -19.76 3.29 -4.69
CA SER A 3 -18.83 4.04 -5.51
C SER A 3 -19.32 5.47 -5.73
N GLY A 4 -18.41 6.35 -6.13
CA GLY A 4 -18.77 7.74 -6.36
C GLY A 4 -18.47 8.18 -7.78
N SER A 5 -19.52 8.27 -8.59
CA SER A 5 -19.37 8.69 -9.99
C SER A 5 -18.86 10.13 -10.08
N SER A 6 -19.51 11.02 -9.35
CA SER A 6 -19.13 12.43 -9.36
C SER A 6 -17.64 12.58 -9.05
N GLY A 7 -17.20 11.94 -7.98
CA GLY A 7 -15.80 12.03 -7.59
C GLY A 7 -15.39 10.89 -6.66
N GLY A 8 -15.89 10.92 -5.42
CA GLY A 8 -15.56 9.90 -4.46
C GLY A 8 -14.84 10.45 -3.26
N THR A 9 -13.59 10.01 -3.06
CA THR A 9 -12.79 10.46 -1.93
C THR A 9 -11.31 10.51 -2.29
N GLN A 10 -10.60 11.48 -1.71
CA GLN A 10 -9.17 11.64 -1.97
C GLN A 10 -8.51 10.28 -2.20
N LEU A 11 -8.46 9.48 -1.15
CA LEU A 11 -7.84 8.15 -1.24
C LEU A 11 -8.42 7.36 -2.40
N GLU A 12 -9.74 7.35 -2.51
CA GLU A 12 -10.42 6.63 -3.58
C GLU A 12 -9.86 7.03 -4.95
N LYS A 13 -9.57 8.32 -5.10
CA LYS A 13 -9.03 8.84 -6.36
C LYS A 13 -7.65 8.26 -6.63
N LEU A 14 -6.73 8.46 -5.69
CA LEU A 14 -5.37 7.96 -5.82
C LEU A 14 -5.36 6.44 -6.00
N MET A 15 -5.94 5.74 -5.03
CA MET A 15 -6.00 4.28 -5.07
C MET A 15 -6.65 3.80 -6.37
N GLU A 16 -7.61 4.58 -6.87
CA GLU A 16 -8.30 4.23 -8.10
C GLU A 16 -7.32 4.21 -9.28
N ASN A 17 -6.37 5.14 -9.27
CA ASN A 17 -5.38 5.23 -10.34
C ASN A 17 -4.35 4.11 -10.22
N MET A 18 -3.90 3.86 -9.00
CA MET A 18 -2.91 2.82 -8.74
C MET A 18 -3.49 1.44 -9.01
N ARG A 19 -4.62 1.14 -8.36
CA ARG A 19 -5.27 -0.15 -8.53
C ARG A 19 -5.32 -0.54 -10.00
N ASN A 20 -5.37 0.45 -10.88
CA ASN A 20 -5.43 0.20 -12.32
C ASN A 20 -4.11 -0.40 -12.81
N ASP A 21 -3.07 0.42 -12.84
CA ASP A 21 -1.75 -0.02 -13.29
C ASP A 21 -1.25 -1.17 -12.42
N ILE A 22 -1.78 -1.26 -11.21
CA ILE A 22 -1.38 -2.31 -10.28
C ILE A 22 -2.11 -3.62 -10.57
N ALA A 23 -3.38 -3.50 -10.96
CA ALA A 23 -4.20 -4.67 -11.27
C ALA A 23 -3.92 -5.17 -12.68
N SER A 24 -3.37 -4.29 -13.52
CA SER A 24 -3.05 -4.65 -14.90
C SER A 24 -1.59 -5.04 -15.05
N HIS A 25 -0.74 -4.40 -14.26
CA HIS A 25 0.70 -4.67 -14.30
C HIS A 25 1.25 -4.90 -12.89
N PRO A 26 0.63 -5.83 -12.15
CA PRO A 26 1.03 -6.16 -10.79
C PRO A 26 2.54 -6.38 -10.66
N PRO A 27 3.10 -6.03 -9.49
CA PRO A 27 4.54 -6.18 -9.23
C PRO A 27 4.96 -7.64 -9.11
N VAL A 28 6.27 -7.88 -9.15
CA VAL A 28 6.80 -9.23 -9.06
C VAL A 28 6.84 -9.70 -7.61
N GLU A 29 6.23 -10.85 -7.35
CA GLU A 29 6.20 -11.41 -6.00
C GLU A 29 7.59 -11.84 -5.56
N GLY A 30 8.14 -11.15 -4.57
CA GLY A 30 9.46 -11.48 -4.07
C GLY A 30 10.56 -10.74 -4.82
N SER A 31 10.25 -9.54 -5.30
CA SER A 31 11.22 -8.73 -6.03
C SER A 31 11.65 -7.52 -5.21
N TYR A 32 10.69 -6.89 -4.56
CA TYR A 32 10.96 -5.71 -3.75
C TYR A 32 11.35 -6.11 -2.32
N ALA A 33 12.47 -5.57 -1.85
CA ALA A 33 12.95 -5.88 -0.51
C ALA A 33 12.51 -4.81 0.49
N PRO A 34 11.61 -5.18 1.40
CA PRO A 34 11.09 -4.28 2.42
C PRO A 34 12.14 -3.90 3.46
N ARG A 35 12.35 -2.61 3.65
CA ARG A 35 13.33 -2.11 4.61
C ARG A 35 12.64 -1.41 5.77
N ARG A 36 13.25 -1.50 6.95
CA ARG A 36 12.69 -0.86 8.14
C ARG A 36 12.59 0.65 7.96
N GLY A 37 11.37 1.14 7.81
CA GLY A 37 11.16 2.57 7.63
C GLY A 37 11.04 2.95 6.16
N GLU A 38 10.60 2.01 5.33
CA GLU A 38 10.46 2.25 3.90
C GLU A 38 9.00 2.06 3.47
N PHE A 39 8.54 2.92 2.57
CA PHE A 39 7.17 2.85 2.08
C PHE A 39 7.07 1.87 0.91
N CYS A 40 5.90 1.26 0.77
CA CYS A 40 5.66 0.30 -0.31
C CYS A 40 4.21 -0.15 -0.33
N ILE A 41 3.83 -0.88 -1.37
CA ILE A 41 2.46 -1.37 -1.51
C ILE A 41 2.34 -2.80 -1.03
N ALA A 42 1.29 -3.08 -0.25
CA ALA A 42 1.05 -4.41 0.27
C ALA A 42 -0.26 -4.99 -0.24
N LYS A 43 -0.24 -6.26 -0.59
CA LYS A 43 -1.44 -6.94 -1.10
C LYS A 43 -2.35 -7.36 0.04
N PHE A 44 -3.62 -6.94 -0.04
CA PHE A 44 -4.59 -7.29 0.99
C PHE A 44 -5.27 -8.62 0.68
N VAL A 45 -5.78 -9.27 1.72
CA VAL A 45 -6.45 -10.55 1.57
C VAL A 45 -7.38 -10.54 0.34
N ASP A 46 -7.83 -9.36 -0.03
CA ASP A 46 -8.72 -9.20 -1.18
C ASP A 46 -7.93 -8.88 -2.45
N GLY A 47 -6.69 -9.36 -2.50
CA GLY A 47 -5.86 -9.11 -3.65
C GLY A 47 -5.81 -7.64 -4.03
N GLU A 48 -6.07 -6.77 -3.05
CA GLU A 48 -6.06 -5.34 -3.29
C GLU A 48 -4.80 -4.70 -2.72
N TRP A 49 -4.05 -4.00 -3.58
CA TRP A 49 -2.81 -3.35 -3.16
C TRP A 49 -3.12 -2.05 -2.42
N TYR A 50 -2.36 -1.80 -1.36
CA TYR A 50 -2.54 -0.59 -0.56
C TYR A 50 -1.20 -0.06 -0.07
N ARG A 51 -1.16 1.24 0.22
CA ARG A 51 0.06 1.89 0.69
C ARG A 51 0.34 1.51 2.15
N ALA A 52 1.58 1.15 2.43
CA ALA A 52 1.98 0.77 3.79
C ALA A 52 3.45 1.07 4.03
N ARG A 53 3.79 1.41 5.27
CA ARG A 53 5.16 1.72 5.63
C ARG A 53 5.76 0.61 6.49
N VAL A 54 6.82 -0.03 5.99
CA VAL A 54 7.48 -1.10 6.72
C VAL A 54 7.80 -0.69 8.14
N GLU A 55 7.19 -1.37 9.11
CA GLU A 55 7.41 -1.07 10.51
C GLU A 55 8.52 -1.94 11.10
N LYS A 56 8.56 -3.20 10.65
CA LYS A 56 9.57 -4.13 11.13
C LYS A 56 9.72 -5.31 10.15
N VAL A 57 10.94 -5.52 9.67
CA VAL A 57 11.21 -6.60 8.74
C VAL A 57 11.83 -7.80 9.47
N GLU A 58 11.04 -8.85 9.64
CA GLU A 58 11.50 -10.06 10.31
C GLU A 58 12.23 -10.98 9.34
N SER A 59 11.48 -11.52 8.37
CA SER A 59 12.05 -12.42 7.37
C SER A 59 11.34 -12.27 6.04
N PRO A 60 11.97 -12.75 4.97
CA PRO A 60 11.42 -12.68 3.61
C PRO A 60 9.97 -13.16 3.56
N ALA A 61 9.54 -13.87 4.60
CA ALA A 61 8.18 -14.37 4.67
C ALA A 61 7.35 -13.58 5.67
N LYS A 62 8.03 -12.92 6.60
CA LYS A 62 7.36 -12.11 7.61
C LYS A 62 7.85 -10.67 7.59
N ILE A 63 6.97 -9.76 7.18
CA ILE A 63 7.32 -8.35 7.12
C ILE A 63 6.24 -7.49 7.76
N HIS A 64 6.56 -6.92 8.92
CA HIS A 64 5.61 -6.08 9.64
C HIS A 64 5.43 -4.73 8.93
N VAL A 65 4.18 -4.42 8.60
CA VAL A 65 3.87 -3.17 7.91
C VAL A 65 2.60 -2.55 8.46
N PHE A 66 2.42 -1.26 8.18
CA PHE A 66 1.24 -0.53 8.65
C PHE A 66 0.58 0.24 7.52
N TYR A 67 -0.66 -0.11 7.20
CA TYR A 67 -1.40 0.55 6.13
C TYR A 67 -1.63 2.03 6.46
N ILE A 68 -0.97 2.90 5.72
CA ILE A 68 -1.11 4.35 5.93
C ILE A 68 -2.34 4.89 5.21
N ASP A 69 -3.26 3.99 4.86
CA ASP A 69 -4.48 4.38 4.18
C ASP A 69 -5.70 4.17 5.07
N TYR A 70 -5.65 3.13 5.89
CA TYR A 70 -6.74 2.82 6.80
C TYR A 70 -6.31 2.96 8.25
N GLY A 71 -5.07 2.56 8.53
CA GLY A 71 -4.55 2.65 9.89
C GLY A 71 -4.52 1.30 10.57
N ASN A 72 -4.07 0.28 9.86
CA ASN A 72 -3.99 -1.07 10.42
C ASN A 72 -2.63 -1.69 10.15
N ARG A 73 -2.29 -2.71 10.93
CA ARG A 73 -1.01 -3.40 10.77
C ARG A 73 -1.22 -4.86 10.40
N GLU A 74 -0.25 -5.44 9.69
CA GLU A 74 -0.33 -6.83 9.28
C GLU A 74 1.05 -7.35 8.87
N VAL A 75 1.36 -8.56 9.30
CA VAL A 75 2.64 -9.18 8.98
C VAL A 75 2.56 -9.98 7.68
N LEU A 76 3.00 -9.36 6.59
CA LEU A 76 2.98 -10.01 5.28
C LEU A 76 4.39 -10.24 4.77
N PRO A 77 4.55 -11.28 3.93
CA PRO A 77 5.85 -11.63 3.34
C PRO A 77 6.33 -10.60 2.32
N SER A 78 7.55 -10.78 1.83
CA SER A 78 8.13 -9.86 0.86
C SER A 78 7.54 -10.09 -0.52
N THR A 79 6.57 -11.02 -0.60
CA THR A 79 5.93 -11.34 -1.87
C THR A 79 4.75 -10.41 -2.13
N ARG A 80 4.00 -10.10 -1.09
CA ARG A 80 2.84 -9.22 -1.22
C ARG A 80 3.27 -7.76 -1.23
N LEU A 81 4.57 -7.52 -1.07
CA LEU A 81 5.11 -6.16 -1.06
C LEU A 81 5.75 -5.83 -2.41
N GLY A 82 5.50 -4.61 -2.89
CA GLY A 82 6.06 -4.19 -4.16
C GLY A 82 6.53 -2.74 -4.12
N THR A 83 7.23 -2.33 -5.18
CA THR A 83 7.73 -0.96 -5.28
C THR A 83 6.59 0.03 -5.46
N LEU A 84 6.44 0.93 -4.49
CA LEU A 84 5.39 1.94 -4.55
C LEU A 84 5.73 3.02 -5.57
N SER A 85 4.93 3.09 -6.63
CA SER A 85 5.15 4.09 -7.68
C SER A 85 5.08 5.50 -7.12
N PRO A 86 5.91 6.39 -7.67
CA PRO A 86 5.95 7.80 -7.24
C PRO A 86 4.69 8.57 -7.62
N ALA A 87 3.93 8.02 -8.57
CA ALA A 87 2.71 8.66 -9.02
C ALA A 87 1.55 8.37 -8.06
N PHE A 88 1.64 7.25 -7.35
CA PHE A 88 0.60 6.87 -6.40
C PHE A 88 1.08 7.04 -4.97
N SER A 89 2.40 7.23 -4.81
CA SER A 89 2.99 7.40 -3.49
C SER A 89 2.25 8.47 -2.70
N THR A 90 2.15 8.28 -1.39
CA THR A 90 1.47 9.23 -0.52
C THR A 90 1.96 10.65 -0.76
N ARG A 91 3.14 10.76 -1.37
CA ARG A 91 3.72 12.07 -1.66
C ARG A 91 2.70 13.00 -2.29
N VAL A 92 1.69 12.42 -2.93
CA VAL A 92 0.64 13.20 -3.57
C VAL A 92 -0.57 13.34 -2.67
N LEU A 93 -0.90 12.27 -1.95
CA LEU A 93 -2.04 12.27 -1.04
C LEU A 93 -1.60 11.93 0.37
N PRO A 94 -2.16 12.65 1.36
CA PRO A 94 -1.85 12.43 2.77
C PRO A 94 -2.42 11.13 3.30
N ALA A 95 -1.65 10.46 4.15
CA ALA A 95 -2.08 9.19 4.73
C ALA A 95 -3.40 9.33 5.47
N GLN A 96 -4.43 8.66 4.98
CA GLN A 96 -5.75 8.73 5.59
C GLN A 96 -5.85 7.77 6.77
N ALA A 97 -4.81 6.96 6.96
CA ALA A 97 -4.78 5.99 8.05
C ALA A 97 -5.08 6.65 9.38
N THR A 98 -5.74 5.91 10.27
CA THR A 98 -6.10 6.43 11.58
C THR A 98 -4.93 6.33 12.55
N GLU A 99 -4.36 5.13 12.67
CA GLU A 99 -3.23 4.91 13.56
C GLU A 99 -1.92 5.28 12.89
N TYR A 100 -1.97 6.29 12.01
CA TYR A 100 -0.79 6.75 11.31
C TYR A 100 0.08 7.63 12.18
N ALA A 101 -0.53 8.67 12.74
CA ALA A 101 0.18 9.60 13.62
C ALA A 101 0.96 8.85 14.70
N PHE A 102 0.35 7.81 15.24
CA PHE A 102 0.98 7.00 16.29
C PHE A 102 1.63 5.76 15.70
N ALA A 103 2.30 5.94 14.56
CA ALA A 103 2.97 4.82 13.89
C ALA A 103 4.46 5.10 13.73
N PHE A 104 4.80 6.35 13.46
CA PHE A 104 6.18 6.75 13.27
C PHE A 104 6.46 8.10 13.94
N GLY A 1 -21.89 -5.65 -4.35
CA GLY A 1 -22.82 -4.60 -3.98
C GLY A 1 -23.65 -4.12 -5.16
N SER A 2 -23.11 -3.17 -5.91
CA SER A 2 -23.80 -2.62 -7.07
C SER A 2 -22.80 -2.13 -8.12
N SER A 3 -23.18 -2.27 -9.39
CA SER A 3 -22.32 -1.84 -10.49
C SER A 3 -22.48 -0.36 -10.76
N GLY A 4 -21.46 0.42 -10.42
CA GLY A 4 -21.51 1.85 -10.64
C GLY A 4 -21.50 2.65 -9.34
N SER A 5 -21.16 3.93 -9.44
CA SER A 5 -21.10 4.78 -8.26
C SER A 5 -20.91 6.25 -8.67
N SER A 6 -21.55 7.14 -7.93
CA SER A 6 -21.44 8.57 -8.21
C SER A 6 -20.65 9.29 -7.13
N GLY A 7 -19.65 10.07 -7.54
CA GLY A 7 -18.84 10.80 -6.58
C GLY A 7 -17.46 10.20 -6.43
N GLY A 8 -16.93 10.25 -5.20
CA GLY A 8 -15.62 9.69 -4.94
C GLY A 8 -14.95 10.32 -3.74
N THR A 9 -13.75 9.85 -3.42
CA THR A 9 -13.01 10.37 -2.27
C THR A 9 -11.52 10.47 -2.58
N GLN A 10 -10.86 11.46 -1.99
CA GLN A 10 -9.43 11.66 -2.19
C GLN A 10 -8.71 10.32 -2.35
N LEU A 11 -8.68 9.54 -1.28
CA LEU A 11 -8.03 8.24 -1.29
C LEU A 11 -8.54 7.40 -2.45
N GLU A 12 -9.86 7.34 -2.60
CA GLU A 12 -10.46 6.55 -3.67
C GLU A 12 -9.87 6.93 -5.03
N LYS A 13 -9.56 8.21 -5.19
CA LYS A 13 -8.98 8.71 -6.44
C LYS A 13 -7.61 8.09 -6.68
N LEU A 14 -6.67 8.41 -5.81
CA LEU A 14 -5.31 7.89 -5.92
C LEU A 14 -5.32 6.37 -6.05
N MET A 15 -5.94 5.71 -5.08
CA MET A 15 -6.02 4.25 -5.08
C MET A 15 -6.66 3.75 -6.37
N GLU A 16 -7.62 4.50 -6.89
CA GLU A 16 -8.32 4.12 -8.11
C GLU A 16 -7.35 4.11 -9.29
N ASN A 17 -6.44 5.07 -9.32
CA ASN A 17 -5.46 5.17 -10.39
C ASN A 17 -4.40 4.08 -10.27
N MET A 18 -3.98 3.83 -9.03
CA MET A 18 -2.96 2.81 -8.77
C MET A 18 -3.52 1.41 -9.03
N ARG A 19 -4.65 1.09 -8.40
CA ARG A 19 -5.28 -0.21 -8.57
C ARG A 19 -5.31 -0.61 -10.04
N ASN A 20 -5.38 0.38 -10.92
CA ASN A 20 -5.42 0.12 -12.36
C ASN A 20 -4.09 -0.47 -12.83
N ASP A 21 -3.05 0.35 -12.86
CA ASP A 21 -1.74 -0.10 -13.29
C ASP A 21 -1.22 -1.23 -12.41
N ILE A 22 -1.76 -1.31 -11.20
CA ILE A 22 -1.36 -2.34 -10.25
C ILE A 22 -2.08 -3.65 -10.54
N ALA A 23 -3.33 -3.56 -10.96
CA ALA A 23 -4.13 -4.74 -11.27
C ALA A 23 -3.85 -5.23 -12.69
N SER A 24 -3.31 -4.35 -13.51
CA SER A 24 -3.00 -4.70 -14.90
C SER A 24 -1.54 -5.12 -15.04
N HIS A 25 -0.68 -4.50 -14.24
CA HIS A 25 0.75 -4.81 -14.28
C HIS A 25 1.29 -5.06 -12.88
N PRO A 26 0.64 -5.98 -12.15
CA PRO A 26 1.03 -6.33 -10.77
C PRO A 26 2.53 -6.58 -10.65
N PRO A 27 3.09 -6.27 -9.47
CA PRO A 27 4.52 -6.44 -9.20
C PRO A 27 4.91 -7.91 -9.09
N VAL A 28 6.20 -8.20 -9.21
CA VAL A 28 6.70 -9.57 -9.12
C VAL A 28 6.92 -9.98 -7.67
N GLU A 29 6.07 -10.88 -7.19
CA GLU A 29 6.18 -11.37 -5.83
C GLU A 29 7.61 -11.78 -5.49
N GLY A 30 8.22 -11.06 -4.56
CA GLY A 30 9.58 -11.36 -4.16
C GLY A 30 10.60 -10.53 -4.93
N SER A 31 10.13 -9.46 -5.55
CA SER A 31 11.01 -8.58 -6.32
C SER A 31 11.46 -7.40 -5.48
N TYR A 32 10.55 -6.88 -4.66
CA TYR A 32 10.86 -5.74 -3.81
C TYR A 32 11.25 -6.20 -2.40
N ALA A 33 12.33 -5.64 -1.88
CA ALA A 33 12.81 -5.99 -0.55
C ALA A 33 12.44 -4.92 0.46
N PRO A 34 11.52 -5.27 1.39
CA PRO A 34 11.07 -4.35 2.43
C PRO A 34 12.15 -4.06 3.47
N ARG A 35 12.29 -2.79 3.83
CA ARG A 35 13.29 -2.38 4.81
C ARG A 35 12.65 -1.54 5.91
N ARG A 36 13.14 -1.71 7.14
CA ARG A 36 12.62 -0.97 8.27
C ARG A 36 12.65 0.53 8.01
N GLY A 37 11.46 1.11 7.81
CA GLY A 37 11.38 2.54 7.55
C GLY A 37 11.32 2.85 6.06
N GLU A 38 10.73 1.94 5.29
CA GLU A 38 10.61 2.13 3.85
C GLU A 38 9.17 1.98 3.41
N PHE A 39 8.70 2.91 2.58
CA PHE A 39 7.34 2.89 2.07
C PHE A 39 7.20 1.91 0.91
N CYS A 40 6.01 1.36 0.74
CA CYS A 40 5.75 0.41 -0.33
C CYS A 40 4.27 0.02 -0.38
N ILE A 41 3.92 -0.82 -1.34
CA ILE A 41 2.53 -1.26 -1.49
C ILE A 41 2.36 -2.70 -1.02
N ALA A 42 1.33 -2.93 -0.21
CA ALA A 42 1.06 -4.27 0.32
C ALA A 42 -0.26 -4.81 -0.24
N LYS A 43 -0.27 -6.11 -0.54
CA LYS A 43 -1.46 -6.74 -1.08
C LYS A 43 -2.38 -7.21 0.04
N PHE A 44 -3.64 -6.77 -0.01
CA PHE A 44 -4.61 -7.15 1.01
C PHE A 44 -5.25 -8.50 0.67
N VAL A 45 -5.75 -9.18 1.71
CA VAL A 45 -6.39 -10.47 1.53
C VAL A 45 -7.36 -10.46 0.36
N ASP A 46 -7.81 -9.27 -0.02
CA ASP A 46 -8.75 -9.11 -1.12
C ASP A 46 -8.01 -8.80 -2.42
N GLY A 47 -6.74 -9.22 -2.49
CA GLY A 47 -5.96 -8.98 -3.68
C GLY A 47 -5.88 -7.51 -4.04
N GLU A 48 -6.22 -6.65 -3.08
CA GLU A 48 -6.20 -5.21 -3.30
C GLU A 48 -4.92 -4.60 -2.72
N TRP A 49 -4.17 -3.91 -3.56
CA TRP A 49 -2.93 -3.28 -3.14
C TRP A 49 -3.20 -1.97 -2.40
N TYR A 50 -2.42 -1.71 -1.36
CA TYR A 50 -2.59 -0.49 -0.57
C TYR A 50 -1.24 0.04 -0.09
N ARG A 51 -1.19 1.34 0.17
CA ARG A 51 0.05 1.98 0.63
C ARG A 51 0.33 1.61 2.07
N ALA A 52 1.60 1.32 2.37
CA ALA A 52 2.01 0.95 3.71
C ALA A 52 3.49 1.24 3.94
N ARG A 53 3.86 1.46 5.19
CA ARG A 53 5.24 1.77 5.55
C ARG A 53 5.83 0.65 6.41
N VAL A 54 6.90 0.03 5.93
CA VAL A 54 7.56 -1.04 6.66
C VAL A 54 7.87 -0.62 8.10
N GLU A 55 7.32 -1.35 9.06
CA GLU A 55 7.54 -1.05 10.47
C GLU A 55 8.67 -1.92 11.04
N LYS A 56 8.62 -3.21 10.74
CA LYS A 56 9.63 -4.14 11.22
C LYS A 56 9.76 -5.34 10.29
N VAL A 57 10.90 -5.46 9.63
CA VAL A 57 11.14 -6.57 8.71
C VAL A 57 11.76 -7.76 9.43
N GLU A 58 10.95 -8.80 9.63
CA GLU A 58 11.42 -10.00 10.31
C GLU A 58 12.11 -10.95 9.34
N SER A 59 11.35 -11.46 8.37
CA SER A 59 11.89 -12.39 7.38
C SER A 59 11.14 -12.26 6.06
N PRO A 60 11.76 -12.75 4.98
CA PRO A 60 11.17 -12.70 3.64
C PRO A 60 9.72 -13.18 3.62
N ALA A 61 9.32 -13.87 4.68
CA ALA A 61 7.96 -14.38 4.80
C ALA A 61 7.15 -13.55 5.79
N LYS A 62 7.83 -12.85 6.68
CA LYS A 62 7.18 -12.02 7.68
C LYS A 62 7.71 -10.59 7.64
N ILE A 63 6.85 -9.65 7.27
CA ILE A 63 7.24 -8.24 7.19
C ILE A 63 6.19 -7.35 7.85
N HIS A 64 6.55 -6.78 9.00
CA HIS A 64 5.64 -5.90 9.72
C HIS A 64 5.47 -4.57 9.00
N VAL A 65 4.23 -4.22 8.69
CA VAL A 65 3.93 -2.98 8.00
C VAL A 65 2.65 -2.34 8.55
N PHE A 66 2.42 -1.08 8.17
CA PHE A 66 1.24 -0.35 8.62
C PHE A 66 0.60 0.41 7.46
N TYR A 67 -0.66 0.09 7.17
CA TYR A 67 -1.38 0.74 6.09
C TYR A 67 -1.60 2.21 6.40
N ILE A 68 -0.90 3.08 5.66
CA ILE A 68 -1.02 4.52 5.85
C ILE A 68 -2.24 5.08 5.14
N ASP A 69 -3.17 4.18 4.78
CA ASP A 69 -4.39 4.58 4.09
C ASP A 69 -5.60 4.41 4.99
N TYR A 70 -5.56 3.39 5.84
CA TYR A 70 -6.66 3.10 6.76
C TYR A 70 -6.21 3.26 8.21
N GLY A 71 -5.04 2.70 8.52
CA GLY A 71 -4.53 2.78 9.88
C GLY A 71 -4.53 1.43 10.58
N ASN A 72 -4.02 0.41 9.90
CA ASN A 72 -3.96 -0.93 10.47
C ASN A 72 -2.61 -1.58 10.19
N ARG A 73 -2.19 -2.46 11.09
CA ARG A 73 -0.91 -3.16 10.95
C ARG A 73 -1.13 -4.64 10.63
N GLU A 74 -0.31 -5.16 9.73
CA GLU A 74 -0.41 -6.56 9.33
C GLU A 74 0.96 -7.11 8.93
N VAL A 75 1.25 -8.32 9.38
CA VAL A 75 2.52 -8.97 9.07
C VAL A 75 2.43 -9.78 7.78
N LEU A 76 2.86 -9.18 6.67
CA LEU A 76 2.82 -9.84 5.38
C LEU A 76 4.23 -10.10 4.86
N PRO A 77 4.38 -11.14 4.03
CA PRO A 77 5.67 -11.52 3.45
C PRO A 77 6.15 -10.51 2.42
N SER A 78 7.37 -10.72 1.93
CA SER A 78 7.96 -9.83 0.94
C SER A 78 7.36 -10.07 -0.45
N THR A 79 6.39 -10.99 -0.51
CA THR A 79 5.73 -11.32 -1.77
C THR A 79 4.57 -10.38 -2.05
N ARG A 80 3.80 -10.07 -1.01
CA ARG A 80 2.65 -9.18 -1.15
C ARG A 80 3.10 -7.72 -1.18
N LEU A 81 4.40 -7.51 -1.00
CA LEU A 81 4.96 -6.15 -1.02
C LEU A 81 5.61 -5.84 -2.36
N GLY A 82 5.48 -4.60 -2.81
CA GLY A 82 6.06 -4.20 -4.07
C GLY A 82 6.49 -2.74 -4.07
N THR A 83 7.17 -2.33 -5.14
CA THR A 83 7.65 -0.96 -5.26
C THR A 83 6.49 0.01 -5.42
N LEU A 84 6.42 0.99 -4.51
CA LEU A 84 5.36 1.99 -4.55
C LEU A 84 5.66 3.07 -5.58
N SER A 85 4.89 3.08 -6.67
CA SER A 85 5.08 4.06 -7.72
C SER A 85 4.98 5.49 -7.17
N PRO A 86 5.78 6.40 -7.74
CA PRO A 86 5.80 7.80 -7.32
C PRO A 86 4.52 8.53 -7.71
N ALA A 87 3.82 8.01 -8.70
CA ALA A 87 2.58 8.60 -9.18
C ALA A 87 1.44 8.35 -8.20
N PHE A 88 1.53 7.25 -7.47
CA PHE A 88 0.51 6.88 -6.50
C PHE A 88 1.02 7.03 -5.07
N SER A 89 2.31 7.32 -4.94
CA SER A 89 2.94 7.49 -3.64
C SER A 89 2.23 8.58 -2.84
N THR A 90 2.11 8.37 -1.53
CA THR A 90 1.44 9.32 -0.66
C THR A 90 1.95 10.74 -0.91
N ARG A 91 3.15 10.85 -1.48
CA ARG A 91 3.75 12.14 -1.78
C ARG A 91 2.72 13.07 -2.42
N VAL A 92 1.70 12.49 -3.05
CA VAL A 92 0.66 13.27 -3.69
C VAL A 92 -0.56 13.40 -2.79
N LEU A 93 -0.87 12.34 -2.07
CA LEU A 93 -2.02 12.33 -1.17
C LEU A 93 -1.59 12.01 0.26
N PRO A 94 -2.17 12.75 1.23
CA PRO A 94 -1.86 12.56 2.65
C PRO A 94 -2.41 11.23 3.19
N ALA A 95 -1.63 10.60 4.06
CA ALA A 95 -2.05 9.33 4.65
C ALA A 95 -3.36 9.47 5.40
N GLN A 96 -4.41 8.82 4.89
CA GLN A 96 -5.72 8.88 5.51
C GLN A 96 -5.81 7.92 6.69
N ALA A 97 -4.73 7.19 6.94
CA ALA A 97 -4.68 6.24 8.05
C ALA A 97 -4.95 6.94 9.38
N THR A 98 -5.68 6.25 10.25
CA THR A 98 -6.02 6.80 11.56
C THR A 98 -4.84 6.66 12.53
N GLU A 99 -4.36 5.44 12.70
CA GLU A 99 -3.24 5.18 13.60
C GLU A 99 -1.91 5.41 12.89
N TYR A 100 -1.91 6.35 11.94
CA TYR A 100 -0.70 6.66 11.19
C TYR A 100 0.29 7.43 12.06
N ALA A 101 -0.22 8.19 13.01
CA ALA A 101 0.62 8.97 13.91
C ALA A 101 1.35 8.07 14.90
N PHE A 102 0.63 7.12 15.47
CA PHE A 102 1.20 6.19 16.43
C PHE A 102 2.09 5.15 15.73
N ALA A 103 1.80 4.90 14.46
CA ALA A 103 2.57 3.94 13.69
C ALA A 103 4.05 4.31 13.68
N PHE A 104 4.34 5.60 13.60
CA PHE A 104 5.71 6.08 13.58
C PHE A 104 5.86 7.35 14.43
N GLY A 1 -20.81 0.60 -19.38
CA GLY A 1 -20.40 0.57 -17.99
C GLY A 1 -21.56 0.30 -17.05
N SER A 2 -21.39 -0.64 -16.13
CA SER A 2 -22.42 -0.99 -15.17
C SER A 2 -22.34 -0.11 -13.92
N SER A 3 -21.13 0.04 -13.40
CA SER A 3 -20.91 0.84 -12.20
C SER A 3 -21.16 2.31 -12.49
N GLY A 4 -21.07 3.14 -11.45
CA GLY A 4 -21.30 4.57 -11.62
C GLY A 4 -21.27 5.31 -10.30
N SER A 5 -20.28 6.18 -10.13
CA SER A 5 -20.13 6.96 -8.91
C SER A 5 -20.03 8.45 -9.21
N SER A 6 -20.08 9.27 -8.17
CA SER A 6 -19.99 10.71 -8.32
C SER A 6 -18.97 11.31 -7.36
N GLY A 7 -18.00 12.04 -7.90
CA GLY A 7 -16.98 12.65 -7.08
C GLY A 7 -16.02 11.63 -6.49
N GLY A 8 -16.47 10.91 -5.46
CA GLY A 8 -15.64 9.91 -4.83
C GLY A 8 -14.95 10.43 -3.58
N THR A 9 -13.76 9.93 -3.30
CA THR A 9 -13.01 10.34 -2.13
C THR A 9 -11.51 10.39 -2.43
N GLN A 10 -10.83 11.38 -1.86
CA GLN A 10 -9.40 11.56 -2.08
C GLN A 10 -8.71 10.21 -2.24
N LEU A 11 -8.76 9.39 -1.19
CA LEU A 11 -8.14 8.07 -1.21
C LEU A 11 -8.64 7.26 -2.41
N GLU A 12 -9.95 7.29 -2.63
CA GLU A 12 -10.55 6.56 -3.74
C GLU A 12 -9.91 6.96 -5.07
N LYS A 13 -9.70 8.26 -5.24
CA LYS A 13 -9.09 8.78 -6.47
C LYS A 13 -7.70 8.19 -6.67
N LEU A 14 -6.80 8.47 -5.75
CA LEU A 14 -5.43 7.97 -5.83
C LEU A 14 -5.42 6.45 -5.98
N MET A 15 -6.01 5.76 -5.01
CA MET A 15 -6.07 4.31 -5.04
C MET A 15 -6.68 3.81 -6.35
N GLU A 16 -7.65 4.56 -6.87
CA GLU A 16 -8.31 4.19 -8.12
C GLU A 16 -7.31 4.19 -9.28
N ASN A 17 -6.41 5.16 -9.29
CA ASN A 17 -5.41 5.28 -10.34
C ASN A 17 -4.37 4.18 -10.21
N MET A 18 -3.95 3.91 -8.97
CA MET A 18 -2.95 2.88 -8.70
C MET A 18 -3.51 1.50 -9.00
N ARG A 19 -4.61 1.15 -8.34
CA ARG A 19 -5.24 -0.15 -8.52
C ARG A 19 -5.29 -0.53 -10.00
N ASN A 20 -5.35 0.49 -10.86
CA ASN A 20 -5.41 0.27 -12.30
C ASN A 20 -4.09 -0.32 -12.81
N ASP A 21 -3.05 0.52 -12.81
CA ASP A 21 -1.74 0.08 -13.27
C ASP A 21 -1.21 -1.07 -12.42
N ILE A 22 -1.74 -1.19 -11.21
CA ILE A 22 -1.33 -2.24 -10.30
C ILE A 22 -2.05 -3.55 -10.60
N ALA A 23 -3.32 -3.44 -10.99
CA ALA A 23 -4.12 -4.62 -11.31
C ALA A 23 -3.87 -5.08 -12.74
N SER A 24 -3.33 -4.18 -13.56
CA SER A 24 -3.03 -4.49 -14.96
C SER A 24 -1.58 -4.94 -15.12
N HIS A 25 -0.70 -4.35 -14.32
CA HIS A 25 0.72 -4.69 -14.37
C HIS A 25 1.27 -4.96 -12.98
N PRO A 26 0.61 -5.88 -12.24
CA PRO A 26 1.01 -6.24 -10.88
C PRO A 26 2.51 -6.53 -10.78
N PRO A 27 3.10 -6.19 -9.62
CA PRO A 27 4.53 -6.41 -9.38
C PRO A 27 4.88 -7.89 -9.25
N VAL A 28 6.16 -8.21 -9.39
CA VAL A 28 6.63 -9.58 -9.28
C VAL A 28 6.87 -9.96 -7.83
N GLU A 29 6.28 -11.07 -7.40
CA GLU A 29 6.43 -11.55 -6.03
C GLU A 29 7.91 -11.74 -5.69
N GLY A 30 8.40 -10.92 -4.77
CA GLY A 30 9.79 -11.02 -4.35
C GLY A 30 10.70 -10.13 -5.19
N SER A 31 10.13 -9.06 -5.73
CA SER A 31 10.90 -8.12 -6.56
C SER A 31 11.34 -6.92 -5.75
N TYR A 32 10.65 -6.66 -4.63
CA TYR A 32 10.97 -5.54 -3.78
C TYR A 32 11.39 -6.01 -2.39
N ALA A 33 12.49 -5.46 -1.88
CA ALA A 33 12.99 -5.82 -0.56
C ALA A 33 12.55 -4.81 0.49
N PRO A 34 11.67 -5.24 1.40
CA PRO A 34 11.16 -4.40 2.47
C PRO A 34 12.22 -4.08 3.52
N ARG A 35 12.34 -2.81 3.87
CA ARG A 35 13.32 -2.37 4.87
C ARG A 35 12.65 -1.60 5.99
N ARG A 36 13.21 -1.70 7.19
CA ARG A 36 12.67 -1.02 8.36
C ARG A 36 12.66 0.50 8.13
N GLY A 37 11.49 1.05 7.87
CA GLY A 37 11.37 2.48 7.65
C GLY A 37 11.30 2.83 6.17
N GLU A 38 10.63 1.99 5.39
CA GLU A 38 10.50 2.22 3.96
C GLU A 38 9.06 2.03 3.52
N PHE A 39 8.59 2.92 2.65
CA PHE A 39 7.21 2.85 2.15
C PHE A 39 7.12 1.88 0.98
N CYS A 40 5.94 1.28 0.81
CA CYS A 40 5.72 0.32 -0.27
C CYS A 40 4.24 -0.10 -0.33
N ILE A 41 3.89 -0.86 -1.35
CA ILE A 41 2.53 -1.34 -1.51
C ILE A 41 2.39 -2.78 -1.04
N ALA A 42 1.32 -3.04 -0.29
CA ALA A 42 1.06 -4.38 0.22
C ALA A 42 -0.23 -4.95 -0.35
N LYS A 43 -0.22 -6.25 -0.66
CA LYS A 43 -1.39 -6.91 -1.21
C LYS A 43 -2.31 -7.40 -0.09
N PHE A 44 -3.58 -7.00 -0.17
CA PHE A 44 -4.57 -7.40 0.83
C PHE A 44 -5.17 -8.76 0.50
N VAL A 45 -5.65 -9.46 1.52
CA VAL A 45 -6.26 -10.77 1.33
C VAL A 45 -7.22 -10.77 0.14
N ASP A 46 -7.69 -9.58 -0.23
CA ASP A 46 -8.62 -9.44 -1.35
C ASP A 46 -7.86 -9.05 -2.62
N GLY A 47 -6.61 -9.46 -2.72
CA GLY A 47 -5.80 -9.13 -3.88
C GLY A 47 -5.81 -7.64 -4.19
N GLU A 48 -6.02 -6.83 -3.17
CA GLU A 48 -6.05 -5.38 -3.33
C GLU A 48 -4.80 -4.74 -2.75
N TRP A 49 -4.07 -4.03 -3.60
CA TRP A 49 -2.83 -3.36 -3.16
C TRP A 49 -3.15 -2.08 -2.40
N TYR A 50 -2.40 -1.83 -1.34
CA TYR A 50 -2.59 -0.64 -0.53
C TYR A 50 -1.26 -0.10 -0.02
N ARG A 51 -1.22 1.21 0.23
CA ARG A 51 -0.01 1.85 0.72
C ARG A 51 0.27 1.45 2.16
N ALA A 52 1.54 1.23 2.47
CA ALA A 52 1.95 0.84 3.82
C ALA A 52 3.43 1.12 4.05
N ARG A 53 3.80 1.38 5.30
CA ARG A 53 5.17 1.66 5.66
C ARG A 53 5.76 0.54 6.51
N VAL A 54 6.85 -0.05 6.04
CA VAL A 54 7.49 -1.15 6.76
C VAL A 54 7.81 -0.73 8.20
N GLU A 55 7.25 -1.47 9.15
CA GLU A 55 7.48 -1.19 10.56
C GLU A 55 8.60 -2.05 11.13
N LYS A 56 8.62 -3.31 10.71
CA LYS A 56 9.65 -4.25 11.17
C LYS A 56 9.78 -5.42 10.20
N VAL A 57 10.98 -5.61 9.67
CA VAL A 57 11.25 -6.69 8.74
C VAL A 57 11.90 -7.88 9.44
N GLU A 58 11.14 -8.97 9.59
CA GLU A 58 11.64 -10.16 10.25
C GLU A 58 12.31 -11.09 9.24
N SER A 59 11.52 -11.61 8.30
CA SER A 59 12.04 -12.51 7.29
C SER A 59 11.28 -12.33 5.97
N PRO A 60 11.89 -12.80 4.87
CA PRO A 60 11.30 -12.71 3.53
C PRO A 60 9.84 -13.16 3.51
N ALA A 61 9.44 -13.89 4.55
CA ALA A 61 8.07 -14.39 4.65
C ALA A 61 7.27 -13.60 5.67
N LYS A 62 7.97 -12.95 6.59
CA LYS A 62 7.33 -12.15 7.63
C LYS A 62 7.84 -10.71 7.60
N ILE A 63 6.95 -9.79 7.21
CA ILE A 63 7.31 -8.38 7.14
C ILE A 63 6.25 -7.51 7.82
N HIS A 64 6.58 -6.97 8.98
CA HIS A 64 5.66 -6.11 9.72
C HIS A 64 5.48 -4.77 9.02
N VAL A 65 4.24 -4.44 8.70
CA VAL A 65 3.93 -3.19 8.02
C VAL A 65 2.66 -2.56 8.59
N PHE A 66 2.40 -1.31 8.20
CA PHE A 66 1.23 -0.59 8.67
C PHE A 66 0.57 0.18 7.54
N TYR A 67 -0.69 -0.16 7.25
CA TYR A 67 -1.43 0.50 6.19
C TYR A 67 -1.68 1.97 6.52
N ILE A 68 -1.00 2.85 5.80
CA ILE A 68 -1.15 4.29 6.01
C ILE A 68 -2.39 4.83 5.30
N ASP A 69 -3.30 3.93 4.94
CA ASP A 69 -4.52 4.31 4.24
C ASP A 69 -5.74 4.08 5.14
N TYR A 70 -5.72 2.97 5.86
CA TYR A 70 -6.83 2.62 6.75
C TYR A 70 -6.42 2.77 8.21
N GLY A 71 -5.18 2.42 8.50
CA GLY A 71 -4.68 2.53 9.87
C GLY A 71 -4.65 1.19 10.57
N ASN A 72 -4.20 0.15 9.88
CA ASN A 72 -4.12 -1.18 10.45
C ASN A 72 -2.76 -1.82 10.18
N ARG A 73 -2.35 -2.72 11.05
CA ARG A 73 -1.07 -3.41 10.90
C ARG A 73 -1.27 -4.87 10.53
N GLU A 74 -0.36 -5.41 9.73
CA GLU A 74 -0.43 -6.79 9.30
C GLU A 74 0.94 -7.32 8.88
N VAL A 75 1.25 -8.54 9.29
CA VAL A 75 2.54 -9.15 8.95
C VAL A 75 2.45 -9.94 7.65
N LEU A 76 2.89 -9.34 6.56
CA LEU A 76 2.87 -9.99 5.25
C LEU A 76 4.27 -10.22 4.73
N PRO A 77 4.43 -11.24 3.89
CA PRO A 77 5.74 -11.60 3.30
C PRO A 77 6.20 -10.56 2.27
N SER A 78 7.43 -10.72 1.80
CA SER A 78 7.99 -9.80 0.82
C SER A 78 7.34 -9.99 -0.55
N THR A 79 6.49 -11.01 -0.65
CA THR A 79 5.80 -11.31 -1.91
C THR A 79 4.66 -10.35 -2.15
N ARG A 80 3.89 -10.08 -1.10
CA ARG A 80 2.75 -9.16 -1.19
C ARG A 80 3.21 -7.72 -1.19
N LEU A 81 4.51 -7.51 -1.02
CA LEU A 81 5.09 -6.17 -1.00
C LEU A 81 5.74 -5.83 -2.34
N GLY A 82 5.56 -4.60 -2.78
CA GLY A 82 6.14 -4.17 -4.04
C GLY A 82 6.58 -2.72 -4.03
N THR A 83 7.32 -2.31 -5.04
CA THR A 83 7.80 -0.95 -5.14
C THR A 83 6.65 0.04 -5.30
N LEU A 84 6.56 1.00 -4.38
CA LEU A 84 5.50 2.00 -4.43
C LEU A 84 5.83 3.10 -5.42
N SER A 85 5.01 3.23 -6.46
CA SER A 85 5.21 4.24 -7.49
C SER A 85 5.10 5.64 -6.90
N PRO A 86 5.91 6.57 -7.43
CA PRO A 86 5.92 7.96 -6.97
C PRO A 86 4.65 8.71 -7.36
N ALA A 87 3.89 8.14 -8.30
CA ALA A 87 2.65 8.75 -8.76
C ALA A 87 1.50 8.42 -7.82
N PHE A 88 1.57 7.26 -7.19
CA PHE A 88 0.53 6.83 -6.25
C PHE A 88 1.01 6.93 -4.81
N SER A 89 2.30 7.22 -4.64
CA SER A 89 2.89 7.33 -3.32
C SER A 89 2.17 8.40 -2.49
N THR A 90 2.00 8.14 -1.20
CA THR A 90 1.34 9.08 -0.32
C THR A 90 1.82 10.50 -0.55
N ARG A 91 3.01 10.64 -1.13
CA ARG A 91 3.59 11.94 -1.41
C ARG A 91 2.56 12.87 -2.03
N VAL A 92 1.57 12.29 -2.69
CA VAL A 92 0.51 13.08 -3.33
C VAL A 92 -0.72 13.18 -2.43
N LEU A 93 -1.03 12.09 -1.74
CA LEU A 93 -2.19 12.06 -0.84
C LEU A 93 -1.75 11.72 0.59
N PRO A 94 -2.32 12.45 1.55
CA PRO A 94 -2.01 12.25 2.97
C PRO A 94 -2.56 10.93 3.50
N ALA A 95 -1.80 10.28 4.38
CA ALA A 95 -2.21 9.01 4.96
C ALA A 95 -3.54 9.15 5.70
N GLN A 96 -4.58 8.55 5.14
CA GLN A 96 -5.90 8.60 5.75
C GLN A 96 -5.98 7.72 6.99
N ALA A 97 -4.95 6.90 7.19
CA ALA A 97 -4.89 6.00 8.33
C ALA A 97 -5.00 6.78 9.64
N THR A 98 -5.64 6.17 10.64
CA THR A 98 -5.80 6.81 11.94
C THR A 98 -4.56 6.64 12.79
N GLU A 99 -4.07 5.41 12.88
CA GLU A 99 -2.87 5.12 13.67
C GLU A 99 -1.61 5.34 12.85
N TYR A 100 -1.68 6.29 11.92
CA TYR A 100 -0.54 6.60 11.07
C TYR A 100 0.41 7.57 11.75
N ALA A 101 -0.15 8.58 12.42
CA ALA A 101 0.64 9.57 13.13
C ALA A 101 1.33 8.96 14.35
N PHE A 102 0.56 8.18 15.12
CA PHE A 102 1.09 7.54 16.31
C PHE A 102 1.63 6.15 15.99
N ALA A 103 2.27 6.02 14.83
CA ALA A 103 2.84 4.74 14.41
C ALA A 103 4.31 4.88 14.08
N PHE A 104 4.70 6.06 13.61
CA PHE A 104 6.09 6.32 13.26
C PHE A 104 6.57 7.64 13.84
N GLY A 1 -21.57 1.27 -20.48
CA GLY A 1 -22.85 0.80 -19.95
C GLY A 1 -22.92 0.93 -18.44
N SER A 2 -21.84 0.55 -17.77
CA SER A 2 -21.79 0.61 -16.31
C SER A 2 -20.58 1.41 -15.83
N SER A 3 -19.43 1.16 -16.47
CA SER A 3 -18.19 1.84 -16.11
C SER A 3 -18.20 3.27 -16.65
N GLY A 4 -18.83 4.18 -15.91
CA GLY A 4 -18.89 5.57 -16.32
C GLY A 4 -19.50 6.46 -15.25
N SER A 5 -18.64 7.14 -14.50
CA SER A 5 -19.11 8.04 -13.44
C SER A 5 -17.96 8.89 -12.90
N SER A 6 -18.28 10.09 -12.44
CA SER A 6 -17.28 11.01 -11.92
C SER A 6 -17.54 11.30 -10.45
N GLY A 7 -16.51 11.79 -9.76
CA GLY A 7 -16.65 12.11 -8.35
C GLY A 7 -16.05 11.03 -7.46
N GLY A 8 -15.00 11.38 -6.73
CA GLY A 8 -14.36 10.43 -5.84
C GLY A 8 -13.52 11.10 -4.77
N THR A 9 -13.33 10.41 -3.65
CA THR A 9 -12.55 10.95 -2.54
C THR A 9 -11.06 10.95 -2.87
N GLN A 10 -10.27 11.58 -2.01
CA GLN A 10 -8.83 11.66 -2.21
C GLN A 10 -8.21 10.27 -2.20
N LEU A 11 -8.54 9.48 -1.18
CA LEU A 11 -8.02 8.13 -1.05
C LEU A 11 -8.70 7.18 -2.03
N GLU A 12 -9.86 7.60 -2.53
CA GLU A 12 -10.62 6.80 -3.48
C GLU A 12 -10.19 7.08 -4.91
N LYS A 13 -9.73 8.30 -5.16
CA LYS A 13 -9.28 8.71 -6.49
C LYS A 13 -7.89 8.19 -6.77
N LEU A 14 -6.96 8.44 -5.85
CA LEU A 14 -5.58 8.00 -5.99
C LEU A 14 -5.51 6.48 -6.13
N MET A 15 -6.10 5.78 -5.17
CA MET A 15 -6.11 4.31 -5.17
C MET A 15 -6.69 3.79 -6.48
N GLU A 16 -7.66 4.52 -7.03
CA GLU A 16 -8.30 4.12 -8.28
C GLU A 16 -7.29 4.08 -9.42
N ASN A 17 -6.42 5.09 -9.47
CA ASN A 17 -5.41 5.18 -10.50
C ASN A 17 -4.37 4.08 -10.35
N MET A 18 -3.96 3.84 -9.11
CA MET A 18 -2.97 2.81 -8.81
C MET A 18 -3.53 1.42 -9.11
N ARG A 19 -4.67 1.11 -8.50
CA ARG A 19 -5.30 -0.19 -8.69
C ARG A 19 -5.30 -0.58 -10.18
N ASN A 20 -5.36 0.42 -11.05
CA ASN A 20 -5.37 0.18 -12.48
C ASN A 20 -4.04 -0.41 -12.94
N ASP A 21 -3.00 0.41 -12.94
CA ASP A 21 -1.67 -0.03 -13.36
C ASP A 21 -1.18 -1.19 -12.48
N ILE A 22 -1.74 -1.28 -11.27
CA ILE A 22 -1.36 -2.33 -10.34
C ILE A 22 -2.09 -3.64 -10.66
N ALA A 23 -3.32 -3.51 -11.13
CA ALA A 23 -4.12 -4.68 -11.48
C ALA A 23 -3.83 -5.15 -12.90
N SER A 24 -3.24 -4.28 -13.70
CA SER A 24 -2.91 -4.60 -15.08
C SER A 24 -1.44 -5.03 -15.20
N HIS A 25 -0.59 -4.44 -14.38
CA HIS A 25 0.83 -4.76 -14.38
C HIS A 25 1.34 -5.01 -12.97
N PRO A 26 0.67 -5.93 -12.25
CA PRO A 26 1.04 -6.27 -10.87
C PRO A 26 2.54 -6.54 -10.73
N PRO A 27 3.09 -6.19 -9.56
CA PRO A 27 4.52 -6.37 -9.26
C PRO A 27 4.88 -7.85 -9.10
N VAL A 28 6.16 -8.16 -9.19
CA VAL A 28 6.63 -9.53 -9.05
C VAL A 28 6.83 -9.89 -7.58
N GLU A 29 6.21 -10.98 -7.15
CA GLU A 29 6.32 -11.44 -5.77
C GLU A 29 7.76 -11.77 -5.43
N GLY A 30 8.25 -11.22 -4.32
CA GLY A 30 9.61 -11.47 -3.90
C GLY A 30 10.63 -10.67 -4.67
N SER A 31 10.15 -9.63 -5.36
CA SER A 31 11.03 -8.78 -6.16
C SER A 31 11.49 -7.57 -5.35
N TYR A 32 10.57 -6.97 -4.62
CA TYR A 32 10.88 -5.80 -3.79
C TYR A 32 11.29 -6.22 -2.39
N ALA A 33 12.42 -5.68 -1.92
CA ALA A 33 12.92 -5.99 -0.59
C ALA A 33 12.52 -4.91 0.41
N PRO A 34 11.64 -5.27 1.35
CA PRO A 34 11.16 -4.35 2.38
C PRO A 34 12.23 -3.99 3.40
N ARG A 35 12.32 -2.72 3.75
CA ARG A 35 13.31 -2.26 4.71
C ARG A 35 12.66 -1.45 5.82
N ARG A 36 13.17 -1.60 7.04
CA ARG A 36 12.64 -0.89 8.20
C ARG A 36 12.66 0.61 7.97
N GLY A 37 11.50 1.19 7.64
CA GLY A 37 11.41 2.61 7.40
C GLY A 37 11.27 2.94 5.92
N GLU A 38 10.81 1.97 5.14
CA GLU A 38 10.63 2.16 3.71
C GLU A 38 9.17 1.98 3.31
N PHE A 39 8.69 2.88 2.45
CA PHE A 39 7.30 2.83 2.00
C PHE A 39 7.15 1.85 0.83
N CYS A 40 5.97 1.28 0.69
CA CYS A 40 5.69 0.32 -0.38
C CYS A 40 4.22 -0.08 -0.39
N ILE A 41 3.83 -0.86 -1.38
CA ILE A 41 2.45 -1.33 -1.51
C ILE A 41 2.30 -2.76 -1.00
N ALA A 42 1.25 -3.00 -0.23
CA ALA A 42 1.00 -4.33 0.31
C ALA A 42 -0.29 -4.92 -0.27
N LYS A 43 -0.28 -6.23 -0.51
CA LYS A 43 -1.45 -6.91 -1.06
C LYS A 43 -2.38 -7.36 0.06
N PHE A 44 -3.65 -6.93 -0.03
CA PHE A 44 -4.64 -7.30 0.97
C PHE A 44 -5.30 -8.63 0.62
N VAL A 45 -5.78 -9.33 1.65
CA VAL A 45 -6.43 -10.62 1.46
C VAL A 45 -7.37 -10.59 0.25
N ASP A 46 -7.87 -9.40 -0.05
CA ASP A 46 -8.79 -9.24 -1.19
C ASP A 46 -8.01 -8.89 -2.45
N GLY A 47 -6.78 -9.35 -2.53
CA GLY A 47 -5.95 -9.08 -3.70
C GLY A 47 -5.93 -7.61 -4.06
N GLU A 48 -6.13 -6.75 -3.07
CA GLU A 48 -6.13 -5.31 -3.29
C GLU A 48 -4.86 -4.67 -2.73
N TRP A 49 -4.13 -3.96 -3.60
CA TRP A 49 -2.90 -3.30 -3.20
C TRP A 49 -3.20 -2.01 -2.44
N TYR A 50 -2.43 -1.75 -1.39
CA TYR A 50 -2.61 -0.53 -0.59
C TYR A 50 -1.27 0.01 -0.11
N ARG A 51 -1.24 1.30 0.18
CA ARG A 51 -0.01 1.95 0.64
C ARG A 51 0.28 1.58 2.10
N ALA A 52 1.53 1.22 2.36
CA ALA A 52 1.94 0.84 3.71
C ALA A 52 3.43 1.10 3.93
N ARG A 53 3.79 1.42 5.17
CA ARG A 53 5.18 1.69 5.51
C ARG A 53 5.76 0.58 6.38
N VAL A 54 6.88 0.02 5.94
CA VAL A 54 7.54 -1.05 6.68
C VAL A 54 7.86 -0.62 8.11
N GLU A 55 7.29 -1.33 9.08
CA GLU A 55 7.52 -1.01 10.49
C GLU A 55 8.65 -1.87 11.06
N LYS A 56 8.66 -3.14 10.69
CA LYS A 56 9.68 -4.07 11.16
C LYS A 56 9.81 -5.27 10.22
N VAL A 57 10.97 -5.42 9.61
CA VAL A 57 11.23 -6.52 8.69
C VAL A 57 11.85 -7.71 9.42
N GLU A 58 11.04 -8.73 9.66
CA GLU A 58 11.50 -9.94 10.34
C GLU A 58 12.20 -10.88 9.37
N SER A 59 11.44 -11.42 8.43
CA SER A 59 11.99 -12.34 7.45
C SER A 59 11.25 -12.23 6.12
N PRO A 60 11.88 -12.72 5.04
CA PRO A 60 11.30 -12.68 3.70
C PRO A 60 9.84 -13.16 3.67
N ALA A 61 9.44 -13.86 4.74
CA ALA A 61 8.09 -14.37 4.83
C ALA A 61 7.26 -13.55 5.82
N LYS A 62 7.96 -12.85 6.71
CA LYS A 62 7.29 -12.02 7.72
C LYS A 62 7.80 -10.59 7.68
N ILE A 63 6.93 -9.66 7.30
CA ILE A 63 7.30 -8.25 7.22
C ILE A 63 6.25 -7.38 7.89
N HIS A 64 6.60 -6.81 9.04
CA HIS A 64 5.69 -5.94 9.78
C HIS A 64 5.51 -4.61 9.06
N VAL A 65 4.26 -4.30 8.71
CA VAL A 65 3.95 -3.05 8.01
C VAL A 65 2.70 -2.41 8.58
N PHE A 66 2.44 -1.18 8.16
CA PHE A 66 1.27 -0.44 8.63
C PHE A 66 0.62 0.34 7.49
N TYR A 67 -0.65 0.02 7.20
CA TYR A 67 -1.38 0.69 6.13
C TYR A 67 -1.59 2.17 6.46
N ILE A 68 -0.94 3.03 5.70
CA ILE A 68 -1.06 4.47 5.91
C ILE A 68 -2.31 5.01 5.21
N ASP A 69 -3.23 4.13 4.89
CA ASP A 69 -4.48 4.52 4.22
C ASP A 69 -5.67 4.33 5.15
N TYR A 70 -5.64 3.25 5.92
CA TYR A 70 -6.73 2.95 6.85
C TYR A 70 -6.26 3.10 8.29
N GLY A 71 -5.04 2.68 8.56
CA GLY A 71 -4.49 2.77 9.91
C GLY A 71 -4.47 1.45 10.62
N ASN A 72 -4.05 0.40 9.91
CA ASN A 72 -3.99 -0.94 10.49
C ASN A 72 -2.63 -1.58 10.21
N ARG A 73 -2.22 -2.49 11.10
CA ARG A 73 -0.94 -3.18 10.96
C ARG A 73 -1.16 -4.65 10.64
N GLU A 74 -0.29 -5.21 9.80
CA GLU A 74 -0.39 -6.61 9.42
C GLU A 74 0.97 -7.16 9.01
N VAL A 75 1.31 -8.34 9.51
CA VAL A 75 2.58 -8.98 9.21
C VAL A 75 2.48 -9.80 7.93
N LEU A 76 2.89 -9.20 6.81
CA LEU A 76 2.86 -9.88 5.52
C LEU A 76 4.27 -10.12 5.00
N PRO A 77 4.42 -11.17 4.18
CA PRO A 77 5.72 -11.53 3.59
C PRO A 77 6.18 -10.52 2.54
N SER A 78 7.40 -10.71 2.04
CA SER A 78 7.96 -9.80 1.04
C SER A 78 7.35 -10.09 -0.33
N THR A 79 6.43 -11.04 -0.38
CA THR A 79 5.76 -11.40 -1.63
C THR A 79 4.59 -10.48 -1.91
N ARG A 80 3.87 -10.12 -0.86
CA ARG A 80 2.71 -9.24 -1.00
C ARG A 80 3.14 -7.78 -1.06
N LEU A 81 4.43 -7.54 -0.91
CA LEU A 81 4.97 -6.18 -0.95
C LEU A 81 5.62 -5.90 -2.30
N GLY A 82 5.39 -4.70 -2.82
CA GLY A 82 5.97 -4.32 -4.10
C GLY A 82 6.46 -2.89 -4.11
N THR A 83 7.11 -2.49 -5.21
CA THR A 83 7.63 -1.14 -5.34
C THR A 83 6.50 -0.13 -5.53
N LEU A 84 6.33 0.75 -4.55
CA LEU A 84 5.30 1.77 -4.61
C LEU A 84 5.65 2.86 -5.62
N SER A 85 4.79 3.02 -6.63
CA SER A 85 5.02 4.02 -7.66
C SER A 85 4.96 5.43 -7.08
N PRO A 86 5.80 6.33 -7.62
CA PRO A 86 5.86 7.72 -7.17
C PRO A 86 4.61 8.51 -7.55
N ALA A 87 3.86 8.00 -8.52
CA ALA A 87 2.64 8.66 -8.97
C ALA A 87 1.49 8.40 -8.00
N PHE A 88 1.48 7.20 -7.41
CA PHE A 88 0.44 6.81 -6.48
C PHE A 88 0.94 6.89 -5.04
N SER A 89 2.24 7.16 -4.89
CA SER A 89 2.85 7.26 -3.57
C SER A 89 2.20 8.37 -2.75
N THR A 90 2.04 8.14 -1.45
CA THR A 90 1.43 9.11 -0.56
C THR A 90 2.03 10.50 -0.78
N ARG A 91 3.21 10.54 -1.38
CA ARG A 91 3.89 11.80 -1.66
C ARG A 91 2.93 12.82 -2.27
N VAL A 92 1.91 12.31 -2.96
CA VAL A 92 0.92 13.18 -3.59
C VAL A 92 -0.31 13.34 -2.70
N LEU A 93 -0.70 12.26 -2.03
CA LEU A 93 -1.87 12.28 -1.15
C LEU A 93 -1.47 11.92 0.27
N PRO A 94 -2.01 12.67 1.25
CA PRO A 94 -1.74 12.43 2.67
C PRO A 94 -2.37 11.15 3.18
N ALA A 95 -1.64 10.43 4.04
CA ALA A 95 -2.13 9.18 4.60
C ALA A 95 -3.41 9.41 5.39
N GLN A 96 -4.46 8.66 5.05
CA GLN A 96 -5.74 8.77 5.73
C GLN A 96 -5.80 7.85 6.94
N ALA A 97 -4.79 6.98 7.08
CA ALA A 97 -4.73 6.06 8.19
C ALA A 97 -4.99 6.77 9.51
N THR A 98 -5.65 6.07 10.43
CA THR A 98 -5.98 6.63 11.73
C THR A 98 -4.83 6.42 12.72
N GLU A 99 -4.33 5.19 12.79
CA GLU A 99 -3.24 4.85 13.70
C GLU A 99 -1.89 5.17 13.04
N TYR A 100 -1.90 6.09 12.10
CA TYR A 100 -0.68 6.48 11.40
C TYR A 100 0.23 7.30 12.30
N ALA A 101 -0.34 8.30 12.96
CA ALA A 101 0.42 9.16 13.86
C ALA A 101 1.17 8.33 14.91
N PHE A 102 0.46 7.37 15.51
CA PHE A 102 1.04 6.51 16.53
C PHE A 102 1.65 5.26 15.91
N ALA A 103 2.38 5.45 14.82
CA ALA A 103 3.03 4.34 14.11
C ALA A 103 4.52 4.61 13.89
N PHE A 104 4.86 5.88 13.70
CA PHE A 104 6.24 6.27 13.47
C PHE A 104 6.55 7.59 14.16
N GLY A 1 -26.53 6.39 -5.22
CA GLY A 1 -26.93 6.75 -6.56
C GLY A 1 -25.76 7.14 -7.44
N SER A 2 -24.78 6.24 -7.52
CA SER A 2 -23.58 6.50 -8.32
C SER A 2 -23.61 5.69 -9.62
N SER A 3 -23.55 6.40 -10.75
CA SER A 3 -23.57 5.75 -12.05
C SER A 3 -22.52 4.64 -12.12
N GLY A 4 -21.26 5.03 -11.96
CA GLY A 4 -20.17 4.07 -12.02
C GLY A 4 -18.89 4.60 -11.42
N SER A 5 -18.06 5.22 -12.25
CA SER A 5 -16.79 5.77 -11.80
C SER A 5 -16.74 7.28 -12.04
N SER A 6 -16.83 8.05 -10.95
CA SER A 6 -16.79 9.51 -11.04
C SER A 6 -16.32 10.12 -9.73
N GLY A 7 -15.61 11.23 -9.83
CA GLY A 7 -15.10 11.89 -8.64
C GLY A 7 -14.44 10.93 -7.68
N GLY A 8 -14.96 10.87 -6.46
CA GLY A 8 -14.39 9.98 -5.45
C GLY A 8 -13.48 10.71 -4.48
N THR A 9 -13.39 10.19 -3.26
CA THR A 9 -12.55 10.79 -2.23
C THR A 9 -11.08 10.78 -2.64
N GLN A 10 -10.27 11.54 -1.92
CA GLN A 10 -8.85 11.61 -2.20
C GLN A 10 -8.22 10.22 -2.21
N LEU A 11 -8.49 9.46 -1.16
CA LEU A 11 -7.96 8.10 -1.04
C LEU A 11 -8.65 7.16 -2.01
N GLU A 12 -9.81 7.58 -2.52
CA GLU A 12 -10.57 6.76 -3.46
C GLU A 12 -10.12 7.04 -4.89
N LYS A 13 -9.66 8.25 -5.14
CA LYS A 13 -9.20 8.65 -6.47
C LYS A 13 -7.79 8.13 -6.73
N LEU A 14 -6.88 8.41 -5.81
CA LEU A 14 -5.50 7.98 -5.94
C LEU A 14 -5.42 6.46 -6.05
N MET A 15 -6.11 5.76 -5.16
CA MET A 15 -6.12 4.31 -5.17
C MET A 15 -6.70 3.77 -6.46
N GLU A 16 -7.67 4.49 -7.01
CA GLU A 16 -8.32 4.09 -8.26
C GLU A 16 -7.32 4.04 -9.40
N ASN A 17 -6.44 5.04 -9.45
CA ASN A 17 -5.42 5.12 -10.49
C ASN A 17 -4.38 4.03 -10.31
N MET A 18 -3.95 3.83 -9.07
CA MET A 18 -2.95 2.81 -8.77
C MET A 18 -3.50 1.41 -9.03
N ARG A 19 -4.62 1.09 -8.40
CA ARG A 19 -5.24 -0.22 -8.57
C ARG A 19 -5.27 -0.62 -10.04
N ASN A 20 -5.38 0.36 -10.92
CA ASN A 20 -5.41 0.11 -12.35
C ASN A 20 -4.09 -0.47 -12.83
N ASP A 21 -3.05 0.37 -12.87
CA ASP A 21 -1.74 -0.07 -13.32
C ASP A 21 -1.22 -1.20 -12.45
N ILE A 22 -1.74 -1.29 -11.22
CA ILE A 22 -1.32 -2.34 -10.30
C ILE A 22 -2.04 -3.65 -10.59
N ALA A 23 -3.28 -3.56 -11.02
CA ALA A 23 -4.07 -4.74 -11.34
C ALA A 23 -3.77 -5.23 -12.76
N SER A 24 -3.24 -4.33 -13.59
CA SER A 24 -2.91 -4.67 -14.96
C SER A 24 -1.44 -5.06 -15.10
N HIS A 25 -0.59 -4.43 -14.28
CA HIS A 25 0.84 -4.71 -14.30
C HIS A 25 1.36 -4.96 -12.89
N PRO A 26 0.74 -5.91 -12.19
CA PRO A 26 1.13 -6.26 -10.82
C PRO A 26 2.64 -6.47 -10.69
N PRO A 27 3.18 -6.14 -9.50
CA PRO A 27 4.61 -6.28 -9.22
C PRO A 27 5.03 -7.74 -9.12
N VAL A 28 6.35 -7.98 -9.09
CA VAL A 28 6.88 -9.33 -9.00
C VAL A 28 6.94 -9.79 -7.54
N GLU A 29 6.25 -10.90 -7.26
CA GLU A 29 6.23 -11.44 -5.90
C GLU A 29 7.62 -11.90 -5.47
N GLY A 30 8.19 -11.19 -4.50
CA GLY A 30 9.51 -11.53 -4.01
C GLY A 30 10.62 -10.79 -4.76
N SER A 31 10.31 -9.58 -5.21
CA SER A 31 11.28 -8.77 -5.93
C SER A 31 11.71 -7.56 -5.11
N TYR A 32 10.74 -6.85 -4.56
CA TYR A 32 11.01 -5.67 -3.75
C TYR A 32 11.40 -6.07 -2.33
N ALA A 33 12.54 -5.55 -1.88
CA ALA A 33 13.03 -5.84 -0.54
C ALA A 33 12.58 -4.78 0.46
N PRO A 34 11.69 -5.18 1.39
CA PRO A 34 11.16 -4.28 2.41
C PRO A 34 12.21 -3.89 3.44
N ARG A 35 12.32 -2.59 3.71
CA ARG A 35 13.30 -2.09 4.69
C ARG A 35 12.60 -1.31 5.79
N ARG A 36 13.14 -1.41 7.00
CA ARG A 36 12.56 -0.71 8.15
C ARG A 36 12.54 0.79 7.92
N GLY A 37 11.35 1.34 7.71
CA GLY A 37 11.20 2.77 7.48
C GLY A 37 11.13 3.11 6.00
N GLU A 38 10.56 2.20 5.21
CA GLU A 38 10.42 2.40 3.78
C GLU A 38 8.99 2.19 3.33
N PHE A 39 8.49 3.10 2.50
CA PHE A 39 7.13 3.01 1.99
C PHE A 39 7.04 1.99 0.86
N CYS A 40 5.86 1.37 0.73
CA CYS A 40 5.63 0.38 -0.31
C CYS A 40 4.18 -0.07 -0.33
N ILE A 41 3.80 -0.81 -1.37
CA ILE A 41 2.43 -1.30 -1.51
C ILE A 41 2.32 -2.73 -0.98
N ALA A 42 1.22 -3.01 -0.29
CA ALA A 42 0.98 -4.33 0.26
C ALA A 42 -0.32 -4.93 -0.26
N LYS A 43 -0.30 -6.21 -0.60
CA LYS A 43 -1.47 -6.89 -1.12
C LYS A 43 -2.39 -7.33 0.02
N PHE A 44 -3.65 -6.91 -0.06
CA PHE A 44 -4.63 -7.26 0.97
C PHE A 44 -5.31 -8.59 0.65
N VAL A 45 -5.82 -9.25 1.68
CA VAL A 45 -6.49 -10.53 1.50
C VAL A 45 -7.40 -10.52 0.28
N ASP A 46 -7.88 -9.33 -0.09
CA ASP A 46 -8.76 -9.18 -1.23
C ASP A 46 -7.96 -8.84 -2.49
N GLY A 47 -6.71 -9.29 -2.53
CA GLY A 47 -5.86 -9.01 -3.68
C GLY A 47 -5.81 -7.54 -4.02
N GLU A 48 -6.14 -6.70 -3.06
CA GLU A 48 -6.13 -5.26 -3.27
C GLU A 48 -4.86 -4.63 -2.69
N TRP A 49 -4.12 -3.93 -3.52
CA TRP A 49 -2.89 -3.28 -3.10
C TRP A 49 -3.18 -1.99 -2.35
N TYR A 50 -2.40 -1.72 -1.30
CA TYR A 50 -2.58 -0.52 -0.50
C TYR A 50 -1.24 0.03 -0.03
N ARG A 51 -1.20 1.33 0.22
CA ARG A 51 0.02 1.98 0.68
C ARG A 51 0.31 1.65 2.14
N ALA A 52 1.55 1.26 2.42
CA ALA A 52 1.96 0.91 3.77
C ALA A 52 3.45 1.18 3.99
N ARG A 53 3.80 1.51 5.22
CA ARG A 53 5.19 1.79 5.57
C ARG A 53 5.78 0.69 6.44
N VAL A 54 6.82 0.02 5.93
CA VAL A 54 7.47 -1.05 6.66
C VAL A 54 7.74 -0.65 8.11
N GLU A 55 7.19 -1.40 9.05
CA GLU A 55 7.37 -1.13 10.46
C GLU A 55 8.51 -1.96 11.04
N LYS A 56 8.50 -3.26 10.73
CA LYS A 56 9.53 -4.17 11.21
C LYS A 56 9.69 -5.36 10.26
N VAL A 57 10.86 -5.45 9.64
CA VAL A 57 11.15 -6.54 8.71
C VAL A 57 11.78 -7.73 9.44
N GLU A 58 11.03 -8.82 9.55
CA GLU A 58 11.51 -10.02 10.21
C GLU A 58 12.23 -10.94 9.23
N SER A 59 11.47 -11.47 8.28
CA SER A 59 12.02 -12.37 7.27
C SER A 59 11.27 -12.24 5.95
N PRO A 60 11.90 -12.71 4.87
CA PRO A 60 11.32 -12.65 3.52
C PRO A 60 9.88 -13.15 3.49
N ALA A 61 9.48 -13.86 4.54
CA ALA A 61 8.13 -14.39 4.64
C ALA A 61 7.30 -13.59 5.64
N LYS A 62 7.98 -12.88 6.54
CA LYS A 62 7.31 -12.07 7.55
C LYS A 62 7.82 -10.64 7.53
N ILE A 63 6.96 -9.70 7.17
CA ILE A 63 7.32 -8.30 7.11
C ILE A 63 6.25 -7.43 7.76
N HIS A 64 6.56 -6.87 8.93
CA HIS A 64 5.63 -6.01 9.64
C HIS A 64 5.46 -4.67 8.93
N VAL A 65 4.23 -4.34 8.58
CA VAL A 65 3.94 -3.08 7.90
C VAL A 65 2.70 -2.41 8.48
N PHE A 66 2.46 -1.17 8.08
CA PHE A 66 1.31 -0.42 8.56
C PHE A 66 0.66 0.36 7.42
N TYR A 67 -0.60 0.05 7.14
CA TYR A 67 -1.33 0.72 6.07
C TYR A 67 -1.55 2.20 6.40
N ILE A 68 -0.88 3.06 5.65
CA ILE A 68 -0.99 4.51 5.86
C ILE A 68 -2.23 5.06 5.17
N ASP A 69 -3.17 4.18 4.85
CA ASP A 69 -4.41 4.58 4.19
C ASP A 69 -5.60 4.39 5.11
N TYR A 70 -5.57 3.31 5.89
CA TYR A 70 -6.66 3.01 6.82
C TYR A 70 -6.20 3.16 8.26
N GLY A 71 -4.96 2.77 8.53
CA GLY A 71 -4.42 2.87 9.87
C GLY A 71 -4.40 1.53 10.59
N ASN A 72 -3.98 0.48 9.88
CA ASN A 72 -3.92 -0.85 10.46
C ASN A 72 -2.54 -1.47 10.26
N ARG A 73 -2.30 -2.59 10.92
CA ARG A 73 -1.02 -3.28 10.81
C ARG A 73 -1.23 -4.76 10.49
N GLU A 74 -0.30 -5.33 9.72
CA GLU A 74 -0.38 -6.74 9.34
C GLU A 74 0.99 -7.26 8.92
N VAL A 75 1.34 -8.45 9.41
CA VAL A 75 2.61 -9.06 9.09
C VAL A 75 2.53 -9.87 7.80
N LEU A 76 2.97 -9.26 6.69
CA LEU A 76 2.94 -9.91 5.39
C LEU A 76 4.35 -10.15 4.86
N PRO A 77 4.51 -11.18 4.03
CA PRO A 77 5.80 -11.54 3.44
C PRO A 77 6.27 -10.51 2.41
N SER A 78 7.49 -10.69 1.92
CA SER A 78 8.07 -9.77 0.95
C SER A 78 7.48 -10.02 -0.44
N THR A 79 6.54 -10.96 -0.52
CA THR A 79 5.90 -11.31 -1.78
C THR A 79 4.72 -10.38 -2.06
N ARG A 80 3.95 -10.08 -1.02
CA ARG A 80 2.79 -9.20 -1.16
C ARG A 80 3.22 -7.73 -1.19
N LEU A 81 4.51 -7.50 -1.04
CA LEU A 81 5.05 -6.14 -1.05
C LEU A 81 5.67 -5.81 -2.41
N GLY A 82 5.51 -4.57 -2.84
CA GLY A 82 6.06 -4.14 -4.11
C GLY A 82 6.48 -2.69 -4.11
N THR A 83 7.13 -2.26 -5.19
CA THR A 83 7.59 -0.89 -5.30
C THR A 83 6.42 0.07 -5.49
N LEU A 84 6.19 0.92 -4.49
CA LEU A 84 5.11 1.89 -4.55
C LEU A 84 5.41 3.00 -5.55
N SER A 85 4.70 2.98 -6.68
CA SER A 85 4.89 3.98 -7.72
C SER A 85 4.83 5.39 -7.14
N PRO A 86 5.64 6.30 -7.69
CA PRO A 86 5.69 7.69 -7.26
C PRO A 86 4.43 8.46 -7.61
N ALA A 87 3.78 8.05 -8.69
CA ALA A 87 2.55 8.71 -9.14
C ALA A 87 1.41 8.47 -8.15
N PHE A 88 1.46 7.33 -7.45
CA PHE A 88 0.43 7.00 -6.48
C PHE A 88 0.96 7.14 -5.06
N SER A 89 2.28 7.28 -4.94
CA SER A 89 2.92 7.41 -3.63
C SER A 89 2.23 8.49 -2.81
N THR A 90 2.14 8.26 -1.50
CA THR A 90 1.52 9.22 -0.60
C THR A 90 2.10 10.62 -0.78
N ARG A 91 3.26 10.69 -1.42
CA ARG A 91 3.93 11.96 -1.66
C ARG A 91 2.95 12.98 -2.26
N VAL A 92 1.91 12.47 -2.91
CA VAL A 92 0.91 13.33 -3.53
C VAL A 92 -0.31 13.48 -2.64
N LEU A 93 -0.69 12.39 -1.98
CA LEU A 93 -1.85 12.39 -1.08
C LEU A 93 -1.44 12.03 0.34
N PRO A 94 -1.99 12.78 1.32
CA PRO A 94 -1.71 12.55 2.74
C PRO A 94 -2.30 11.25 3.24
N ALA A 95 -1.56 10.56 4.11
CA ALA A 95 -2.01 9.30 4.69
C ALA A 95 -3.31 9.48 5.47
N GLN A 96 -4.35 8.77 5.06
CA GLN A 96 -5.64 8.85 5.72
C GLN A 96 -5.71 7.88 6.91
N ALA A 97 -4.65 7.12 7.10
CA ALA A 97 -4.59 6.16 8.20
C ALA A 97 -4.80 6.84 9.54
N THR A 98 -5.53 6.17 10.42
CA THR A 98 -5.82 6.72 11.75
C THR A 98 -4.60 6.59 12.66
N GLU A 99 -4.11 5.36 12.82
CA GLU A 99 -2.95 5.11 13.67
C GLU A 99 -1.65 5.33 12.90
N TYR A 100 -1.69 6.26 11.96
CA TYR A 100 -0.51 6.57 11.15
C TYR A 100 0.48 7.44 11.92
N ALA A 101 -0.05 8.32 12.76
CA ALA A 101 0.78 9.20 13.57
C ALA A 101 1.38 8.46 14.77
N PHE A 102 0.55 7.68 15.44
CA PHE A 102 0.99 6.91 16.60
C PHE A 102 1.52 5.55 16.19
N ALA A 103 2.10 5.48 15.00
CA ALA A 103 2.65 4.22 14.48
C ALA A 103 4.13 4.37 14.16
N PHE A 104 4.56 5.61 13.89
CA PHE A 104 5.96 5.88 13.57
C PHE A 104 6.49 7.04 14.39
N GLY A 1 -30.87 1.50 -14.82
CA GLY A 1 -30.05 1.19 -15.98
C GLY A 1 -28.67 1.83 -15.90
N SER A 2 -28.36 2.68 -16.89
CA SER A 2 -27.06 3.35 -16.92
C SER A 2 -27.12 4.67 -16.16
N SER A 3 -26.07 4.95 -15.39
CA SER A 3 -26.00 6.17 -14.60
C SER A 3 -24.55 6.66 -14.50
N GLY A 4 -24.40 7.97 -14.29
CA GLY A 4 -23.07 8.54 -14.17
C GLY A 4 -22.50 8.41 -12.77
N SER A 5 -21.34 9.04 -12.54
CA SER A 5 -20.70 8.99 -11.25
C SER A 5 -21.25 10.06 -10.32
N SER A 6 -21.12 9.84 -9.01
CA SER A 6 -21.62 10.80 -8.02
C SER A 6 -20.46 11.62 -7.45
N GLY A 7 -19.43 10.94 -6.98
CA GLY A 7 -18.28 11.62 -6.40
C GLY A 7 -17.12 10.68 -6.15
N GLY A 8 -16.40 10.93 -5.05
CA GLY A 8 -15.26 10.09 -4.70
C GLY A 8 -14.47 10.64 -3.54
N THR A 9 -13.68 9.78 -2.90
CA THR A 9 -12.88 10.19 -1.76
C THR A 9 -11.41 10.31 -2.14
N GLN A 10 -10.73 11.29 -1.55
CA GLN A 10 -9.32 11.52 -1.84
C GLN A 10 -8.59 10.20 -2.05
N LEU A 11 -8.54 9.38 -1.01
CA LEU A 11 -7.87 8.09 -1.09
C LEU A 11 -8.41 7.26 -2.25
N GLU A 12 -9.73 7.29 -2.43
CA GLU A 12 -10.37 6.55 -3.52
C GLU A 12 -9.84 7.01 -4.88
N LYS A 13 -9.65 8.31 -5.02
CA LYS A 13 -9.15 8.88 -6.27
C LYS A 13 -7.78 8.33 -6.61
N LEU A 14 -6.80 8.61 -5.75
CA LEU A 14 -5.43 8.14 -5.96
C LEU A 14 -5.40 6.63 -6.14
N MET A 15 -5.95 5.91 -5.17
CA MET A 15 -5.99 4.45 -5.21
C MET A 15 -6.52 3.97 -6.56
N GLU A 16 -7.72 4.42 -6.91
CA GLU A 16 -8.34 4.02 -8.17
C GLU A 16 -7.33 4.05 -9.30
N ASN A 17 -6.46 5.06 -9.29
CA ASN A 17 -5.44 5.20 -10.32
C ASN A 17 -4.39 4.10 -10.20
N MET A 18 -3.94 3.85 -8.97
CA MET A 18 -2.94 2.82 -8.72
C MET A 18 -3.50 1.43 -9.01
N ARG A 19 -4.58 1.08 -8.34
CA ARG A 19 -5.22 -0.22 -8.53
C ARG A 19 -5.25 -0.59 -10.01
N ASN A 20 -5.34 0.42 -10.87
CA ASN A 20 -5.38 0.20 -12.31
C ASN A 20 -4.07 -0.38 -12.81
N ASP A 21 -3.03 0.46 -12.83
CA ASP A 21 -1.71 0.04 -13.28
C ASP A 21 -1.19 -1.12 -12.43
N ILE A 22 -1.72 -1.24 -11.22
CA ILE A 22 -1.30 -2.29 -10.31
C ILE A 22 -2.01 -3.61 -10.62
N ALA A 23 -3.28 -3.50 -11.01
CA ALA A 23 -4.07 -4.69 -11.33
C ALA A 23 -3.79 -5.16 -12.76
N SER A 24 -3.24 -4.26 -13.58
CA SER A 24 -2.93 -4.58 -14.96
C SER A 24 -1.48 -5.00 -15.11
N HIS A 25 -0.60 -4.38 -14.31
CA HIS A 25 0.82 -4.69 -14.35
C HIS A 25 1.36 -4.92 -12.95
N PRO A 26 0.72 -5.84 -12.21
CA PRO A 26 1.12 -6.18 -10.84
C PRO A 26 2.62 -6.43 -10.73
N PRO A 27 3.19 -6.11 -9.55
CA PRO A 27 4.62 -6.29 -9.29
C PRO A 27 5.00 -7.76 -9.17
N VAL A 28 6.30 -8.03 -9.13
CA VAL A 28 6.80 -9.40 -9.02
C VAL A 28 6.86 -9.84 -7.55
N GLU A 29 6.49 -11.08 -7.30
CA GLU A 29 6.49 -11.64 -5.96
C GLU A 29 7.92 -12.01 -5.54
N GLY A 30 8.48 -11.24 -4.60
CA GLY A 30 9.82 -11.51 -4.13
C GLY A 30 10.86 -10.69 -4.86
N SER A 31 10.43 -9.58 -5.45
CA SER A 31 11.34 -8.71 -6.20
C SER A 31 11.75 -7.50 -5.36
N TYR A 32 10.77 -6.91 -4.68
CA TYR A 32 11.02 -5.75 -3.84
C TYR A 32 11.41 -6.17 -2.42
N ALA A 33 12.52 -5.61 -1.93
CA ALA A 33 13.00 -5.93 -0.59
C ALA A 33 12.55 -4.87 0.42
N PRO A 34 11.65 -5.26 1.33
CA PRO A 34 11.12 -4.35 2.35
C PRO A 34 12.17 -4.00 3.41
N ARG A 35 12.35 -2.71 3.64
CA ARG A 35 13.32 -2.23 4.63
C ARG A 35 12.63 -1.47 5.76
N ARG A 36 13.16 -1.62 6.96
CA ARG A 36 12.60 -0.95 8.13
C ARG A 36 12.57 0.57 7.93
N GLY A 37 11.37 1.13 7.84
CA GLY A 37 11.24 2.56 7.64
C GLY A 37 11.13 2.94 6.18
N GLU A 38 10.64 2.01 5.36
CA GLU A 38 10.49 2.26 3.93
C GLU A 38 9.04 2.05 3.49
N PHE A 39 8.57 2.92 2.61
CA PHE A 39 7.20 2.83 2.12
C PHE A 39 7.10 1.81 0.98
N CYS A 40 5.92 1.23 0.81
CA CYS A 40 5.70 0.24 -0.23
C CYS A 40 4.23 -0.18 -0.28
N ILE A 41 3.86 -0.89 -1.34
CA ILE A 41 2.49 -1.35 -1.50
C ILE A 41 2.33 -2.80 -1.04
N ALA A 42 1.28 -3.06 -0.28
CA ALA A 42 1.02 -4.41 0.22
C ALA A 42 -0.26 -4.98 -0.38
N LYS A 43 -0.29 -6.28 -0.57
CA LYS A 43 -1.46 -6.96 -1.13
C LYS A 43 -2.38 -7.46 -0.04
N PHE A 44 -3.62 -6.98 -0.04
CA PHE A 44 -4.60 -7.39 0.97
C PHE A 44 -5.24 -8.72 0.59
N VAL A 45 -5.75 -9.43 1.60
CA VAL A 45 -6.39 -10.72 1.37
C VAL A 45 -7.34 -10.67 0.19
N ASP A 46 -7.79 -9.47 -0.15
CA ASP A 46 -8.71 -9.27 -1.26
C ASP A 46 -7.95 -8.93 -2.54
N GLY A 47 -6.70 -9.38 -2.62
CA GLY A 47 -5.89 -9.10 -3.79
C GLY A 47 -5.84 -7.64 -4.14
N GLU A 48 -6.13 -6.78 -3.15
CA GLU A 48 -6.13 -5.34 -3.36
C GLU A 48 -4.86 -4.71 -2.79
N TRP A 49 -4.13 -4.02 -3.65
CA TRP A 49 -2.89 -3.37 -3.23
C TRP A 49 -3.18 -2.07 -2.49
N TYR A 50 -2.40 -1.79 -1.44
CA TYR A 50 -2.59 -0.59 -0.64
C TYR A 50 -1.24 -0.06 -0.15
N ARG A 51 -1.20 1.23 0.15
CA ARG A 51 0.02 1.87 0.63
C ARG A 51 0.30 1.48 2.08
N ALA A 52 1.56 1.17 2.38
CA ALA A 52 1.95 0.79 3.73
C ALA A 52 3.44 1.04 3.95
N ARG A 53 3.80 1.35 5.20
CA ARG A 53 5.18 1.62 5.54
C ARG A 53 5.75 0.49 6.42
N VAL A 54 6.86 -0.09 5.97
CA VAL A 54 7.50 -1.17 6.70
C VAL A 54 7.80 -0.76 8.14
N GLU A 55 7.22 -1.48 9.09
CA GLU A 55 7.42 -1.20 10.51
C GLU A 55 8.55 -2.05 11.08
N LYS A 56 8.53 -3.35 10.77
CA LYS A 56 9.55 -4.26 11.25
C LYS A 56 9.71 -5.45 10.30
N VAL A 57 10.88 -5.54 9.68
CA VAL A 57 11.17 -6.63 8.74
C VAL A 57 11.80 -7.81 9.45
N GLU A 58 11.05 -8.90 9.57
CA GLU A 58 11.55 -10.11 10.23
C GLU A 58 12.24 -11.02 9.23
N SER A 59 11.48 -11.50 8.25
CA SER A 59 12.02 -12.40 7.23
C SER A 59 11.24 -12.27 5.93
N PRO A 60 11.86 -12.73 4.83
CA PRO A 60 11.24 -12.69 3.50
C PRO A 60 9.80 -13.20 3.50
N ALA A 61 9.45 -13.92 4.56
CA ALA A 61 8.10 -14.46 4.70
C ALA A 61 7.28 -13.67 5.70
N LYS A 62 7.97 -12.94 6.58
CA LYS A 62 7.30 -12.14 7.59
C LYS A 62 7.80 -10.70 7.56
N ILE A 63 6.93 -9.78 7.21
CA ILE A 63 7.28 -8.36 7.14
C ILE A 63 6.22 -7.49 7.80
N HIS A 64 6.55 -6.92 8.96
CA HIS A 64 5.62 -6.07 9.68
C HIS A 64 5.44 -4.73 8.97
N VAL A 65 4.19 -4.40 8.64
CA VAL A 65 3.89 -3.15 7.97
C VAL A 65 2.63 -2.50 8.53
N PHE A 66 2.33 -1.30 8.06
CA PHE A 66 1.15 -0.57 8.53
C PHE A 66 0.51 0.21 7.39
N TYR A 67 -0.76 -0.08 7.12
CA TYR A 67 -1.49 0.60 6.06
C TYR A 67 -1.72 2.07 6.39
N ILE A 68 -1.00 2.94 5.69
CA ILE A 68 -1.12 4.38 5.90
C ILE A 68 -2.34 4.95 5.20
N ASP A 69 -3.23 4.05 4.76
CA ASP A 69 -4.45 4.46 4.07
C ASP A 69 -5.67 4.27 4.95
N TYR A 70 -5.61 3.26 5.82
CA TYR A 70 -6.72 2.96 6.72
C TYR A 70 -6.29 3.13 8.18
N GLY A 71 -5.23 2.43 8.57
CA GLY A 71 -4.74 2.52 9.93
C GLY A 71 -4.70 1.18 10.62
N ASN A 72 -4.18 0.18 9.92
CA ASN A 72 -4.08 -1.18 10.47
C ASN A 72 -2.73 -1.79 10.16
N ARG A 73 -2.29 -2.73 11.01
CA ARG A 73 -1.01 -3.39 10.81
C ARG A 73 -1.21 -4.87 10.46
N GLU A 74 -0.29 -5.41 9.67
CA GLU A 74 -0.36 -6.81 9.26
C GLU A 74 1.01 -7.33 8.85
N VAL A 75 1.33 -8.55 9.29
CA VAL A 75 2.61 -9.16 8.97
C VAL A 75 2.53 -9.96 7.67
N LEU A 76 2.94 -9.33 6.58
CA LEU A 76 2.92 -9.98 5.28
C LEU A 76 4.33 -10.22 4.76
N PRO A 77 4.49 -11.26 3.92
CA PRO A 77 5.79 -11.61 3.33
C PRO A 77 6.27 -10.59 2.32
N SER A 78 7.49 -10.77 1.83
CA SER A 78 8.07 -9.85 0.85
C SER A 78 7.48 -10.09 -0.53
N THR A 79 6.54 -11.03 -0.62
CA THR A 79 5.88 -11.35 -1.88
C THR A 79 4.71 -10.42 -2.15
N ARG A 80 3.97 -10.09 -1.11
CA ARG A 80 2.81 -9.21 -1.24
C ARG A 80 3.25 -7.74 -1.24
N LEU A 81 4.55 -7.52 -1.05
CA LEU A 81 5.09 -6.16 -1.05
C LEU A 81 5.75 -5.84 -2.37
N GLY A 82 5.51 -4.63 -2.87
CA GLY A 82 6.10 -4.20 -4.13
C GLY A 82 6.58 -2.77 -4.10
N THR A 83 7.24 -2.34 -5.17
CA THR A 83 7.76 -0.98 -5.26
C THR A 83 6.63 0.02 -5.47
N LEU A 84 6.41 0.87 -4.47
CA LEU A 84 5.37 1.89 -4.55
C LEU A 84 5.74 2.99 -5.53
N SER A 85 5.00 3.06 -6.64
CA SER A 85 5.27 4.07 -7.67
C SER A 85 5.15 5.47 -7.09
N PRO A 86 5.98 6.38 -7.59
CA PRO A 86 6.00 7.78 -7.13
C PRO A 86 4.75 8.54 -7.57
N ALA A 87 4.02 7.97 -8.53
CA ALA A 87 2.81 8.59 -9.04
C ALA A 87 1.63 8.33 -8.10
N PHE A 88 1.64 7.19 -7.43
CA PHE A 88 0.58 6.82 -6.51
C PHE A 88 1.04 6.98 -5.07
N SER A 89 2.35 7.12 -4.87
CA SER A 89 2.91 7.27 -3.54
C SER A 89 2.17 8.34 -2.74
N THR A 90 2.15 8.19 -1.42
CA THR A 90 1.47 9.14 -0.55
C THR A 90 2.00 10.55 -0.76
N ARG A 91 3.19 10.65 -1.36
CA ARG A 91 3.81 11.94 -1.61
C ARG A 91 2.81 12.90 -2.28
N VAL A 92 1.80 12.33 -2.92
CA VAL A 92 0.78 13.14 -3.60
C VAL A 92 -0.48 13.25 -2.74
N LEU A 93 -0.80 12.19 -2.03
CA LEU A 93 -1.98 12.17 -1.17
C LEU A 93 -1.60 11.86 0.28
N PRO A 94 -2.21 12.58 1.22
CA PRO A 94 -1.96 12.40 2.65
C PRO A 94 -2.51 11.08 3.18
N ALA A 95 -1.75 10.44 4.07
CA ALA A 95 -2.15 9.17 4.65
C ALA A 95 -3.45 9.32 5.45
N GLN A 96 -4.48 8.60 5.05
CA GLN A 96 -5.77 8.66 5.73
C GLN A 96 -5.77 7.77 6.97
N ALA A 97 -4.67 7.04 7.17
CA ALA A 97 -4.55 6.15 8.32
C ALA A 97 -4.98 6.85 9.60
N THR A 98 -5.39 6.05 10.59
CA THR A 98 -5.84 6.59 11.87
C THR A 98 -4.75 6.46 12.92
N GLU A 99 -4.06 5.32 12.93
CA GLU A 99 -2.99 5.08 13.89
C GLU A 99 -1.65 5.55 13.34
N TYR A 100 -1.68 6.20 12.19
CA TYR A 100 -0.46 6.71 11.56
C TYR A 100 0.19 7.76 12.42
N ALA A 101 -0.62 8.66 12.98
CA ALA A 101 -0.11 9.73 13.82
C ALA A 101 0.90 9.19 14.83
N PHE A 102 0.64 8.00 15.35
CA PHE A 102 1.53 7.38 16.33
C PHE A 102 2.44 6.35 15.66
N ALA A 103 2.01 5.85 14.51
CA ALA A 103 2.78 4.87 13.77
C ALA A 103 4.17 5.40 13.42
N PHE A 104 4.24 6.68 13.09
CA PHE A 104 5.50 7.31 12.73
C PHE A 104 5.49 8.80 13.09
N GLY A 1 -21.55 -5.67 -7.80
CA GLY A 1 -20.11 -5.86 -7.69
C GLY A 1 -19.35 -5.22 -8.83
N SER A 2 -19.78 -4.03 -9.24
CA SER A 2 -19.14 -3.32 -10.34
C SER A 2 -19.02 -1.84 -10.03
N SER A 3 -17.79 -1.35 -9.93
CA SER A 3 -17.54 0.05 -9.63
C SER A 3 -18.35 0.95 -10.56
N GLY A 4 -19.27 1.72 -9.98
CA GLY A 4 -20.09 2.61 -10.77
C GLY A 4 -21.14 3.33 -9.93
N SER A 5 -20.77 4.49 -9.39
CA SER A 5 -21.68 5.27 -8.57
C SER A 5 -21.23 6.73 -8.51
N SER A 6 -22.15 7.61 -8.11
CA SER A 6 -21.86 9.03 -8.01
C SER A 6 -21.20 9.36 -6.68
N GLY A 7 -20.04 10.03 -6.74
CA GLY A 7 -19.33 10.39 -5.54
C GLY A 7 -17.98 9.71 -5.43
N GLY A 8 -16.97 10.46 -5.01
CA GLY A 8 -15.63 9.89 -4.87
C GLY A 8 -14.92 10.40 -3.64
N THR A 9 -13.89 9.67 -3.21
CA THR A 9 -13.12 10.04 -2.03
C THR A 9 -11.65 10.20 -2.38
N GLN A 10 -11.02 11.22 -1.79
CA GLN A 10 -9.60 11.48 -2.04
C GLN A 10 -8.82 10.18 -2.20
N LEU A 11 -8.84 9.35 -1.17
CA LEU A 11 -8.14 8.07 -1.21
C LEU A 11 -8.61 7.22 -2.39
N GLU A 12 -9.91 7.24 -2.65
CA GLU A 12 -10.50 6.48 -3.74
C GLU A 12 -9.93 6.94 -5.08
N LYS A 13 -9.72 8.25 -5.21
CA LYS A 13 -9.18 8.83 -6.44
C LYS A 13 -7.79 8.27 -6.73
N LEU A 14 -6.88 8.44 -5.78
CA LEU A 14 -5.51 7.96 -5.92
C LEU A 14 -5.48 6.44 -6.08
N MET A 15 -6.00 5.74 -5.08
CA MET A 15 -6.04 4.28 -5.11
C MET A 15 -6.63 3.78 -6.42
N GLU A 16 -7.57 4.54 -6.97
CA GLU A 16 -8.21 4.17 -8.23
C GLU A 16 -7.21 4.15 -9.37
N ASN A 17 -6.34 5.17 -9.41
CA ASN A 17 -5.33 5.27 -10.46
C ASN A 17 -4.29 4.17 -10.32
N MET A 18 -3.91 3.89 -9.08
CA MET A 18 -2.91 2.86 -8.80
C MET A 18 -3.47 1.47 -9.09
N ARG A 19 -4.61 1.17 -8.49
CA ARG A 19 -5.26 -0.13 -8.68
C ARG A 19 -5.26 -0.52 -10.16
N ASN A 20 -5.32 0.48 -11.03
CA ASN A 20 -5.33 0.25 -12.47
C ASN A 20 -4.01 -0.35 -12.93
N ASP A 21 -2.96 0.47 -12.93
CA ASP A 21 -1.64 0.02 -13.35
C ASP A 21 -1.15 -1.13 -12.48
N ILE A 22 -1.70 -1.23 -11.27
CA ILE A 22 -1.33 -2.29 -10.34
C ILE A 22 -2.05 -3.59 -10.67
N ALA A 23 -3.29 -3.47 -11.11
CA ALA A 23 -4.09 -4.64 -11.47
C ALA A 23 -3.79 -5.10 -12.88
N SER A 24 -3.21 -4.21 -13.69
CA SER A 24 -2.87 -4.53 -15.07
C SER A 24 -1.42 -4.95 -15.18
N HIS A 25 -0.56 -4.35 -14.37
CA HIS A 25 0.86 -4.66 -14.38
C HIS A 25 1.37 -4.93 -12.97
N PRO A 26 0.71 -5.87 -12.27
CA PRO A 26 1.08 -6.24 -10.90
C PRO A 26 2.57 -6.50 -10.75
N PRO A 27 3.12 -6.16 -9.57
CA PRO A 27 4.55 -6.34 -9.27
C PRO A 27 4.92 -7.81 -9.14
N VAL A 28 6.22 -8.10 -9.23
CA VAL A 28 6.72 -9.47 -9.11
C VAL A 28 6.85 -9.89 -7.66
N GLU A 29 6.12 -10.93 -7.28
CA GLU A 29 6.16 -11.42 -5.91
C GLU A 29 7.56 -11.89 -5.54
N GLY A 30 8.13 -11.28 -4.51
CA GLY A 30 9.48 -11.63 -4.08
C GLY A 30 10.55 -10.87 -4.82
N SER A 31 10.21 -9.68 -5.30
CA SER A 31 11.15 -8.86 -6.04
C SER A 31 11.60 -7.66 -5.20
N TYR A 32 10.63 -6.94 -4.64
CA TYR A 32 10.93 -5.77 -3.81
C TYR A 32 11.31 -6.19 -2.40
N ALA A 33 12.42 -5.67 -1.90
CA ALA A 33 12.88 -5.98 -0.56
C ALA A 33 12.46 -4.91 0.43
N PRO A 34 11.53 -5.28 1.34
CA PRO A 34 11.03 -4.36 2.36
C PRO A 34 12.07 -4.02 3.41
N ARG A 35 12.33 -2.73 3.60
CA ARG A 35 13.31 -2.27 4.58
C ARG A 35 12.63 -1.53 5.73
N ARG A 36 13.22 -1.63 6.91
CA ARG A 36 12.66 -0.96 8.09
C ARG A 36 12.62 0.54 7.89
N GLY A 37 11.42 1.08 7.74
CA GLY A 37 11.27 2.52 7.54
C GLY A 37 11.11 2.89 6.08
N GLU A 38 10.76 1.91 5.25
CA GLU A 38 10.58 2.15 3.82
C GLU A 38 9.12 1.96 3.42
N PHE A 39 8.65 2.82 2.53
CA PHE A 39 7.27 2.76 2.06
C PHE A 39 7.14 1.78 0.89
N CYS A 40 5.95 1.22 0.72
CA CYS A 40 5.70 0.27 -0.36
C CYS A 40 4.22 -0.11 -0.41
N ILE A 41 3.86 -0.94 -1.38
CA ILE A 41 2.48 -1.37 -1.54
C ILE A 41 2.30 -2.80 -1.06
N ALA A 42 1.30 -3.02 -0.21
CA ALA A 42 1.01 -4.35 0.31
C ALA A 42 -0.28 -4.91 -0.26
N LYS A 43 -0.33 -6.22 -0.44
CA LYS A 43 -1.50 -6.88 -0.98
C LYS A 43 -2.43 -7.35 0.13
N PHE A 44 -3.67 -6.87 0.10
CA PHE A 44 -4.66 -7.23 1.11
C PHE A 44 -5.32 -8.57 0.76
N VAL A 45 -5.84 -9.25 1.79
CA VAL A 45 -6.49 -10.54 1.60
C VAL A 45 -7.48 -10.48 0.43
N ASP A 46 -7.96 -9.29 0.13
CA ASP A 46 -8.92 -9.10 -0.96
C ASP A 46 -8.19 -8.85 -2.27
N GLY A 47 -6.93 -9.27 -2.34
CA GLY A 47 -6.14 -9.07 -3.55
C GLY A 47 -6.07 -7.62 -3.96
N GLU A 48 -6.25 -6.72 -3.01
CA GLU A 48 -6.21 -5.28 -3.28
C GLU A 48 -4.93 -4.67 -2.73
N TRP A 49 -4.21 -3.95 -3.59
CA TRP A 49 -2.96 -3.31 -3.18
C TRP A 49 -3.24 -2.02 -2.43
N TYR A 50 -2.44 -1.77 -1.39
CA TYR A 50 -2.61 -0.57 -0.57
C TYR A 50 -1.25 -0.04 -0.10
N ARG A 51 -1.21 1.24 0.24
CA ARG A 51 0.02 1.86 0.70
C ARG A 51 0.30 1.50 2.15
N ALA A 52 1.55 1.13 2.44
CA ALA A 52 1.94 0.75 3.79
C ALA A 52 3.43 1.02 4.02
N ARG A 53 3.77 1.46 5.22
CA ARG A 53 5.14 1.76 5.58
C ARG A 53 5.75 0.65 6.42
N VAL A 54 6.79 0.00 5.88
CA VAL A 54 7.45 -1.09 6.59
C VAL A 54 7.81 -0.69 8.02
N GLU A 55 7.12 -1.27 8.99
CA GLU A 55 7.37 -0.97 10.39
C GLU A 55 8.51 -1.83 10.94
N LYS A 56 8.53 -3.09 10.54
CA LYS A 56 9.56 -4.02 10.99
C LYS A 56 9.66 -5.22 10.05
N VAL A 57 10.89 -5.61 9.73
CA VAL A 57 11.12 -6.75 8.84
C VAL A 57 11.73 -7.92 9.60
N GLU A 58 10.94 -8.99 9.78
CA GLU A 58 11.40 -10.17 10.49
C GLU A 58 12.11 -11.13 9.53
N SER A 59 11.41 -11.52 8.47
CA SER A 59 11.97 -12.44 7.49
C SER A 59 11.29 -12.28 6.14
N PRO A 60 11.91 -12.83 5.08
CA PRO A 60 11.38 -12.76 3.73
C PRO A 60 9.90 -13.14 3.66
N ALA A 61 9.42 -13.79 4.72
CA ALA A 61 8.02 -14.20 4.78
C ALA A 61 7.26 -13.41 5.84
N LYS A 62 8.00 -12.80 6.75
CA LYS A 62 7.40 -12.00 7.82
C LYS A 62 7.86 -10.56 7.75
N ILE A 63 6.97 -9.68 7.28
CA ILE A 63 7.28 -8.26 7.17
C ILE A 63 6.21 -7.41 7.84
N HIS A 64 6.54 -6.87 9.02
CA HIS A 64 5.61 -6.03 9.77
C HIS A 64 5.43 -4.68 9.08
N VAL A 65 4.22 -4.43 8.60
CA VAL A 65 3.91 -3.17 7.92
C VAL A 65 2.66 -2.53 8.51
N PHE A 66 2.40 -1.29 8.11
CA PHE A 66 1.25 -0.55 8.60
C PHE A 66 0.59 0.24 7.47
N TYR A 67 -0.68 -0.08 7.19
CA TYR A 67 -1.42 0.59 6.14
C TYR A 67 -1.61 2.07 6.46
N ILE A 68 -0.95 2.93 5.69
CA ILE A 68 -1.05 4.37 5.91
C ILE A 68 -2.28 4.94 5.21
N ASP A 69 -3.18 4.06 4.80
CA ASP A 69 -4.41 4.48 4.12
C ASP A 69 -5.62 4.30 5.03
N TYR A 70 -5.52 3.36 5.97
CA TYR A 70 -6.61 3.10 6.90
C TYR A 70 -6.14 3.25 8.34
N GLY A 71 -4.97 2.70 8.64
CA GLY A 71 -4.44 2.80 9.99
C GLY A 71 -4.40 1.45 10.70
N ASN A 72 -3.99 0.43 9.98
CA ASN A 72 -3.92 -0.92 10.54
C ASN A 72 -2.56 -1.56 10.26
N ARG A 73 -2.15 -2.47 11.14
CA ARG A 73 -0.87 -3.15 10.99
C ARG A 73 -1.07 -4.64 10.70
N GLU A 74 -0.20 -5.20 9.88
CA GLU A 74 -0.29 -6.62 9.53
C GLU A 74 1.08 -7.15 9.08
N VAL A 75 1.35 -8.40 9.43
CA VAL A 75 2.62 -9.04 9.07
C VAL A 75 2.48 -9.85 7.80
N LEU A 76 2.92 -9.27 6.68
CA LEU A 76 2.85 -9.94 5.39
C LEU A 76 4.24 -10.18 4.81
N PRO A 77 4.37 -11.21 3.99
CA PRO A 77 5.65 -11.58 3.36
C PRO A 77 6.08 -10.57 2.30
N SER A 78 7.27 -10.76 1.76
CA SER A 78 7.80 -9.85 0.74
C SER A 78 7.13 -10.11 -0.61
N THR A 79 6.33 -11.16 -0.67
CA THR A 79 5.62 -11.51 -1.90
C THR A 79 4.44 -10.58 -2.14
N ARG A 80 3.83 -10.11 -1.05
CA ARG A 80 2.69 -9.21 -1.15
C ARG A 80 3.13 -7.76 -1.19
N LEU A 81 4.43 -7.54 -1.03
CA LEU A 81 4.99 -6.19 -1.05
C LEU A 81 5.65 -5.90 -2.40
N GLY A 82 5.46 -4.67 -2.89
CA GLY A 82 6.04 -4.29 -4.16
C GLY A 82 6.53 -2.85 -4.16
N THR A 83 7.18 -2.45 -5.25
CA THR A 83 7.70 -1.10 -5.36
C THR A 83 6.58 -0.08 -5.53
N LEU A 84 6.45 0.82 -4.56
CA LEU A 84 5.41 1.84 -4.60
C LEU A 84 5.75 2.92 -5.62
N SER A 85 4.90 3.05 -6.64
CA SER A 85 5.11 4.03 -7.68
C SER A 85 5.04 5.46 -7.11
N PRO A 86 5.87 6.35 -7.67
CA PRO A 86 5.93 7.75 -7.23
C PRO A 86 4.67 8.53 -7.60
N ALA A 87 3.94 8.03 -8.60
CA ALA A 87 2.72 8.68 -9.06
C ALA A 87 1.57 8.42 -8.08
N PHE A 88 1.58 7.24 -7.46
CA PHE A 88 0.54 6.86 -6.51
C PHE A 88 1.05 7.00 -5.08
N SER A 89 2.34 7.29 -4.93
CA SER A 89 2.94 7.44 -3.61
C SER A 89 2.23 8.51 -2.80
N THR A 90 2.14 8.29 -1.50
CA THR A 90 1.47 9.24 -0.61
C THR A 90 1.99 10.65 -0.83
N ARG A 91 3.15 10.76 -1.47
CA ARG A 91 3.76 12.06 -1.74
C ARG A 91 2.74 13.02 -2.33
N VAL A 92 1.72 12.47 -3.00
CA VAL A 92 0.68 13.28 -3.61
C VAL A 92 -0.53 13.41 -2.69
N LEU A 93 -0.87 12.32 -2.00
CA LEU A 93 -2.01 12.31 -1.10
C LEU A 93 -1.56 11.95 0.32
N PRO A 94 -2.09 12.69 1.31
CA PRO A 94 -1.76 12.47 2.72
C PRO A 94 -2.34 11.16 3.25
N ALA A 95 -1.58 10.47 4.10
CA ALA A 95 -2.01 9.21 4.67
C ALA A 95 -3.33 9.38 5.43
N GLN A 96 -4.37 8.71 4.94
CA GLN A 96 -5.68 8.79 5.57
C GLN A 96 -5.76 7.86 6.78
N ALA A 97 -4.68 7.13 7.03
CA ALA A 97 -4.62 6.20 8.16
C ALA A 97 -4.88 6.93 9.47
N THR A 98 -5.43 6.20 10.45
CA THR A 98 -5.72 6.77 11.76
C THR A 98 -4.54 6.63 12.70
N GLU A 99 -4.01 5.41 12.80
CA GLU A 99 -2.88 5.14 13.68
C GLU A 99 -1.57 5.47 12.97
N TYR A 100 -1.63 6.36 11.99
CA TYR A 100 -0.45 6.76 11.24
C TYR A 100 0.50 7.59 12.11
N ALA A 101 -0.08 8.49 12.90
CA ALA A 101 0.72 9.35 13.78
C ALA A 101 1.38 8.54 14.88
N PHE A 102 0.60 7.70 15.55
CA PHE A 102 1.10 6.86 16.63
C PHE A 102 1.66 5.55 16.09
N ALA A 103 2.37 5.63 14.98
CA ALA A 103 2.96 4.46 14.35
C ALA A 103 4.45 4.65 14.10
N PHE A 104 4.84 5.90 13.87
CA PHE A 104 6.25 6.23 13.61
C PHE A 104 6.64 7.51 14.33
N GLY A 1 -22.12 1.66 -17.72
CA GLY A 1 -22.26 2.40 -18.97
C GLY A 1 -21.55 3.74 -18.93
N SER A 2 -20.22 3.70 -18.88
CA SER A 2 -19.43 4.93 -18.83
C SER A 2 -20.13 6.00 -18.01
N SER A 3 -20.70 5.59 -16.87
CA SER A 3 -21.40 6.51 -15.99
C SER A 3 -20.64 6.70 -14.68
N GLY A 4 -19.33 6.83 -14.79
CA GLY A 4 -18.50 7.01 -13.60
C GLY A 4 -17.90 8.40 -13.51
N SER A 5 -16.84 8.54 -12.73
CA SER A 5 -16.18 9.83 -12.56
C SER A 5 -17.17 10.90 -12.11
N SER A 6 -18.07 10.52 -11.21
CA SER A 6 -19.07 11.45 -10.71
C SER A 6 -18.77 11.85 -9.26
N GLY A 7 -18.58 10.84 -8.41
CA GLY A 7 -18.29 11.10 -7.01
C GLY A 7 -17.30 10.10 -6.43
N GLY A 8 -16.32 10.60 -5.69
CA GLY A 8 -15.32 9.73 -5.09
C GLY A 8 -14.58 10.41 -3.95
N THR A 9 -13.90 9.60 -3.15
CA THR A 9 -13.14 10.13 -2.01
C THR A 9 -11.66 10.24 -2.35
N GLN A 10 -11.00 11.22 -1.73
CA GLN A 10 -9.57 11.44 -1.97
C GLN A 10 -8.84 10.12 -2.18
N LEU A 11 -8.82 9.29 -1.14
CA LEU A 11 -8.16 7.99 -1.20
C LEU A 11 -8.65 7.20 -2.41
N GLU A 12 -9.96 7.17 -2.61
CA GLU A 12 -10.56 6.45 -3.72
C GLU A 12 -9.95 6.90 -5.06
N LYS A 13 -9.73 8.21 -5.19
CA LYS A 13 -9.15 8.76 -6.40
C LYS A 13 -7.75 8.21 -6.65
N LEU A 14 -6.86 8.43 -5.70
CA LEU A 14 -5.49 7.96 -5.82
C LEU A 14 -5.45 6.43 -5.97
N MET A 15 -6.05 5.74 -5.00
CA MET A 15 -6.09 4.28 -5.02
C MET A 15 -6.70 3.78 -6.33
N GLU A 16 -7.67 4.51 -6.86
CA GLU A 16 -8.33 4.13 -8.10
C GLU A 16 -7.33 4.14 -9.27
N ASN A 17 -6.44 5.12 -9.25
CA ASN A 17 -5.43 5.24 -10.31
C ASN A 17 -4.36 4.17 -10.17
N MET A 18 -3.92 3.93 -8.94
CA MET A 18 -2.90 2.92 -8.67
C MET A 18 -3.44 1.52 -8.93
N ARG A 19 -4.55 1.18 -8.28
CA ARG A 19 -5.16 -0.13 -8.45
C ARG A 19 -5.22 -0.52 -9.93
N ASN A 20 -5.35 0.49 -10.79
CA ASN A 20 -5.42 0.24 -12.22
C ASN A 20 -4.10 -0.32 -12.75
N ASP A 21 -3.09 0.54 -12.80
CA ASP A 21 -1.77 0.13 -13.27
C ASP A 21 -1.21 -1.01 -12.43
N ILE A 22 -1.71 -1.13 -11.21
CA ILE A 22 -1.26 -2.18 -10.30
C ILE A 22 -1.96 -3.50 -10.59
N ALA A 23 -3.22 -3.42 -10.97
CA ALA A 23 -4.00 -4.61 -11.29
C ALA A 23 -3.74 -5.07 -12.72
N SER A 24 -3.22 -4.17 -13.54
CA SER A 24 -2.93 -4.48 -14.93
C SER A 24 -1.47 -4.89 -15.11
N HIS A 25 -0.59 -4.29 -14.30
CA HIS A 25 0.83 -4.59 -14.36
C HIS A 25 1.40 -4.84 -12.96
N PRO A 26 0.77 -5.76 -12.22
CA PRO A 26 1.19 -6.10 -10.87
C PRO A 26 2.69 -6.35 -10.77
N PRO A 27 3.27 -6.01 -9.61
CA PRO A 27 4.70 -6.19 -9.36
C PRO A 27 5.10 -7.66 -9.25
N VAL A 28 6.39 -7.94 -9.39
CA VAL A 28 6.88 -9.31 -9.30
C VAL A 28 7.08 -9.72 -7.84
N GLU A 29 6.47 -10.85 -7.47
CA GLU A 29 6.57 -11.34 -6.10
C GLU A 29 8.03 -11.56 -5.71
N GLY A 30 8.51 -10.78 -4.75
CA GLY A 30 9.88 -10.90 -4.30
C GLY A 30 10.83 -10.01 -5.09
N SER A 31 10.31 -8.90 -5.60
CA SER A 31 11.11 -7.96 -6.37
C SER A 31 11.53 -6.77 -5.52
N TYR A 32 10.70 -6.42 -4.55
CA TYR A 32 10.99 -5.30 -3.66
C TYR A 32 11.38 -5.79 -2.26
N ALA A 33 12.47 -5.25 -1.74
CA ALA A 33 12.94 -5.63 -0.42
C ALA A 33 12.52 -4.61 0.64
N PRO A 34 11.61 -5.03 1.53
CA PRO A 34 11.10 -4.18 2.60
C PRO A 34 12.15 -3.87 3.65
N ARG A 35 12.27 -2.60 4.02
CA ARG A 35 13.24 -2.18 5.02
C ARG A 35 12.56 -1.44 6.17
N ARG A 36 13.08 -1.63 7.38
CA ARG A 36 12.51 -0.97 8.55
C ARG A 36 12.49 0.54 8.38
N GLY A 37 11.31 1.08 8.07
CA GLY A 37 11.18 2.51 7.89
C GLY A 37 11.09 2.90 6.42
N GLU A 38 10.59 1.98 5.60
CA GLU A 38 10.45 2.23 4.17
C GLU A 38 9.01 2.06 3.72
N PHE A 39 8.58 2.89 2.78
CA PHE A 39 7.22 2.83 2.26
C PHE A 39 7.13 1.86 1.09
N CYS A 40 5.95 1.28 0.90
CA CYS A 40 5.72 0.33 -0.19
C CYS A 40 4.27 -0.10 -0.24
N ILE A 41 3.89 -0.79 -1.31
CA ILE A 41 2.53 -1.25 -1.49
C ILE A 41 2.39 -2.71 -1.04
N ALA A 42 1.33 -3.00 -0.30
CA ALA A 42 1.08 -4.36 0.18
C ALA A 42 -0.20 -4.93 -0.43
N LYS A 43 -0.19 -6.22 -0.70
CA LYS A 43 -1.35 -6.89 -1.28
C LYS A 43 -2.28 -7.42 -0.19
N PHE A 44 -3.54 -7.00 -0.24
CA PHE A 44 -4.53 -7.43 0.74
C PHE A 44 -5.09 -8.80 0.38
N VAL A 45 -5.60 -9.51 1.39
CA VAL A 45 -6.16 -10.83 1.18
C VAL A 45 -7.11 -10.85 -0.02
N ASP A 46 -7.61 -9.67 -0.38
CA ASP A 46 -8.53 -9.54 -1.51
C ASP A 46 -7.78 -9.12 -2.77
N GLY A 47 -6.49 -9.46 -2.83
CA GLY A 47 -5.68 -9.12 -3.98
C GLY A 47 -5.69 -7.62 -4.27
N GLU A 48 -6.02 -6.83 -3.26
CA GLU A 48 -6.07 -5.38 -3.40
C GLU A 48 -4.82 -4.74 -2.81
N TRP A 49 -4.08 -4.02 -3.66
CA TRP A 49 -2.86 -3.35 -3.22
C TRP A 49 -3.18 -2.07 -2.46
N TYR A 50 -2.42 -1.82 -1.40
CA TYR A 50 -2.63 -0.63 -0.58
C TYR A 50 -1.30 -0.09 -0.06
N ARG A 51 -1.28 1.21 0.23
CA ARG A 51 -0.06 1.85 0.73
C ARG A 51 0.21 1.44 2.17
N ALA A 52 1.49 1.19 2.47
CA ALA A 52 1.88 0.79 3.81
C ALA A 52 3.35 1.08 4.06
N ARG A 53 3.70 1.33 5.32
CA ARG A 53 5.09 1.63 5.69
C ARG A 53 5.66 0.51 6.54
N VAL A 54 6.77 -0.06 6.08
CA VAL A 54 7.43 -1.15 6.81
C VAL A 54 7.71 -0.75 8.25
N GLU A 55 7.12 -1.47 9.19
CA GLU A 55 7.32 -1.18 10.61
C GLU A 55 8.42 -2.06 11.19
N LYS A 56 8.49 -3.30 10.73
CA LYS A 56 9.49 -4.24 11.21
C LYS A 56 9.64 -5.42 10.25
N VAL A 57 10.87 -5.69 9.82
CA VAL A 57 11.13 -6.79 8.91
C VAL A 57 11.76 -7.97 9.63
N GLU A 58 10.99 -9.05 9.77
CA GLU A 58 11.47 -10.25 10.45
C GLU A 58 12.18 -11.18 9.47
N SER A 59 11.41 -11.75 8.54
CA SER A 59 11.95 -12.67 7.55
C SER A 59 11.34 -12.41 6.17
N PRO A 60 12.02 -12.88 5.13
CA PRO A 60 11.57 -12.72 3.74
C PRO A 60 10.10 -13.10 3.57
N ALA A 61 9.56 -13.84 4.54
CA ALA A 61 8.18 -14.27 4.50
C ALA A 61 7.32 -13.47 5.49
N LYS A 62 7.97 -12.93 6.52
CA LYS A 62 7.28 -12.15 7.53
C LYS A 62 7.78 -10.71 7.54
N ILE A 63 6.89 -9.78 7.16
CA ILE A 63 7.25 -8.37 7.14
C ILE A 63 6.17 -7.52 7.80
N HIS A 64 6.48 -7.01 8.99
CA HIS A 64 5.55 -6.18 9.74
C HIS A 64 5.37 -4.82 9.07
N VAL A 65 4.15 -4.54 8.64
CA VAL A 65 3.85 -3.26 7.97
C VAL A 65 2.59 -2.63 8.55
N PHE A 66 2.34 -1.39 8.17
CA PHE A 66 1.16 -0.67 8.65
C PHE A 66 0.51 0.12 7.52
N TYR A 67 -0.74 -0.22 7.21
CA TYR A 67 -1.47 0.45 6.15
C TYR A 67 -1.74 1.91 6.51
N ILE A 68 -1.07 2.81 5.80
CA ILE A 68 -1.22 4.24 6.05
C ILE A 68 -2.44 4.79 5.31
N ASP A 69 -3.34 3.89 4.91
CA ASP A 69 -4.56 4.28 4.20
C ASP A 69 -5.78 4.07 5.08
N TYR A 70 -5.72 3.07 5.95
CA TYR A 70 -6.83 2.77 6.84
C TYR A 70 -6.40 2.89 8.30
N GLY A 71 -5.24 2.34 8.62
CA GLY A 71 -4.74 2.40 9.99
C GLY A 71 -4.71 1.04 10.64
N ASN A 72 -4.23 0.04 9.92
CA ASN A 72 -4.14 -1.33 10.44
C ASN A 72 -2.79 -1.95 10.12
N ARG A 73 -2.37 -2.88 10.96
CA ARG A 73 -1.08 -3.56 10.76
C ARG A 73 -1.29 -5.02 10.38
N GLU A 74 -0.36 -5.57 9.61
CA GLU A 74 -0.44 -6.95 9.16
C GLU A 74 0.94 -7.48 8.77
N VAL A 75 1.25 -8.69 9.21
CA VAL A 75 2.53 -9.30 8.90
C VAL A 75 2.46 -10.08 7.59
N LEU A 76 2.91 -9.43 6.51
CA LEU A 76 2.91 -10.06 5.19
C LEU A 76 4.32 -10.24 4.67
N PRO A 77 4.52 -11.25 3.81
CA PRO A 77 5.82 -11.55 3.22
C PRO A 77 6.27 -10.49 2.22
N SER A 78 7.50 -10.62 1.74
CA SER A 78 8.05 -9.67 0.78
C SER A 78 7.43 -9.86 -0.60
N THR A 79 6.59 -10.90 -0.73
CA THR A 79 5.93 -11.19 -1.99
C THR A 79 4.77 -10.24 -2.23
N ARG A 80 3.96 -10.03 -1.19
CA ARG A 80 2.80 -9.14 -1.29
C ARG A 80 3.23 -7.68 -1.27
N LEU A 81 4.53 -7.46 -1.09
CA LEU A 81 5.07 -6.10 -1.05
C LEU A 81 5.72 -5.74 -2.38
N GLY A 82 5.59 -4.48 -2.78
CA GLY A 82 6.18 -4.02 -4.03
C GLY A 82 6.60 -2.58 -3.98
N THR A 83 7.31 -2.13 -5.01
CA THR A 83 7.79 -0.75 -5.09
C THR A 83 6.63 0.22 -5.26
N LEU A 84 6.47 1.13 -4.31
CA LEU A 84 5.39 2.11 -4.36
C LEU A 84 5.73 3.24 -5.34
N SER A 85 4.97 3.30 -6.44
CA SER A 85 5.19 4.33 -7.45
C SER A 85 5.07 5.72 -6.85
N PRO A 86 5.88 6.65 -7.37
CA PRO A 86 5.88 8.04 -6.89
C PRO A 86 4.62 8.79 -7.30
N ALA A 87 3.91 8.26 -8.29
CA ALA A 87 2.68 8.87 -8.77
C ALA A 87 1.51 8.55 -7.85
N PHE A 88 1.56 7.37 -7.23
CA PHE A 88 0.51 6.94 -6.32
C PHE A 88 0.94 7.10 -4.86
N SER A 89 2.24 7.32 -4.66
CA SER A 89 2.77 7.48 -3.31
C SER A 89 1.98 8.50 -2.52
N THR A 90 2.01 8.37 -1.20
CA THR A 90 1.28 9.28 -0.33
C THR A 90 1.72 10.73 -0.55
N ARG A 91 2.94 10.90 -1.05
CA ARG A 91 3.48 12.23 -1.31
C ARG A 91 2.42 13.12 -1.96
N VAL A 92 1.48 12.50 -2.66
CA VAL A 92 0.41 13.24 -3.33
C VAL A 92 -0.84 13.31 -2.46
N LEU A 93 -1.12 12.22 -1.74
CA LEU A 93 -2.29 12.15 -0.87
C LEU A 93 -1.89 11.81 0.56
N PRO A 94 -2.49 12.52 1.52
CA PRO A 94 -2.20 12.31 2.95
C PRO A 94 -2.74 10.98 3.46
N ALA A 95 -1.96 10.33 4.32
CA ALA A 95 -2.36 9.04 4.89
C ALA A 95 -3.68 9.16 5.64
N GLN A 96 -4.70 8.47 5.13
CA GLN A 96 -6.01 8.49 5.75
C GLN A 96 -6.04 7.64 7.01
N ALA A 97 -4.98 6.86 7.21
CA ALA A 97 -4.87 5.99 8.38
C ALA A 97 -4.91 6.81 9.67
N THR A 98 -5.47 6.22 10.72
CA THR A 98 -5.57 6.89 12.02
C THR A 98 -4.28 6.72 12.82
N GLU A 99 -3.78 5.48 12.86
CA GLU A 99 -2.56 5.18 13.60
C GLU A 99 -1.33 5.45 12.74
N TYR A 100 -1.41 6.46 11.88
CA TYR A 100 -0.31 6.83 11.01
C TYR A 100 0.63 7.81 11.69
N ALA A 101 0.05 8.79 12.37
CA ALA A 101 0.84 9.80 13.07
C ALA A 101 1.52 9.21 14.29
N PHE A 102 0.78 8.40 15.05
CA PHE A 102 1.32 7.78 16.26
C PHE A 102 1.90 6.41 15.93
N ALA A 103 2.53 6.29 14.77
CA ALA A 103 3.13 5.03 14.34
C ALA A 103 4.60 5.21 13.99
N PHE A 104 4.93 6.40 13.48
CA PHE A 104 6.31 6.70 13.09
C PHE A 104 6.74 8.05 13.63
N GLY A 1 -23.40 6.32 -13.42
CA GLY A 1 -22.77 5.94 -14.67
C GLY A 1 -22.64 7.11 -15.63
N SER A 2 -21.74 8.05 -15.31
CA SER A 2 -21.53 9.22 -16.15
C SER A 2 -20.09 9.70 -16.06
N SER A 3 -19.37 9.61 -17.18
CA SER A 3 -17.98 10.04 -17.21
C SER A 3 -17.86 11.55 -17.09
N GLY A 4 -16.69 12.01 -16.66
CA GLY A 4 -16.47 13.43 -16.50
C GLY A 4 -15.45 13.75 -15.42
N SER A 5 -15.83 14.61 -14.49
CA SER A 5 -14.94 15.00 -13.41
C SER A 5 -14.94 13.95 -12.30
N SER A 6 -13.78 13.34 -12.08
CA SER A 6 -13.64 12.31 -11.05
C SER A 6 -14.05 12.86 -9.68
N GLY A 7 -14.82 12.08 -8.94
CA GLY A 7 -15.26 12.49 -7.62
C GLY A 7 -14.91 11.49 -6.55
N GLY A 8 -15.92 10.79 -6.03
CA GLY A 8 -15.69 9.81 -4.99
C GLY A 8 -15.00 10.39 -3.78
N THR A 9 -13.91 9.76 -3.36
CA THR A 9 -13.16 10.22 -2.19
C THR A 9 -11.67 10.33 -2.50
N GLN A 10 -10.99 11.24 -1.82
CA GLN A 10 -9.56 11.45 -2.03
C GLN A 10 -8.85 10.11 -2.20
N LEU A 11 -8.84 9.31 -1.15
CA LEU A 11 -8.18 8.00 -1.19
C LEU A 11 -8.68 7.18 -2.37
N GLU A 12 -10.00 7.17 -2.58
CA GLU A 12 -10.60 6.44 -3.67
C GLU A 12 -10.00 6.84 -5.01
N LYS A 13 -9.74 8.14 -5.16
CA LYS A 13 -9.16 8.67 -6.40
C LYS A 13 -7.76 8.10 -6.62
N LEU A 14 -6.85 8.39 -5.70
CA LEU A 14 -5.49 7.90 -5.80
C LEU A 14 -5.45 6.38 -5.94
N MET A 15 -6.06 5.69 -4.98
CA MET A 15 -6.10 4.24 -5.01
C MET A 15 -6.70 3.73 -6.32
N GLU A 16 -7.68 4.47 -6.84
CA GLU A 16 -8.33 4.09 -8.09
C GLU A 16 -7.34 4.09 -9.25
N ASN A 17 -6.45 5.08 -9.25
CA ASN A 17 -5.45 5.19 -10.31
C ASN A 17 -4.39 4.11 -10.17
N MET A 18 -3.94 3.88 -8.93
CA MET A 18 -2.91 2.88 -8.66
C MET A 18 -3.45 1.48 -8.95
N ARG A 19 -4.58 1.13 -8.33
CA ARG A 19 -5.18 -0.17 -8.53
C ARG A 19 -5.21 -0.55 -10.00
N ASN A 20 -5.31 0.46 -10.87
CA ASN A 20 -5.35 0.23 -12.31
C ASN A 20 -4.02 -0.33 -12.80
N ASP A 21 -3.00 0.53 -12.82
CA ASP A 21 -1.68 0.11 -13.27
C ASP A 21 -1.15 -1.03 -12.43
N ILE A 22 -1.66 -1.15 -11.21
CA ILE A 22 -1.23 -2.21 -10.30
C ILE A 22 -1.92 -3.53 -10.62
N ALA A 23 -3.19 -3.45 -11.03
CA ALA A 23 -3.96 -4.63 -11.38
C ALA A 23 -3.67 -5.08 -12.80
N SER A 24 -3.12 -4.17 -13.61
CA SER A 24 -2.80 -4.46 -14.99
C SER A 24 -1.34 -4.86 -15.14
N HIS A 25 -0.48 -4.24 -14.33
CA HIS A 25 0.96 -4.52 -14.37
C HIS A 25 1.48 -4.78 -12.96
N PRO A 26 0.85 -5.71 -12.24
CA PRO A 26 1.25 -6.08 -10.88
C PRO A 26 2.74 -6.31 -10.75
N PRO A 27 3.29 -6.00 -9.57
CA PRO A 27 4.72 -6.16 -9.29
C PRO A 27 5.13 -7.63 -9.20
N VAL A 28 6.43 -7.89 -9.32
CA VAL A 28 6.94 -9.25 -9.25
C VAL A 28 7.10 -9.71 -7.80
N GLU A 29 6.33 -10.73 -7.42
CA GLU A 29 6.39 -11.26 -6.06
C GLU A 29 7.81 -11.66 -5.70
N GLY A 30 8.36 -10.99 -4.68
CA GLY A 30 9.71 -11.29 -4.24
C GLY A 30 10.75 -10.47 -4.97
N SER A 31 10.36 -9.28 -5.43
CA SER A 31 11.26 -8.41 -6.16
C SER A 31 11.68 -7.22 -5.29
N TYR A 32 10.71 -6.61 -4.61
CA TYR A 32 10.98 -5.47 -3.74
C TYR A 32 11.38 -5.93 -2.35
N ALA A 33 12.51 -5.40 -1.87
CA ALA A 33 13.00 -5.75 -0.54
C ALA A 33 12.56 -4.73 0.49
N PRO A 34 11.67 -5.15 1.40
CA PRO A 34 11.15 -4.29 2.47
C PRO A 34 12.20 -3.97 3.52
N ARG A 35 12.32 -2.68 3.86
CA ARG A 35 13.28 -2.24 4.85
C ARG A 35 12.60 -1.48 5.98
N ARG A 36 13.15 -1.59 7.19
CA ARG A 36 12.60 -0.91 8.35
C ARG A 36 12.57 0.60 8.14
N GLY A 37 11.37 1.16 7.99
CA GLY A 37 11.23 2.59 7.79
C GLY A 37 11.13 2.95 6.33
N GLU A 38 10.63 2.02 5.51
CA GLU A 38 10.48 2.26 4.08
C GLU A 38 9.04 2.08 3.65
N PHE A 39 8.60 2.91 2.70
CA PHE A 39 7.23 2.84 2.19
C PHE A 39 7.12 1.84 1.05
N CYS A 40 5.94 1.26 0.88
CA CYS A 40 5.70 0.30 -0.18
C CYS A 40 4.23 -0.12 -0.22
N ILE A 41 3.85 -0.83 -1.27
CA ILE A 41 2.48 -1.29 -1.44
C ILE A 41 2.33 -2.73 -0.98
N ALA A 42 1.28 -3.00 -0.19
CA ALA A 42 1.02 -4.34 0.31
C ALA A 42 -0.27 -4.90 -0.28
N LYS A 43 -0.26 -6.19 -0.59
CA LYS A 43 -1.43 -6.85 -1.16
C LYS A 43 -2.37 -7.33 -0.06
N PHE A 44 -3.64 -6.93 -0.15
CA PHE A 44 -4.63 -7.33 0.84
C PHE A 44 -5.25 -8.68 0.49
N VAL A 45 -5.76 -9.37 1.50
CA VAL A 45 -6.38 -10.68 1.30
C VAL A 45 -7.31 -10.66 0.09
N ASP A 46 -7.78 -9.48 -0.28
CA ASP A 46 -8.68 -9.34 -1.41
C ASP A 46 -7.91 -8.95 -2.67
N GLY A 47 -6.65 -9.37 -2.74
CA GLY A 47 -5.82 -9.04 -3.88
C GLY A 47 -5.80 -7.56 -4.19
N GLU A 48 -6.10 -6.75 -3.19
CA GLU A 48 -6.11 -5.30 -3.36
C GLU A 48 -4.85 -4.67 -2.77
N TRP A 49 -4.11 -3.96 -3.60
CA TRP A 49 -2.88 -3.31 -3.16
C TRP A 49 -3.20 -2.02 -2.40
N TYR A 50 -2.41 -1.75 -1.36
CA TYR A 50 -2.61 -0.56 -0.54
C TYR A 50 -1.27 -0.02 -0.04
N ARG A 51 -1.24 1.28 0.27
CA ARG A 51 -0.02 1.91 0.76
C ARG A 51 0.25 1.52 2.21
N ALA A 52 1.51 1.24 2.51
CA ALA A 52 1.91 0.85 3.86
C ALA A 52 3.40 1.10 4.09
N ARG A 53 3.75 1.40 5.33
CA ARG A 53 5.14 1.67 5.68
C ARG A 53 5.70 0.55 6.55
N VAL A 54 6.80 -0.04 6.10
CA VAL A 54 7.44 -1.13 6.84
C VAL A 54 7.70 -0.74 8.29
N GLU A 55 7.11 -1.49 9.22
CA GLU A 55 7.28 -1.22 10.64
C GLU A 55 8.40 -2.08 11.23
N LYS A 56 8.43 -3.35 10.84
CA LYS A 56 9.44 -4.28 11.33
C LYS A 56 9.62 -5.44 10.37
N VAL A 57 10.81 -5.54 9.79
CA VAL A 57 11.11 -6.62 8.85
C VAL A 57 11.73 -7.82 9.57
N GLU A 58 10.96 -8.89 9.69
CA GLU A 58 11.43 -10.10 10.36
C GLU A 58 12.18 -11.00 9.38
N SER A 59 11.46 -11.52 8.40
CA SER A 59 12.06 -12.41 7.40
C SER A 59 11.36 -12.24 6.04
N PRO A 60 12.03 -12.70 4.98
CA PRO A 60 11.50 -12.62 3.62
C PRO A 60 10.06 -13.12 3.52
N ALA A 61 9.62 -13.83 4.56
CA ALA A 61 8.26 -14.36 4.60
C ALA A 61 7.40 -13.59 5.59
N LYS A 62 8.06 -12.89 6.52
CA LYS A 62 7.34 -12.11 7.51
C LYS A 62 7.83 -10.66 7.52
N ILE A 63 6.94 -9.75 7.16
CA ILE A 63 7.27 -8.32 7.11
C ILE A 63 6.18 -7.49 7.77
N HIS A 64 6.48 -6.94 8.94
CA HIS A 64 5.53 -6.11 9.67
C HIS A 64 5.36 -4.76 8.98
N VAL A 65 4.12 -4.44 8.63
CA VAL A 65 3.81 -3.18 7.97
C VAL A 65 2.56 -2.53 8.55
N PHE A 66 2.28 -1.31 8.12
CA PHE A 66 1.11 -0.58 8.61
C PHE A 66 0.45 0.19 7.47
N TYR A 67 -0.81 -0.13 7.19
CA TYR A 67 -1.56 0.54 6.13
C TYR A 67 -1.79 2.01 6.48
N ILE A 68 -1.09 2.90 5.79
CA ILE A 68 -1.23 4.33 6.01
C ILE A 68 -2.45 4.89 5.30
N ASP A 69 -3.32 3.99 4.85
CA ASP A 69 -4.54 4.39 4.16
C ASP A 69 -5.77 4.15 5.03
N TYR A 70 -5.69 3.15 5.90
CA TYR A 70 -6.80 2.82 6.79
C TYR A 70 -6.39 2.99 8.24
N GLY A 71 -5.15 2.63 8.55
CA GLY A 71 -4.65 2.74 9.91
C GLY A 71 -4.61 1.42 10.63
N ASN A 72 -4.12 0.40 9.95
CA ASN A 72 -4.04 -0.95 10.52
C ASN A 72 -2.68 -1.58 10.25
N ARG A 73 -2.40 -2.70 10.91
CA ARG A 73 -1.14 -3.39 10.72
C ARG A 73 -1.36 -4.83 10.27
N GLU A 74 -0.37 -5.41 9.61
CA GLU A 74 -0.47 -6.78 9.12
C GLU A 74 0.91 -7.32 8.74
N VAL A 75 1.22 -8.52 9.22
CA VAL A 75 2.51 -9.15 8.92
C VAL A 75 2.44 -9.93 7.62
N LEU A 76 2.90 -9.30 6.54
CA LEU A 76 2.90 -9.95 5.23
C LEU A 76 4.33 -10.17 4.73
N PRO A 77 4.51 -11.19 3.89
CA PRO A 77 5.82 -11.53 3.32
C PRO A 77 6.31 -10.49 2.32
N SER A 78 7.54 -10.66 1.85
CA SER A 78 8.13 -9.73 0.89
C SER A 78 7.53 -9.95 -0.50
N THR A 79 6.60 -10.89 -0.61
CA THR A 79 5.96 -11.19 -1.88
C THR A 79 4.79 -10.25 -2.15
N ARG A 80 3.99 -9.99 -1.11
CA ARG A 80 2.84 -9.10 -1.24
C ARG A 80 3.28 -7.64 -1.23
N LEU A 81 4.58 -7.41 -1.07
CA LEU A 81 5.12 -6.07 -1.04
C LEU A 81 5.76 -5.71 -2.39
N GLY A 82 5.55 -4.46 -2.82
CA GLY A 82 6.11 -4.03 -4.08
C GLY A 82 6.58 -2.59 -4.04
N THR A 83 7.29 -2.16 -5.08
CA THR A 83 7.81 -0.80 -5.14
C THR A 83 6.68 0.21 -5.31
N LEU A 84 6.50 1.06 -4.30
CA LEU A 84 5.46 2.07 -4.32
C LEU A 84 5.79 3.16 -5.34
N SER A 85 4.96 3.28 -6.38
CA SER A 85 5.17 4.28 -7.42
C SER A 85 5.04 5.69 -6.84
N PRO A 86 5.84 6.61 -7.38
CA PRO A 86 5.84 8.02 -6.93
C PRO A 86 4.56 8.74 -7.34
N ALA A 87 3.86 8.20 -8.33
CA ALA A 87 2.62 8.80 -8.80
C ALA A 87 1.46 8.50 -7.85
N PHE A 88 1.51 7.34 -7.23
CA PHE A 88 0.46 6.92 -6.29
C PHE A 88 0.95 7.06 -4.85
N SER A 89 2.24 7.29 -4.68
CA SER A 89 2.83 7.44 -3.35
C SER A 89 2.10 8.52 -2.55
N THR A 90 1.96 8.29 -1.25
CA THR A 90 1.29 9.24 -0.38
C THR A 90 1.78 10.65 -0.62
N ARG A 91 2.96 10.78 -1.23
CA ARG A 91 3.53 12.08 -1.51
C ARG A 91 2.51 13.01 -2.14
N VAL A 92 1.50 12.43 -2.77
CA VAL A 92 0.43 13.20 -3.41
C VAL A 92 -0.80 13.28 -2.53
N LEU A 93 -1.09 12.18 -1.84
CA LEU A 93 -2.25 12.12 -0.95
C LEU A 93 -1.83 11.82 0.48
N PRO A 94 -2.44 12.53 1.44
CA PRO A 94 -2.14 12.37 2.86
C PRO A 94 -2.64 11.03 3.41
N ALA A 95 -1.85 10.42 4.29
CA ALA A 95 -2.21 9.15 4.88
C ALA A 95 -3.53 9.25 5.65
N GLN A 96 -4.58 8.63 5.11
CA GLN A 96 -5.89 8.65 5.75
C GLN A 96 -5.89 7.80 7.00
N ALA A 97 -4.80 7.06 7.23
CA ALA A 97 -4.69 6.20 8.40
C ALA A 97 -4.82 7.00 9.69
N THR A 98 -5.33 6.36 10.73
CA THR A 98 -5.51 7.01 12.02
C THR A 98 -4.27 6.84 12.90
N GLU A 99 -3.79 5.61 12.99
CA GLU A 99 -2.61 5.32 13.80
C GLU A 99 -1.33 5.61 13.03
N TYR A 100 -1.48 6.25 11.88
CA TYR A 100 -0.33 6.58 11.04
C TYR A 100 0.62 7.54 11.77
N ALA A 101 0.04 8.51 12.49
CA ALA A 101 0.82 9.48 13.24
C ALA A 101 1.71 8.79 14.27
N PHE A 102 1.08 8.17 15.25
CA PHE A 102 1.81 7.47 16.31
C PHE A 102 2.66 6.33 15.73
N ALA A 103 2.24 5.83 14.58
CA ALA A 103 2.95 4.73 13.91
C ALA A 103 4.41 5.09 13.69
N PHE A 104 4.69 6.38 13.57
CA PHE A 104 6.05 6.86 13.34
C PHE A 104 6.22 8.29 13.86
N GLY A 1 -26.10 -4.25 -12.40
CA GLY A 1 -24.67 -4.12 -12.17
C GLY A 1 -24.22 -2.67 -12.22
N SER A 2 -24.92 -1.81 -11.48
CA SER A 2 -24.58 -0.39 -11.44
C SER A 2 -24.04 0.00 -10.06
N SER A 3 -22.74 -0.16 -9.89
CA SER A 3 -22.10 0.18 -8.62
C SER A 3 -22.29 1.65 -8.28
N GLY A 4 -22.11 2.51 -9.27
CA GLY A 4 -22.26 3.94 -9.07
C GLY A 4 -21.01 4.59 -8.53
N SER A 5 -20.73 5.80 -8.99
CA SER A 5 -19.54 6.54 -8.56
C SER A 5 -19.92 7.67 -7.61
N SER A 6 -20.85 8.51 -8.04
CA SER A 6 -21.29 9.64 -7.23
C SER A 6 -20.10 10.42 -6.69
N GLY A 7 -19.13 10.67 -7.55
CA GLY A 7 -17.94 11.41 -7.13
C GLY A 7 -16.81 10.50 -6.74
N GLY A 8 -16.32 10.68 -5.52
CA GLY A 8 -15.22 9.86 -5.03
C GLY A 8 -14.47 10.51 -3.88
N THR A 9 -13.80 9.69 -3.07
CA THR A 9 -13.05 10.20 -1.93
C THR A 9 -11.56 10.30 -2.26
N GLN A 10 -10.91 11.31 -1.69
CA GLN A 10 -9.48 11.53 -1.92
C GLN A 10 -8.76 10.20 -2.09
N LEU A 11 -8.78 9.38 -1.04
CA LEU A 11 -8.11 8.09 -1.06
C LEU A 11 -8.59 7.26 -2.26
N GLU A 12 -9.89 7.32 -2.53
CA GLU A 12 -10.46 6.56 -3.65
C GLU A 12 -9.88 7.04 -4.98
N LYS A 13 -9.75 8.36 -5.12
CA LYS A 13 -9.21 8.95 -6.34
C LYS A 13 -7.81 8.41 -6.63
N LEU A 14 -6.90 8.57 -5.67
CA LEU A 14 -5.53 8.11 -5.83
C LEU A 14 -5.49 6.59 -5.99
N MET A 15 -6.04 5.88 -5.01
CA MET A 15 -6.08 4.42 -5.06
C MET A 15 -6.58 3.93 -6.42
N GLU A 16 -7.69 4.48 -6.86
CA GLU A 16 -8.26 4.09 -8.15
C GLU A 16 -7.22 4.13 -9.26
N ASN A 17 -6.39 5.17 -9.24
CA ASN A 17 -5.34 5.33 -10.24
C ASN A 17 -4.30 4.21 -10.12
N MET A 18 -3.95 3.87 -8.89
CA MET A 18 -2.97 2.81 -8.63
C MET A 18 -3.53 1.45 -9.03
N ARG A 19 -4.67 1.09 -8.45
CA ARG A 19 -5.30 -0.18 -8.73
C ARG A 19 -5.25 -0.50 -10.23
N ASN A 20 -5.24 0.55 -11.04
CA ASN A 20 -5.19 0.38 -12.49
C ASN A 20 -3.84 -0.20 -12.92
N ASP A 21 -2.79 0.60 -12.82
CA ASP A 21 -1.45 0.16 -13.19
C ASP A 21 -1.01 -1.02 -12.34
N ILE A 22 -1.64 -1.17 -11.18
CA ILE A 22 -1.30 -2.27 -10.28
C ILE A 22 -2.03 -3.55 -10.68
N ALA A 23 -3.25 -3.40 -11.20
CA ALA A 23 -4.05 -4.54 -11.62
C ALA A 23 -3.70 -4.95 -13.05
N SER A 24 -3.07 -4.04 -13.79
CA SER A 24 -2.70 -4.30 -15.17
C SER A 24 -1.22 -4.66 -15.27
N HIS A 25 -0.42 -4.10 -14.37
CA HIS A 25 1.01 -4.37 -14.35
C HIS A 25 1.49 -4.67 -12.93
N PRO A 26 0.85 -5.63 -12.28
CA PRO A 26 1.20 -6.05 -10.92
C PRO A 26 2.70 -6.27 -10.74
N PRO A 27 3.20 -5.94 -9.54
CA PRO A 27 4.63 -6.09 -9.22
C PRO A 27 5.04 -7.55 -9.11
N VAL A 28 6.35 -7.80 -9.19
CA VAL A 28 6.88 -9.15 -9.10
C VAL A 28 6.96 -9.62 -7.66
N GLU A 29 6.28 -10.72 -7.35
CA GLU A 29 6.28 -11.28 -6.00
C GLU A 29 7.68 -11.72 -5.59
N GLY A 30 8.27 -10.99 -4.64
CA GLY A 30 9.60 -11.32 -4.17
C GLY A 30 10.68 -10.56 -4.90
N SER A 31 10.34 -9.36 -5.38
CA SER A 31 11.29 -8.53 -6.11
C SER A 31 11.70 -7.32 -5.27
N TYR A 32 10.74 -6.74 -4.57
CA TYR A 32 11.00 -5.57 -3.73
C TYR A 32 11.38 -6.00 -2.31
N ALA A 33 12.50 -5.49 -1.83
CA ALA A 33 12.98 -5.81 -0.49
C ALA A 33 12.57 -4.72 0.51
N PRO A 34 11.66 -5.08 1.43
CA PRO A 34 11.17 -4.15 2.46
C PRO A 34 12.24 -3.82 3.50
N ARG A 35 12.29 -2.55 3.90
CA ARG A 35 13.26 -2.10 4.89
C ARG A 35 12.59 -1.32 6.00
N ARG A 36 13.13 -1.42 7.21
CA ARG A 36 12.58 -0.70 8.36
C ARG A 36 12.51 0.79 8.10
N GLY A 37 11.29 1.30 7.91
CA GLY A 37 11.12 2.72 7.65
C GLY A 37 11.01 3.03 6.16
N GLU A 38 10.59 2.05 5.38
CA GLU A 38 10.44 2.22 3.95
C GLU A 38 8.99 2.01 3.51
N PHE A 39 8.52 2.87 2.62
CA PHE A 39 7.14 2.79 2.12
C PHE A 39 7.04 1.76 1.00
N CYS A 40 5.85 1.18 0.86
CA CYS A 40 5.60 0.19 -0.19
C CYS A 40 4.14 -0.22 -0.22
N ILE A 41 3.77 -0.99 -1.23
CA ILE A 41 2.39 -1.46 -1.37
C ILE A 41 2.24 -2.90 -0.91
N ALA A 42 1.22 -3.16 -0.10
CA ALA A 42 0.97 -4.50 0.42
C ALA A 42 -0.33 -5.06 -0.15
N LYS A 43 -0.33 -6.37 -0.41
CA LYS A 43 -1.50 -7.03 -0.95
C LYS A 43 -2.45 -7.48 0.16
N PHE A 44 -3.71 -7.09 0.04
CA PHE A 44 -4.71 -7.45 1.04
C PHE A 44 -5.31 -8.82 0.75
N VAL A 45 -5.80 -9.48 1.79
CA VAL A 45 -6.41 -10.79 1.65
C VAL A 45 -7.33 -10.85 0.43
N ASP A 46 -7.81 -9.68 0.01
CA ASP A 46 -8.70 -9.59 -1.14
C ASP A 46 -7.94 -9.21 -2.39
N GLY A 47 -6.67 -9.59 -2.45
CA GLY A 47 -5.85 -9.28 -3.61
C GLY A 47 -5.88 -7.80 -3.95
N GLU A 48 -6.06 -6.96 -2.94
CA GLU A 48 -6.12 -5.51 -3.14
C GLU A 48 -4.85 -4.85 -2.63
N TRP A 49 -4.17 -4.13 -3.52
CA TRP A 49 -2.94 -3.44 -3.16
C TRP A 49 -3.24 -2.16 -2.38
N TYR A 50 -2.46 -1.90 -1.33
CA TYR A 50 -2.65 -0.72 -0.52
C TYR A 50 -1.31 -0.17 -0.03
N ARG A 51 -1.28 1.13 0.27
CA ARG A 51 -0.06 1.78 0.73
C ARG A 51 0.23 1.40 2.18
N ALA A 52 1.48 1.03 2.46
CA ALA A 52 1.89 0.65 3.80
C ALA A 52 3.36 0.96 4.04
N ARG A 53 3.70 1.34 5.27
CA ARG A 53 5.07 1.67 5.62
C ARG A 53 5.68 0.57 6.49
N VAL A 54 6.77 -0.02 6.00
CA VAL A 54 7.45 -1.08 6.74
C VAL A 54 7.70 -0.67 8.19
N GLU A 55 7.23 -1.49 9.12
CA GLU A 55 7.40 -1.21 10.54
C GLU A 55 8.53 -2.05 11.12
N LYS A 56 8.55 -3.34 10.78
CA LYS A 56 9.58 -4.25 11.26
C LYS A 56 9.77 -5.42 10.31
N VAL A 57 10.92 -5.47 9.65
CA VAL A 57 11.22 -6.54 8.71
C VAL A 57 11.89 -7.72 9.42
N GLU A 58 11.16 -8.84 9.51
CA GLU A 58 11.68 -10.03 10.16
C GLU A 58 12.39 -10.93 9.15
N SER A 59 11.63 -11.45 8.19
CA SER A 59 12.19 -12.33 7.17
C SER A 59 11.41 -12.21 5.87
N PRO A 60 12.03 -12.67 4.77
CA PRO A 60 11.41 -12.61 3.43
C PRO A 60 9.98 -13.14 3.44
N ALA A 61 9.62 -13.87 4.50
CA ALA A 61 8.28 -14.42 4.62
C ALA A 61 7.45 -13.64 5.64
N LYS A 62 8.13 -12.92 6.52
CA LYS A 62 7.46 -12.12 7.54
C LYS A 62 7.95 -10.68 7.51
N ILE A 63 7.05 -9.76 7.16
CA ILE A 63 7.39 -8.34 7.10
C ILE A 63 6.32 -7.49 7.76
N HIS A 64 6.65 -6.90 8.91
CA HIS A 64 5.71 -6.06 9.63
C HIS A 64 5.49 -4.73 8.91
N VAL A 65 4.23 -4.39 8.69
CA VAL A 65 3.90 -3.15 8.00
C VAL A 65 2.63 -2.52 8.60
N PHE A 66 2.32 -1.31 8.13
CA PHE A 66 1.14 -0.60 8.62
C PHE A 66 0.47 0.17 7.49
N TYR A 67 -0.79 -0.17 7.22
CA TYR A 67 -1.55 0.48 6.16
C TYR A 67 -1.79 1.95 6.49
N ILE A 68 -1.12 2.84 5.78
CA ILE A 68 -1.27 4.27 5.99
C ILE A 68 -2.50 4.82 5.28
N ASP A 69 -3.40 3.92 4.92
CA ASP A 69 -4.63 4.30 4.23
C ASP A 69 -5.84 4.05 5.11
N TYR A 70 -5.82 2.94 5.86
CA TYR A 70 -6.92 2.58 6.74
C TYR A 70 -6.52 2.76 8.21
N GLY A 71 -5.28 2.42 8.52
CA GLY A 71 -4.79 2.55 9.89
C GLY A 71 -4.75 1.23 10.60
N ASN A 72 -4.18 0.22 9.96
CA ASN A 72 -4.08 -1.12 10.55
C ASN A 72 -2.71 -1.73 10.26
N ARG A 73 -2.31 -2.69 11.10
CA ARG A 73 -1.02 -3.35 10.93
C ARG A 73 -1.22 -4.83 10.57
N GLU A 74 -0.25 -5.38 9.84
CA GLU A 74 -0.31 -6.78 9.43
C GLU A 74 1.07 -7.28 9.02
N VAL A 75 1.34 -8.54 9.37
CA VAL A 75 2.63 -9.15 9.03
C VAL A 75 2.54 -9.96 7.75
N LEU A 76 2.99 -9.37 6.65
CA LEU A 76 2.97 -10.04 5.35
C LEU A 76 4.38 -10.23 4.81
N PRO A 77 4.55 -11.26 3.97
CA PRO A 77 5.85 -11.58 3.37
C PRO A 77 6.28 -10.55 2.33
N SER A 78 7.51 -10.66 1.85
CA SER A 78 8.04 -9.74 0.86
C SER A 78 7.38 -9.97 -0.50
N THR A 79 6.58 -11.03 -0.59
CA THR A 79 5.89 -11.37 -1.84
C THR A 79 4.72 -10.44 -2.09
N ARG A 80 3.96 -10.16 -1.03
CA ARG A 80 2.80 -9.27 -1.13
C ARG A 80 3.23 -7.82 -1.15
N LEU A 81 4.52 -7.57 -0.98
CA LEU A 81 5.06 -6.22 -0.97
C LEU A 81 5.69 -5.88 -2.32
N GLY A 82 5.47 -4.64 -2.78
CA GLY A 82 6.03 -4.20 -4.04
C GLY A 82 6.45 -2.75 -4.02
N THR A 83 7.07 -2.30 -5.11
CA THR A 83 7.53 -0.92 -5.21
C THR A 83 6.36 0.04 -5.37
N LEU A 84 6.22 0.96 -4.42
CA LEU A 84 5.13 1.95 -4.46
C LEU A 84 5.44 3.07 -5.45
N SER A 85 4.77 3.03 -6.60
CA SER A 85 4.98 4.04 -7.62
C SER A 85 4.92 5.45 -7.02
N PRO A 86 5.74 6.35 -7.57
CA PRO A 86 5.81 7.74 -7.11
C PRO A 86 4.54 8.53 -7.45
N ALA A 87 3.78 8.01 -8.41
CA ALA A 87 2.54 8.66 -8.83
C ALA A 87 1.41 8.39 -7.85
N PHE A 88 1.43 7.21 -7.22
CA PHE A 88 0.41 6.83 -6.26
C PHE A 88 0.93 6.99 -4.83
N SER A 89 2.22 7.22 -4.70
CA SER A 89 2.85 7.39 -3.39
C SER A 89 2.12 8.46 -2.58
N THR A 90 1.94 8.19 -1.29
CA THR A 90 1.26 9.13 -0.41
C THR A 90 1.74 10.56 -0.64
N ARG A 91 2.93 10.69 -1.21
CA ARG A 91 3.51 12.00 -1.49
C ARG A 91 2.47 12.92 -2.12
N VAL A 92 1.48 12.33 -2.80
CA VAL A 92 0.43 13.10 -3.45
C VAL A 92 -0.79 13.23 -2.55
N LEU A 93 -1.11 12.15 -1.84
CA LEU A 93 -2.24 12.14 -0.93
C LEU A 93 -1.82 11.77 0.48
N PRO A 94 -2.37 12.49 1.48
CA PRO A 94 -2.07 12.26 2.88
C PRO A 94 -2.64 10.95 3.40
N ALA A 95 -1.88 10.27 4.25
CA ALA A 95 -2.31 9.00 4.81
C ALA A 95 -3.61 9.15 5.61
N GLN A 96 -4.66 8.50 5.15
CA GLN A 96 -5.96 8.57 5.82
C GLN A 96 -5.98 7.67 7.06
N ALA A 97 -4.89 6.95 7.28
CA ALA A 97 -4.79 6.06 8.42
C ALA A 97 -5.03 6.81 9.73
N THR A 98 -5.51 6.09 10.74
CA THR A 98 -5.79 6.69 12.04
C THR A 98 -4.60 6.55 12.98
N GLU A 99 -3.97 5.37 12.96
CA GLU A 99 -2.82 5.11 13.80
C GLU A 99 -1.52 5.50 13.10
N TYR A 100 -1.66 6.17 11.96
CA TYR A 100 -0.50 6.59 11.18
C TYR A 100 0.33 7.63 11.94
N ALA A 101 -0.37 8.60 12.53
CA ALA A 101 0.30 9.65 13.29
C ALA A 101 1.28 9.06 14.30
N PHE A 102 0.84 8.04 15.03
CA PHE A 102 1.68 7.39 16.03
C PHE A 102 2.56 6.32 15.38
N ALA A 103 2.10 5.80 14.25
CA ALA A 103 2.85 4.77 13.54
C ALA A 103 4.27 5.22 13.26
N PHE A 104 4.44 6.51 12.97
CA PHE A 104 5.76 7.06 12.69
C PHE A 104 5.83 8.53 13.10
N GLY A 1 -15.42 1.71 -16.74
CA GLY A 1 -14.81 1.41 -18.01
C GLY A 1 -14.35 2.65 -18.76
N SER A 2 -14.05 2.50 -20.04
CA SER A 2 -13.59 3.61 -20.85
C SER A 2 -14.37 4.89 -20.53
N SER A 3 -15.70 4.80 -20.60
CA SER A 3 -16.55 5.94 -20.31
C SER A 3 -17.06 5.90 -18.88
N GLY A 4 -16.44 6.69 -18.01
CA GLY A 4 -16.83 6.72 -16.62
C GLY A 4 -16.79 8.12 -16.03
N SER A 5 -17.50 8.33 -14.93
CA SER A 5 -17.55 9.63 -14.28
C SER A 5 -16.56 9.69 -13.12
N SER A 6 -15.47 10.42 -13.31
CA SER A 6 -14.44 10.55 -12.28
C SER A 6 -15.03 11.14 -11.00
N GLY A 7 -14.98 10.35 -9.93
CA GLY A 7 -15.51 10.82 -8.66
C GLY A 7 -15.27 9.83 -7.54
N GLY A 8 -15.35 10.31 -6.30
CA GLY A 8 -15.14 9.44 -5.16
C GLY A 8 -14.42 10.15 -4.02
N THR A 9 -13.91 9.37 -3.07
CA THR A 9 -13.19 9.93 -1.93
C THR A 9 -11.71 10.10 -2.24
N GLN A 10 -11.11 11.12 -1.63
CA GLN A 10 -9.69 11.40 -1.85
C GLN A 10 -8.91 10.11 -2.05
N LEU A 11 -8.90 9.26 -1.03
CA LEU A 11 -8.18 8.00 -1.09
C LEU A 11 -8.62 7.18 -2.31
N GLU A 12 -9.93 7.13 -2.54
CA GLU A 12 -10.48 6.39 -3.67
C GLU A 12 -9.91 6.91 -4.99
N LYS A 13 -9.79 8.23 -5.10
CA LYS A 13 -9.26 8.84 -6.30
C LYS A 13 -7.86 8.33 -6.62
N LEU A 14 -6.94 8.55 -5.69
CA LEU A 14 -5.56 8.10 -5.86
C LEU A 14 -5.50 6.58 -6.04
N MET A 15 -6.05 5.85 -5.09
CA MET A 15 -6.06 4.39 -5.15
C MET A 15 -6.57 3.91 -6.50
N GLU A 16 -7.72 4.43 -6.91
CA GLU A 16 -8.32 4.05 -8.19
C GLU A 16 -7.27 4.08 -9.30
N ASN A 17 -6.42 5.09 -9.29
CA ASN A 17 -5.37 5.23 -10.29
C ASN A 17 -4.33 4.14 -10.15
N MET A 18 -3.93 3.86 -8.91
CA MET A 18 -2.94 2.83 -8.64
C MET A 18 -3.49 1.44 -8.96
N ARG A 19 -4.57 1.06 -8.29
CA ARG A 19 -5.19 -0.24 -8.51
C ARG A 19 -5.20 -0.59 -10.00
N ASN A 20 -5.29 0.44 -10.84
CA ASN A 20 -5.32 0.24 -12.28
C ASN A 20 -3.98 -0.30 -12.78
N ASP A 21 -2.96 0.55 -12.77
CA ASP A 21 -1.63 0.16 -13.22
C ASP A 21 -1.09 -1.00 -12.38
N ILE A 22 -1.65 -1.17 -11.19
CA ILE A 22 -1.23 -2.23 -10.28
C ILE A 22 -1.91 -3.55 -10.64
N ALA A 23 -3.17 -3.47 -11.04
CA ALA A 23 -3.94 -4.64 -11.41
C ALA A 23 -3.63 -5.08 -12.84
N SER A 24 -3.10 -4.15 -13.63
CA SER A 24 -2.77 -4.44 -15.02
C SER A 24 -1.30 -4.82 -15.16
N HIS A 25 -0.45 -4.22 -14.33
CA HIS A 25 0.98 -4.50 -14.36
C HIS A 25 1.51 -4.78 -12.95
N PRO A 26 0.87 -5.74 -12.27
CA PRO A 26 1.25 -6.12 -10.90
C PRO A 26 2.75 -6.35 -10.76
N PRO A 27 3.30 -6.01 -9.59
CA PRO A 27 4.72 -6.16 -9.31
C PRO A 27 5.13 -7.63 -9.18
N VAL A 28 6.44 -7.89 -9.30
CA VAL A 28 6.95 -9.25 -9.19
C VAL A 28 7.04 -9.69 -7.74
N GLU A 29 6.46 -10.86 -7.45
CA GLU A 29 6.48 -11.39 -6.09
C GLU A 29 7.89 -11.78 -5.67
N GLY A 30 8.44 -11.04 -4.71
CA GLY A 30 9.77 -11.31 -4.23
C GLY A 30 10.83 -10.52 -4.98
N SER A 31 10.46 -9.34 -5.45
CA SER A 31 11.38 -8.48 -6.18
C SER A 31 11.78 -7.26 -5.35
N TYR A 32 10.84 -6.77 -4.54
CA TYR A 32 11.10 -5.62 -3.69
C TYR A 32 11.49 -6.05 -2.29
N ALA A 33 12.60 -5.51 -1.79
CA ALA A 33 13.07 -5.84 -0.45
C ALA A 33 12.61 -4.80 0.57
N PRO A 34 11.71 -5.22 1.47
CA PRO A 34 11.17 -4.33 2.51
C PRO A 34 12.21 -3.98 3.57
N ARG A 35 12.38 -2.68 3.83
CA ARG A 35 13.34 -2.21 4.82
C ARG A 35 12.63 -1.48 5.95
N ARG A 36 13.19 -1.60 7.15
CA ARG A 36 12.61 -0.95 8.33
C ARG A 36 12.55 0.57 8.13
N GLY A 37 11.35 1.10 8.00
CA GLY A 37 11.17 2.52 7.81
C GLY A 37 11.11 2.92 6.35
N GLU A 38 10.51 2.05 5.53
CA GLU A 38 10.41 2.30 4.10
C GLU A 38 8.97 2.12 3.62
N PHE A 39 8.53 2.98 2.71
CA PHE A 39 7.18 2.91 2.18
C PHE A 39 7.08 1.88 1.05
N CYS A 40 5.91 1.28 0.89
CA CYS A 40 5.68 0.29 -0.15
C CYS A 40 4.22 -0.12 -0.20
N ILE A 41 3.86 -0.88 -1.23
CA ILE A 41 2.49 -1.35 -1.40
C ILE A 41 2.35 -2.80 -0.96
N ALA A 42 1.29 -3.08 -0.21
CA ALA A 42 1.03 -4.43 0.28
C ALA A 42 -0.25 -4.99 -0.33
N LYS A 43 -0.27 -6.30 -0.54
CA LYS A 43 -1.42 -6.97 -1.11
C LYS A 43 -2.40 -7.40 -0.02
N PHE A 44 -3.65 -6.99 -0.16
CA PHE A 44 -4.68 -7.34 0.81
C PHE A 44 -5.27 -8.72 0.51
N VAL A 45 -5.84 -9.34 1.53
CA VAL A 45 -6.45 -10.66 1.39
C VAL A 45 -7.32 -10.73 0.15
N ASP A 46 -7.98 -9.63 -0.17
CA ASP A 46 -8.85 -9.56 -1.35
C ASP A 46 -8.05 -9.18 -2.59
N GLY A 47 -6.76 -9.47 -2.56
CA GLY A 47 -5.91 -9.16 -3.70
C GLY A 47 -5.94 -7.69 -4.05
N GLU A 48 -5.98 -6.83 -3.03
CA GLU A 48 -6.01 -5.39 -3.24
C GLU A 48 -4.74 -4.73 -2.70
N TRP A 49 -4.02 -4.04 -3.57
CA TRP A 49 -2.79 -3.37 -3.18
C TRP A 49 -3.10 -2.08 -2.43
N TYR A 50 -2.35 -1.83 -1.35
CA TYR A 50 -2.56 -0.63 -0.55
C TYR A 50 -1.22 -0.08 -0.07
N ARG A 51 -1.20 1.21 0.26
CA ARG A 51 0.01 1.87 0.73
C ARG A 51 0.30 1.51 2.18
N ALA A 52 1.52 1.06 2.44
CA ALA A 52 1.92 0.69 3.79
C ALA A 52 3.40 0.97 4.03
N ARG A 53 3.74 1.38 5.24
CA ARG A 53 5.12 1.68 5.59
C ARG A 53 5.72 0.58 6.47
N VAL A 54 6.79 -0.03 5.98
CA VAL A 54 7.46 -1.10 6.72
C VAL A 54 7.74 -0.69 8.16
N GLU A 55 7.26 -1.50 9.10
CA GLU A 55 7.45 -1.22 10.52
C GLU A 55 8.55 -2.11 11.11
N LYS A 56 8.54 -3.37 10.72
CA LYS A 56 9.54 -4.32 11.21
C LYS A 56 9.69 -5.50 10.25
N VAL A 57 10.86 -5.62 9.64
CA VAL A 57 11.14 -6.71 8.71
C VAL A 57 11.74 -7.91 9.41
N GLU A 58 10.95 -8.97 9.55
CA GLU A 58 11.41 -10.19 10.20
C GLU A 58 12.12 -11.12 9.21
N SER A 59 11.36 -11.60 8.24
CA SER A 59 11.91 -12.49 7.22
C SER A 59 11.18 -12.32 5.88
N PRO A 60 11.82 -12.78 4.81
CA PRO A 60 11.25 -12.69 3.45
C PRO A 60 9.80 -13.17 3.40
N ALA A 61 9.38 -13.90 4.43
CA ALA A 61 8.01 -14.41 4.49
C ALA A 61 7.19 -13.62 5.50
N LYS A 62 7.86 -12.95 6.43
CA LYS A 62 7.19 -12.15 7.45
C LYS A 62 7.71 -10.72 7.44
N ILE A 63 6.85 -9.78 7.08
CA ILE A 63 7.22 -8.37 7.04
C ILE A 63 6.16 -7.50 7.72
N HIS A 64 6.50 -6.94 8.87
CA HIS A 64 5.58 -6.09 9.61
C HIS A 64 5.42 -4.74 8.92
N VAL A 65 4.16 -4.38 8.65
CA VAL A 65 3.87 -3.11 7.98
C VAL A 65 2.60 -2.48 8.56
N PHE A 66 2.35 -1.24 8.17
CA PHE A 66 1.17 -0.51 8.64
C PHE A 66 0.51 0.26 7.51
N TYR A 67 -0.74 -0.07 7.22
CA TYR A 67 -1.49 0.58 6.16
C TYR A 67 -1.71 2.06 6.48
N ILE A 68 -1.05 2.93 5.73
CA ILE A 68 -1.18 4.37 5.94
C ILE A 68 -2.41 4.91 5.22
N ASP A 69 -3.35 4.03 4.92
CA ASP A 69 -4.58 4.42 4.24
C ASP A 69 -5.80 4.19 5.14
N TYR A 70 -5.78 3.08 5.87
CA TYR A 70 -6.88 2.73 6.75
C TYR A 70 -6.47 2.90 8.22
N GLY A 71 -5.26 2.47 8.54
CA GLY A 71 -4.77 2.58 9.90
C GLY A 71 -4.72 1.24 10.61
N ASN A 72 -4.21 0.22 9.93
CA ASN A 72 -4.12 -1.12 10.50
C ASN A 72 -2.76 -1.74 10.20
N ARG A 73 -2.34 -2.67 11.06
CA ARG A 73 -1.06 -3.34 10.90
C ARG A 73 -1.26 -4.81 10.54
N GLU A 74 -0.38 -5.33 9.68
CA GLU A 74 -0.46 -6.72 9.25
C GLU A 74 0.90 -7.23 8.81
N VAL A 75 1.23 -8.45 9.24
CA VAL A 75 2.51 -9.06 8.89
C VAL A 75 2.41 -9.86 7.60
N LEU A 76 2.88 -9.27 6.50
CA LEU A 76 2.83 -9.94 5.20
C LEU A 76 4.24 -10.17 4.65
N PRO A 77 4.39 -11.21 3.82
CA PRO A 77 5.68 -11.56 3.22
C PRO A 77 6.13 -10.54 2.18
N SER A 78 7.35 -10.70 1.67
CA SER A 78 7.90 -9.79 0.68
C SER A 78 7.18 -9.95 -0.66
N THR A 79 6.41 -11.03 -0.78
CA THR A 79 5.67 -11.30 -2.01
C THR A 79 4.53 -10.30 -2.19
N ARG A 80 3.77 -10.06 -1.12
CA ARG A 80 2.65 -9.14 -1.18
C ARG A 80 3.15 -7.69 -1.16
N LEU A 81 4.45 -7.52 -0.98
CA LEU A 81 5.04 -6.18 -0.95
C LEU A 81 5.72 -5.85 -2.28
N GLY A 82 5.51 -4.63 -2.76
CA GLY A 82 6.10 -4.22 -4.01
C GLY A 82 6.59 -2.77 -3.97
N THR A 83 7.25 -2.35 -5.04
CA THR A 83 7.76 -0.99 -5.13
C THR A 83 6.64 0.02 -5.32
N LEU A 84 6.47 0.90 -4.33
CA LEU A 84 5.42 1.92 -4.39
C LEU A 84 5.77 3.00 -5.41
N SER A 85 4.94 3.13 -6.44
CA SER A 85 5.16 4.12 -7.48
C SER A 85 5.06 5.54 -6.92
N PRO A 86 5.88 6.45 -7.45
CA PRO A 86 5.90 7.85 -7.01
C PRO A 86 4.63 8.60 -7.42
N ALA A 87 3.90 8.04 -8.38
CA ALA A 87 2.67 8.66 -8.87
C ALA A 87 1.52 8.40 -7.90
N PHE A 88 1.51 7.22 -7.29
CA PHE A 88 0.46 6.85 -6.35
C PHE A 88 0.95 6.97 -4.91
N SER A 89 2.26 7.15 -4.76
CA SER A 89 2.86 7.28 -3.43
C SER A 89 2.18 8.39 -2.63
N THR A 90 1.93 8.12 -1.36
CA THR A 90 1.29 9.10 -0.49
C THR A 90 1.78 10.51 -0.78
N ARG A 91 2.99 10.60 -1.31
CA ARG A 91 3.59 11.90 -1.63
C ARG A 91 2.55 12.83 -2.27
N VAL A 92 1.56 12.24 -2.95
CA VAL A 92 0.51 13.01 -3.59
C VAL A 92 -0.71 13.13 -2.69
N LEU A 93 -1.02 12.05 -1.98
CA LEU A 93 -2.17 12.04 -1.08
C LEU A 93 -1.74 11.72 0.35
N PRO A 94 -2.29 12.48 1.31
CA PRO A 94 -1.98 12.30 2.73
C PRO A 94 -2.55 11.00 3.29
N ALA A 95 -1.77 10.35 4.16
CA ALA A 95 -2.20 9.10 4.77
C ALA A 95 -3.50 9.28 5.55
N GLN A 96 -4.57 8.65 5.06
CA GLN A 96 -5.88 8.75 5.71
C GLN A 96 -5.92 7.89 6.97
N ALA A 97 -4.93 7.01 7.12
CA ALA A 97 -4.85 6.12 8.27
C ALA A 97 -4.87 6.93 9.57
N THR A 98 -5.62 6.42 10.55
CA THR A 98 -5.72 7.09 11.85
C THR A 98 -4.45 6.90 12.67
N GLU A 99 -4.05 5.63 12.84
CA GLU A 99 -2.85 5.32 13.60
C GLU A 99 -1.60 5.45 12.74
N TYR A 100 -1.61 6.44 11.85
CA TYR A 100 -0.48 6.68 10.96
C TYR A 100 0.57 7.57 11.63
N ALA A 101 0.09 8.56 12.37
CA ALA A 101 0.98 9.49 13.07
C ALA A 101 1.71 8.80 14.21
N PHE A 102 0.95 8.34 15.19
CA PHE A 102 1.53 7.66 16.35
C PHE A 102 2.31 6.42 15.92
N ALA A 103 1.94 5.86 14.76
CA ALA A 103 2.60 4.67 14.23
C ALA A 103 4.10 4.92 14.08
N PHE A 104 4.46 6.15 13.75
CA PHE A 104 5.86 6.51 13.57
C PHE A 104 6.21 7.78 14.35
N GLY A 1 -20.23 -6.14 -7.60
CA GLY A 1 -20.48 -5.42 -8.83
C GLY A 1 -19.75 -4.09 -8.88
N SER A 2 -18.85 -3.95 -9.85
CA SER A 2 -18.08 -2.72 -10.01
C SER A 2 -18.86 -1.68 -10.79
N SER A 3 -19.17 -0.56 -10.15
CA SER A 3 -19.92 0.51 -10.79
C SER A 3 -19.01 1.38 -11.64
N GLY A 4 -19.61 2.17 -12.52
CA GLY A 4 -18.83 3.04 -13.38
C GLY A 4 -19.25 4.49 -13.27
N SER A 5 -18.81 5.15 -12.20
CA SER A 5 -19.15 6.55 -11.97
C SER A 5 -18.05 7.25 -11.17
N SER A 6 -17.35 8.17 -11.82
CA SER A 6 -16.28 8.92 -11.16
C SER A 6 -16.82 9.75 -10.01
N GLY A 7 -15.93 10.18 -9.13
CA GLY A 7 -16.34 10.99 -7.99
C GLY A 7 -16.29 10.21 -6.69
N GLY A 8 -15.09 9.90 -6.23
CA GLY A 8 -14.94 9.15 -4.99
C GLY A 8 -14.18 9.93 -3.93
N THR A 9 -13.86 9.26 -2.83
CA THR A 9 -13.12 9.91 -1.74
C THR A 9 -11.67 10.14 -2.13
N GLN A 10 -11.04 11.13 -1.49
CA GLN A 10 -9.65 11.46 -1.76
C GLN A 10 -8.82 10.19 -1.95
N LEU A 11 -8.68 9.42 -0.88
CA LEU A 11 -7.91 8.18 -0.93
C LEU A 11 -8.39 7.28 -2.05
N GLU A 12 -9.71 7.19 -2.20
CA GLU A 12 -10.31 6.36 -3.24
C GLU A 12 -9.80 6.76 -4.63
N LYS A 13 -9.65 8.06 -4.85
CA LYS A 13 -9.17 8.57 -6.12
C LYS A 13 -7.78 8.01 -6.44
N LEU A 14 -6.80 8.41 -5.64
CA LEU A 14 -5.42 7.95 -5.83
C LEU A 14 -5.38 6.43 -6.02
N MET A 15 -5.98 5.71 -5.07
CA MET A 15 -6.01 4.25 -5.13
C MET A 15 -6.64 3.78 -6.44
N GLU A 16 -7.75 4.40 -6.82
CA GLU A 16 -8.45 4.03 -8.05
C GLU A 16 -7.50 4.08 -9.24
N ASN A 17 -6.54 5.00 -9.20
CA ASN A 17 -5.57 5.16 -10.28
C ASN A 17 -4.50 4.07 -10.21
N MET A 18 -3.99 3.82 -9.01
CA MET A 18 -2.97 2.81 -8.80
C MET A 18 -3.51 1.42 -9.15
N ARG A 19 -4.67 1.08 -8.60
CA ARG A 19 -5.28 -0.22 -8.85
C ARG A 19 -5.22 -0.57 -10.34
N ASN A 20 -5.25 0.46 -11.18
CA ASN A 20 -5.19 0.26 -12.63
C ASN A 20 -3.84 -0.32 -13.05
N ASP A 21 -2.81 0.51 -12.98
CA ASP A 21 -1.47 0.10 -13.35
C ASP A 21 -1.00 -1.07 -12.49
N ILE A 22 -1.60 -1.20 -11.31
CA ILE A 22 -1.24 -2.27 -10.39
C ILE A 22 -1.95 -3.58 -10.77
N ALA A 23 -3.17 -3.46 -11.27
CA ALA A 23 -3.94 -4.63 -11.68
C ALA A 23 -3.58 -5.06 -13.10
N SER A 24 -2.99 -4.15 -13.86
CA SER A 24 -2.59 -4.44 -15.23
C SER A 24 -1.13 -4.83 -15.30
N HIS A 25 -0.31 -4.23 -14.43
CA HIS A 25 1.11 -4.52 -14.40
C HIS A 25 1.58 -4.79 -12.98
N PRO A 26 0.91 -5.75 -12.31
CA PRO A 26 1.24 -6.14 -10.94
C PRO A 26 2.73 -6.37 -10.74
N PRO A 27 3.22 -6.09 -9.53
CA PRO A 27 4.64 -6.26 -9.18
C PRO A 27 5.04 -7.73 -9.10
N VAL A 28 6.34 -7.98 -9.16
CA VAL A 28 6.86 -9.34 -9.10
C VAL A 28 6.99 -9.82 -7.65
N GLU A 29 6.23 -10.84 -7.30
CA GLU A 29 6.25 -11.40 -5.96
C GLU A 29 7.66 -11.84 -5.58
N GLY A 30 8.22 -11.22 -4.55
CA GLY A 30 9.56 -11.57 -4.11
C GLY A 30 10.63 -10.76 -4.81
N SER A 31 10.25 -9.60 -5.31
CA SER A 31 11.19 -8.72 -6.02
C SER A 31 11.61 -7.55 -5.13
N TYR A 32 10.63 -6.81 -4.64
CA TYR A 32 10.90 -5.66 -3.79
C TYR A 32 11.32 -6.10 -2.39
N ALA A 33 12.42 -5.55 -1.90
CA ALA A 33 12.93 -5.88 -0.58
C ALA A 33 12.48 -4.86 0.45
N PRO A 34 11.60 -5.30 1.37
CA PRO A 34 11.07 -4.43 2.43
C PRO A 34 12.12 -4.08 3.47
N ARG A 35 12.31 -2.79 3.70
CA ARG A 35 13.30 -2.32 4.67
C ARG A 35 12.62 -1.55 5.81
N ARG A 36 13.04 -1.84 7.04
CA ARG A 36 12.47 -1.18 8.21
C ARG A 36 12.54 0.34 8.06
N GLY A 37 11.39 0.94 7.75
CA GLY A 37 11.33 2.38 7.58
C GLY A 37 11.22 2.79 6.13
N GLU A 38 10.65 1.92 5.31
CA GLU A 38 10.49 2.19 3.88
C GLU A 38 9.03 2.00 3.47
N PHE A 39 8.55 2.89 2.58
CA PHE A 39 7.18 2.82 2.10
C PHE A 39 7.07 1.83 0.94
N CYS A 40 5.88 1.24 0.80
CA CYS A 40 5.64 0.27 -0.27
C CYS A 40 4.17 -0.14 -0.29
N ILE A 41 3.80 -0.91 -1.32
CA ILE A 41 2.42 -1.36 -1.47
C ILE A 41 2.27 -2.80 -1.00
N ALA A 42 1.25 -3.06 -0.19
CA ALA A 42 0.99 -4.39 0.34
C ALA A 42 -0.29 -4.97 -0.24
N LYS A 43 -0.28 -6.26 -0.54
CA LYS A 43 -1.45 -6.93 -1.09
C LYS A 43 -2.40 -7.37 0.01
N PHE A 44 -3.63 -6.87 -0.03
CA PHE A 44 -4.63 -7.22 0.96
C PHE A 44 -5.28 -8.56 0.64
N VAL A 45 -5.82 -9.21 1.67
CA VAL A 45 -6.46 -10.51 1.51
C VAL A 45 -7.41 -10.50 0.32
N ASP A 46 -7.85 -9.31 -0.08
CA ASP A 46 -8.76 -9.16 -1.21
C ASP A 46 -8.00 -8.84 -2.49
N GLY A 47 -6.74 -9.30 -2.56
CA GLY A 47 -5.93 -9.05 -3.73
C GLY A 47 -5.87 -7.58 -4.09
N GLU A 48 -6.19 -6.72 -3.13
CA GLU A 48 -6.18 -5.28 -3.36
C GLU A 48 -4.90 -4.67 -2.81
N TRP A 49 -4.18 -3.94 -3.67
CA TRP A 49 -2.94 -3.30 -3.28
C TRP A 49 -3.21 -2.00 -2.52
N TYR A 50 -2.44 -1.77 -1.46
CA TYR A 50 -2.61 -0.56 -0.66
C TYR A 50 -1.26 -0.05 -0.17
N ARG A 51 -1.21 1.23 0.20
CA ARG A 51 0.02 1.85 0.67
C ARG A 51 0.29 1.44 2.12
N ALA A 52 1.56 1.12 2.41
CA ALA A 52 1.95 0.72 3.75
C ALA A 52 3.44 0.99 3.99
N ARG A 53 3.78 1.32 5.22
CA ARG A 53 5.17 1.61 5.58
C ARG A 53 5.75 0.49 6.44
N VAL A 54 6.83 -0.11 5.97
CA VAL A 54 7.48 -1.20 6.70
C VAL A 54 7.77 -0.79 8.14
N GLU A 55 7.22 -1.57 9.09
CA GLU A 55 7.42 -1.29 10.51
C GLU A 55 8.54 -2.15 11.07
N LYS A 56 8.51 -3.44 10.76
CA LYS A 56 9.52 -4.37 11.24
C LYS A 56 9.68 -5.55 10.29
N VAL A 57 10.84 -5.65 9.66
CA VAL A 57 11.12 -6.73 8.72
C VAL A 57 11.72 -7.93 9.44
N GLU A 58 10.92 -8.98 9.61
CA GLU A 58 11.37 -10.19 10.27
C GLU A 58 12.09 -11.10 9.30
N SER A 59 11.36 -11.61 8.31
CA SER A 59 11.93 -12.51 7.31
C SER A 59 11.20 -12.37 5.98
N PRO A 60 11.85 -12.86 4.91
CA PRO A 60 11.28 -12.79 3.55
C PRO A 60 9.83 -13.27 3.51
N ALA A 61 9.41 -13.98 4.56
CA ALA A 61 8.05 -14.50 4.64
C ALA A 61 7.22 -13.69 5.63
N LYS A 62 7.90 -13.01 6.55
CA LYS A 62 7.22 -12.19 7.55
C LYS A 62 7.74 -10.76 7.53
N ILE A 63 6.86 -9.82 7.16
CA ILE A 63 7.23 -8.41 7.10
C ILE A 63 6.17 -7.54 7.75
N HIS A 64 6.51 -6.97 8.90
CA HIS A 64 5.58 -6.11 9.63
C HIS A 64 5.40 -4.78 8.91
N VAL A 65 4.15 -4.41 8.65
CA VAL A 65 3.85 -3.16 7.98
C VAL A 65 2.59 -2.50 8.55
N PHE A 66 2.32 -1.27 8.13
CA PHE A 66 1.15 -0.55 8.60
C PHE A 66 0.51 0.25 7.47
N TYR A 67 -0.75 -0.05 7.18
CA TYR A 67 -1.48 0.63 6.12
C TYR A 67 -1.70 2.10 6.46
N ILE A 68 -1.01 2.98 5.75
CA ILE A 68 -1.12 4.41 5.97
C ILE A 68 -2.35 4.99 5.26
N ASP A 69 -3.28 4.11 4.89
CA ASP A 69 -4.49 4.52 4.21
C ASP A 69 -5.72 4.31 5.10
N TYR A 70 -5.70 3.24 5.88
CA TYR A 70 -6.80 2.92 6.76
C TYR A 70 -6.40 3.09 8.23
N GLY A 71 -5.24 2.55 8.57
CA GLY A 71 -4.76 2.65 9.94
C GLY A 71 -4.71 1.31 10.65
N ASN A 72 -4.18 0.30 9.97
CA ASN A 72 -4.08 -1.05 10.53
C ASN A 72 -2.72 -1.66 10.24
N ARG A 73 -2.33 -2.63 11.07
CA ARG A 73 -1.05 -3.31 10.89
C ARG A 73 -1.26 -4.78 10.56
N GLU A 74 -0.33 -5.34 9.78
CA GLU A 74 -0.42 -6.75 9.40
C GLU A 74 0.95 -7.27 8.99
N VAL A 75 1.24 -8.51 9.38
CA VAL A 75 2.53 -9.13 9.06
C VAL A 75 2.42 -9.95 7.77
N LEU A 76 2.83 -9.33 6.66
CA LEU A 76 2.79 -10.01 5.37
C LEU A 76 4.19 -10.23 4.83
N PRO A 77 4.35 -11.27 3.99
CA PRO A 77 5.64 -11.61 3.39
C PRO A 77 6.09 -10.58 2.34
N SER A 78 7.31 -10.75 1.85
CA SER A 78 7.86 -9.84 0.85
C SER A 78 7.22 -10.07 -0.52
N THR A 79 6.38 -11.11 -0.59
CA THR A 79 5.70 -11.43 -1.84
C THR A 79 4.51 -10.52 -2.09
N ARG A 80 3.88 -10.08 -1.02
CA ARG A 80 2.73 -9.18 -1.12
C ARG A 80 3.17 -7.72 -1.15
N LEU A 81 4.47 -7.50 -1.02
CA LEU A 81 5.02 -6.14 -1.03
C LEU A 81 5.63 -5.83 -2.39
N GLY A 82 5.50 -4.58 -2.81
CA GLY A 82 6.04 -4.15 -4.09
C GLY A 82 6.51 -2.72 -4.09
N THR A 83 7.16 -2.30 -5.16
CA THR A 83 7.65 -0.93 -5.28
C THR A 83 6.50 0.07 -5.42
N LEU A 84 6.36 0.94 -4.43
CA LEU A 84 5.30 1.94 -4.45
C LEU A 84 5.62 3.06 -5.44
N SER A 85 4.89 3.10 -6.54
CA SER A 85 5.09 4.11 -7.57
C SER A 85 4.99 5.51 -6.98
N PRO A 86 5.80 6.44 -7.50
CA PRO A 86 5.82 7.83 -7.04
C PRO A 86 4.56 8.59 -7.42
N ALA A 87 3.92 8.17 -8.51
CA ALA A 87 2.70 8.79 -8.97
C ALA A 87 1.56 8.59 -7.99
N PHE A 88 1.51 7.39 -7.39
CA PHE A 88 0.47 7.06 -6.43
C PHE A 88 0.99 7.20 -5.00
N SER A 89 2.30 7.32 -4.86
CA SER A 89 2.92 7.46 -3.55
C SER A 89 2.26 8.57 -2.75
N THR A 90 2.04 8.31 -1.46
CA THR A 90 1.41 9.29 -0.58
C THR A 90 1.93 10.69 -0.85
N ARG A 91 3.15 10.77 -1.36
CA ARG A 91 3.76 12.06 -1.66
C ARG A 91 2.75 13.02 -2.27
N VAL A 92 1.76 12.47 -2.97
CA VAL A 92 0.73 13.27 -3.60
C VAL A 92 -0.50 13.39 -2.71
N LEU A 93 -0.83 12.30 -2.01
CA LEU A 93 -1.98 12.29 -1.12
C LEU A 93 -1.56 11.94 0.30
N PRO A 94 -2.10 12.69 1.28
CA PRO A 94 -1.80 12.46 2.70
C PRO A 94 -2.39 11.16 3.22
N ALA A 95 -1.63 10.48 4.08
CA ALA A 95 -2.09 9.22 4.66
C ALA A 95 -3.36 9.41 5.48
N GLN A 96 -4.41 8.69 5.12
CA GLN A 96 -5.68 8.79 5.81
C GLN A 96 -5.68 7.90 7.05
N ALA A 97 -4.61 7.14 7.24
CA ALA A 97 -4.50 6.24 8.39
C ALA A 97 -4.89 6.96 9.67
N THR A 98 -5.31 6.18 10.67
CA THR A 98 -5.72 6.73 11.96
C THR A 98 -4.62 6.56 13.00
N GLU A 99 -3.95 5.42 12.96
CA GLU A 99 -2.88 5.12 13.91
C GLU A 99 -1.53 5.58 13.36
N TYR A 100 -1.56 6.27 12.23
CA TYR A 100 -0.35 6.77 11.60
C TYR A 100 0.32 7.84 12.46
N ALA A 101 -0.48 8.79 12.93
CA ALA A 101 0.04 9.88 13.76
C ALA A 101 1.07 9.36 14.75
N PHE A 102 0.83 8.16 15.28
CA PHE A 102 1.74 7.55 16.24
C PHE A 102 2.66 6.53 15.57
N ALA A 103 2.19 5.99 14.44
CA ALA A 103 2.97 5.02 13.70
C ALA A 103 4.32 5.59 13.27
N PHE A 104 4.32 6.86 12.87
CA PHE A 104 5.53 7.52 12.44
C PHE A 104 5.46 9.03 12.68
N GLY A 1 -11.89 4.13 -22.11
CA GLY A 1 -13.06 4.97 -22.04
C GLY A 1 -13.12 5.78 -20.77
N SER A 2 -13.90 6.86 -20.79
CA SER A 2 -14.03 7.73 -19.62
C SER A 2 -15.44 7.69 -19.06
N SER A 3 -15.61 7.00 -17.94
CA SER A 3 -16.90 6.87 -17.30
C SER A 3 -16.81 7.13 -15.80
N GLY A 4 -17.41 8.23 -15.36
CA GLY A 4 -17.37 8.58 -13.95
C GLY A 4 -18.42 9.60 -13.58
N SER A 5 -19.65 9.15 -13.34
CA SER A 5 -20.74 10.03 -12.97
C SER A 5 -20.33 10.97 -11.85
N SER A 6 -19.94 10.40 -10.72
CA SER A 6 -19.52 11.18 -9.56
C SER A 6 -18.16 10.71 -9.05
N GLY A 7 -17.35 11.66 -8.59
CA GLY A 7 -16.04 11.33 -8.07
C GLY A 7 -16.09 10.70 -6.69
N GLY A 8 -15.01 10.03 -6.29
CA GLY A 8 -14.97 9.40 -4.99
C GLY A 8 -14.21 10.22 -3.98
N THR A 9 -13.69 9.55 -2.95
CA THR A 9 -12.93 10.22 -1.90
C THR A 9 -11.47 10.37 -2.28
N GLN A 10 -10.80 11.36 -1.70
CA GLN A 10 -9.39 11.60 -1.99
C GLN A 10 -8.64 10.30 -2.17
N LEU A 11 -8.48 9.55 -1.08
CA LEU A 11 -7.78 8.28 -1.12
C LEU A 11 -8.33 7.39 -2.23
N GLU A 12 -9.64 7.32 -2.33
CA GLU A 12 -10.29 6.51 -3.36
C GLU A 12 -9.78 6.87 -4.75
N LYS A 13 -9.63 8.17 -4.99
CA LYS A 13 -9.15 8.65 -6.29
C LYS A 13 -7.77 8.10 -6.59
N LEU A 14 -6.78 8.49 -5.81
CA LEU A 14 -5.41 8.03 -6.00
C LEU A 14 -5.38 6.51 -6.16
N MET A 15 -6.01 5.80 -5.24
CA MET A 15 -6.05 4.34 -5.28
C MET A 15 -6.68 3.86 -6.59
N GLU A 16 -7.79 4.49 -6.97
CA GLU A 16 -8.49 4.12 -8.20
C GLU A 16 -7.54 4.13 -9.40
N ASN A 17 -6.51 4.96 -9.31
CA ASN A 17 -5.53 5.07 -10.38
C ASN A 17 -4.46 3.99 -10.26
N MET A 18 -4.01 3.75 -9.04
CA MET A 18 -2.99 2.74 -8.78
C MET A 18 -3.53 1.33 -9.06
N ARG A 19 -4.66 1.01 -8.43
CA ARG A 19 -5.28 -0.29 -8.61
C ARG A 19 -5.30 -0.69 -10.08
N ASN A 20 -5.37 0.30 -10.95
CA ASN A 20 -5.40 0.05 -12.39
C ASN A 20 -4.07 -0.52 -12.87
N ASP A 21 -3.04 0.32 -12.89
CA ASP A 21 -1.72 -0.11 -13.32
C ASP A 21 -1.19 -1.24 -12.44
N ILE A 22 -1.74 -1.34 -11.23
CA ILE A 22 -1.32 -2.38 -10.30
C ILE A 22 -2.03 -3.69 -10.58
N ALA A 23 -3.30 -3.61 -10.99
CA ALA A 23 -4.08 -4.79 -11.30
C ALA A 23 -3.79 -5.29 -12.71
N SER A 24 -3.24 -4.41 -13.55
CA SER A 24 -2.92 -4.76 -14.92
C SER A 24 -1.45 -5.15 -15.05
N HIS A 25 -0.60 -4.50 -14.27
CA HIS A 25 0.83 -4.77 -14.29
C HIS A 25 1.37 -4.98 -12.87
N PRO A 26 0.74 -5.90 -12.14
CA PRO A 26 1.14 -6.22 -10.76
C PRO A 26 2.65 -6.43 -10.62
N PRO A 27 3.19 -6.09 -9.45
CA PRO A 27 4.62 -6.23 -9.17
C PRO A 27 5.04 -7.70 -9.05
N VAL A 28 6.34 -7.94 -9.17
CA VAL A 28 6.87 -9.30 -9.07
C VAL A 28 6.96 -9.76 -7.62
N GLU A 29 6.26 -10.84 -7.31
CA GLU A 29 6.26 -11.39 -5.95
C GLU A 29 7.67 -11.82 -5.55
N GLY A 30 8.20 -11.17 -4.51
CA GLY A 30 9.53 -11.51 -4.04
C GLY A 30 10.61 -10.78 -4.79
N SER A 31 10.29 -9.60 -5.31
CA SER A 31 11.24 -8.80 -6.07
C SER A 31 11.70 -7.59 -5.26
N TYR A 32 10.77 -6.99 -4.54
CA TYR A 32 11.07 -5.81 -3.72
C TYR A 32 11.47 -6.22 -2.30
N ALA A 33 12.59 -5.68 -1.83
CA ALA A 33 13.08 -5.99 -0.50
C ALA A 33 12.65 -4.91 0.51
N PRO A 34 11.75 -5.29 1.42
CA PRO A 34 11.23 -4.37 2.45
C PRO A 34 12.29 -4.03 3.48
N ARG A 35 12.44 -2.73 3.76
CA ARG A 35 13.41 -2.26 4.74
C ARG A 35 12.73 -1.47 5.86
N ARG A 36 13.29 -1.54 7.05
CA ARG A 36 12.74 -0.82 8.20
C ARG A 36 12.72 0.67 7.95
N GLY A 37 11.52 1.24 7.84
CA GLY A 37 11.38 2.67 7.59
C GLY A 37 11.29 2.99 6.12
N GLU A 38 10.70 2.09 5.35
CA GLU A 38 10.54 2.29 3.90
C GLU A 38 9.09 2.13 3.48
N PHE A 39 8.67 2.94 2.52
CA PHE A 39 7.30 2.89 2.02
C PHE A 39 7.18 1.93 0.85
N CYS A 40 6.00 1.33 0.70
CA CYS A 40 5.75 0.39 -0.38
C CYS A 40 4.27 0.00 -0.44
N ILE A 41 3.92 -0.85 -1.39
CA ILE A 41 2.54 -1.30 -1.55
C ILE A 41 2.38 -2.74 -1.07
N ALA A 42 1.33 -2.97 -0.28
CA ALA A 42 1.04 -4.31 0.24
C ALA A 42 -0.26 -4.86 -0.34
N LYS A 43 -0.30 -6.17 -0.54
CA LYS A 43 -1.48 -6.82 -1.08
C LYS A 43 -2.42 -7.27 0.04
N PHE A 44 -3.67 -6.83 -0.03
CA PHE A 44 -4.66 -7.18 0.98
C PHE A 44 -5.29 -8.54 0.67
N VAL A 45 -5.79 -9.19 1.71
CA VAL A 45 -6.42 -10.50 1.56
C VAL A 45 -7.41 -10.49 0.39
N ASP A 46 -7.86 -9.30 0.01
CA ASP A 46 -8.81 -9.15 -1.09
C ASP A 46 -8.09 -8.83 -2.39
N GLY A 47 -6.83 -9.25 -2.49
CA GLY A 47 -6.05 -8.99 -3.68
C GLY A 47 -6.02 -7.52 -4.05
N GLU A 48 -6.13 -6.65 -3.04
CA GLU A 48 -6.12 -5.22 -3.26
C GLU A 48 -4.84 -4.59 -2.70
N TRP A 49 -4.09 -3.92 -3.55
CA TRP A 49 -2.86 -3.27 -3.15
C TRP A 49 -3.13 -1.97 -2.41
N TYR A 50 -2.34 -1.68 -1.39
CA TYR A 50 -2.51 -0.46 -0.61
C TYR A 50 -1.16 0.07 -0.14
N ARG A 51 -1.10 1.36 0.17
CA ARG A 51 0.12 1.99 0.63
C ARG A 51 0.40 1.64 2.10
N ALA A 52 1.64 1.24 2.37
CA ALA A 52 2.03 0.87 3.72
C ALA A 52 3.52 1.14 3.95
N ARG A 53 3.87 1.46 5.20
CA ARG A 53 5.25 1.75 5.54
C ARG A 53 5.84 0.63 6.41
N VAL A 54 6.92 0.02 5.93
CA VAL A 54 7.57 -1.05 6.67
C VAL A 54 7.87 -0.64 8.11
N GLU A 55 7.30 -1.37 9.06
CA GLU A 55 7.50 -1.07 10.47
C GLU A 55 8.62 -1.95 11.05
N LYS A 56 8.58 -3.24 10.72
CA LYS A 56 9.58 -4.17 11.20
C LYS A 56 9.71 -5.37 10.26
N VAL A 57 10.89 -5.51 9.65
CA VAL A 57 11.13 -6.61 8.73
C VAL A 57 11.72 -7.82 9.45
N GLU A 58 10.89 -8.85 9.64
CA GLU A 58 11.32 -10.06 10.32
C GLU A 58 12.03 -11.00 9.36
N SER A 59 11.29 -11.51 8.37
CA SER A 59 11.85 -12.42 7.39
C SER A 59 11.14 -12.28 6.05
N PRO A 60 11.77 -12.78 4.98
CA PRO A 60 11.22 -12.72 3.63
C PRO A 60 9.76 -13.18 3.57
N ALA A 61 9.33 -13.87 4.62
CA ALA A 61 7.97 -14.37 4.69
C ALA A 61 7.12 -13.54 5.67
N LYS A 62 7.80 -12.87 6.59
CA LYS A 62 7.13 -12.04 7.58
C LYS A 62 7.67 -10.61 7.55
N ILE A 63 6.82 -9.66 7.22
CA ILE A 63 7.20 -8.26 7.16
C ILE A 63 6.17 -7.36 7.81
N HIS A 64 6.51 -6.81 8.97
CA HIS A 64 5.60 -5.93 9.70
C HIS A 64 5.44 -4.59 8.98
N VAL A 65 4.20 -4.24 8.67
CA VAL A 65 3.91 -2.99 7.97
C VAL A 65 2.64 -2.34 8.52
N PHE A 66 2.39 -1.10 8.12
CA PHE A 66 1.21 -0.36 8.56
C PHE A 66 0.59 0.41 7.40
N TYR A 67 -0.68 0.13 7.14
CA TYR A 67 -1.40 0.80 6.07
C TYR A 67 -1.62 2.28 6.38
N ILE A 68 -0.94 3.14 5.63
CA ILE A 68 -1.04 4.58 5.83
C ILE A 68 -2.28 5.13 5.11
N ASP A 69 -3.21 4.26 4.80
CA ASP A 69 -4.44 4.66 4.11
C ASP A 69 -5.66 4.43 5.01
N TYR A 70 -5.64 3.33 5.75
CA TYR A 70 -6.75 2.99 6.64
C TYR A 70 -6.34 3.17 8.10
N GLY A 71 -5.11 2.78 8.42
CA GLY A 71 -4.62 2.91 9.78
C GLY A 71 -4.59 1.58 10.52
N ASN A 72 -4.10 0.54 9.84
CA ASN A 72 -4.03 -0.79 10.43
C ASN A 72 -2.64 -1.39 10.24
N ARG A 73 -2.38 -2.51 10.92
CA ARG A 73 -1.09 -3.18 10.82
C ARG A 73 -1.29 -4.66 10.50
N GLU A 74 -0.44 -5.18 9.61
CA GLU A 74 -0.52 -6.58 9.22
C GLU A 74 0.85 -7.11 8.82
N VAL A 75 1.18 -8.31 9.28
CA VAL A 75 2.47 -8.93 8.97
C VAL A 75 2.39 -9.75 7.68
N LEU A 76 2.81 -9.14 6.58
CA LEU A 76 2.79 -9.79 5.28
C LEU A 76 4.21 -10.05 4.78
N PRO A 77 4.36 -11.09 3.94
CA PRO A 77 5.66 -11.47 3.38
C PRO A 77 6.16 -10.45 2.36
N SER A 78 7.37 -10.67 1.85
CA SER A 78 7.96 -9.78 0.87
C SER A 78 7.32 -9.98 -0.50
N THR A 79 6.43 -10.96 -0.60
CA THR A 79 5.75 -11.25 -1.85
C THR A 79 4.62 -10.27 -2.10
N ARG A 80 3.83 -10.01 -1.07
CA ARG A 80 2.70 -9.09 -1.18
C ARG A 80 3.19 -7.64 -1.17
N LEU A 81 4.49 -7.47 -1.03
CA LEU A 81 5.09 -6.13 -1.01
C LEU A 81 5.76 -5.81 -2.33
N GLY A 82 5.58 -4.58 -2.81
CA GLY A 82 6.17 -4.17 -4.07
C GLY A 82 6.61 -2.72 -4.06
N THR A 83 7.32 -2.31 -5.11
CA THR A 83 7.80 -0.93 -5.21
C THR A 83 6.65 0.04 -5.40
N LEU A 84 6.51 0.98 -4.47
CA LEU A 84 5.45 1.98 -4.53
C LEU A 84 5.76 3.05 -5.56
N SER A 85 5.04 3.02 -6.67
CA SER A 85 5.25 3.99 -7.75
C SER A 85 5.16 5.42 -7.21
N PRO A 86 5.98 6.31 -7.79
CA PRO A 86 6.01 7.72 -7.39
C PRO A 86 4.74 8.47 -7.78
N ALA A 87 4.01 7.91 -8.74
CA ALA A 87 2.78 8.52 -9.21
C ALA A 87 1.64 8.28 -8.23
N PHE A 88 1.65 7.12 -7.59
CA PHE A 88 0.61 6.76 -6.63
C PHE A 88 1.12 6.90 -5.20
N SER A 89 2.38 7.31 -5.06
CA SER A 89 2.99 7.49 -3.76
C SER A 89 2.27 8.59 -2.96
N THR A 90 2.16 8.37 -1.65
CA THR A 90 1.49 9.35 -0.79
C THR A 90 1.97 10.76 -1.07
N ARG A 91 3.20 10.86 -1.58
CA ARG A 91 3.78 12.17 -1.89
C ARG A 91 2.74 13.09 -2.52
N VAL A 92 1.78 12.49 -3.22
CA VAL A 92 0.73 13.26 -3.88
C VAL A 92 -0.49 13.41 -2.97
N LEU A 93 -0.79 12.36 -2.22
CA LEU A 93 -1.93 12.38 -1.30
C LEU A 93 -1.49 12.02 0.11
N PRO A 94 -2.01 12.79 1.10
CA PRO A 94 -1.69 12.57 2.51
C PRO A 94 -2.31 11.29 3.05
N ALA A 95 -1.56 10.59 3.90
CA ALA A 95 -2.03 9.35 4.50
C ALA A 95 -3.31 9.57 5.29
N GLN A 96 -4.36 8.85 4.93
CA GLN A 96 -5.64 8.98 5.60
C GLN A 96 -5.70 8.10 6.85
N ALA A 97 -4.64 7.32 7.04
CA ALA A 97 -4.57 6.42 8.20
C ALA A 97 -4.86 7.17 9.49
N THR A 98 -5.42 6.46 10.46
CA THR A 98 -5.76 7.05 11.75
C THR A 98 -4.65 6.83 12.77
N GLU A 99 -4.13 5.62 12.81
CA GLU A 99 -3.05 5.28 13.75
C GLU A 99 -1.69 5.57 13.14
N TYR A 100 -1.69 6.23 11.98
CA TYR A 100 -0.46 6.57 11.28
C TYR A 100 0.44 7.42 12.16
N ALA A 101 -0.18 8.28 12.97
CA ALA A 101 0.57 9.16 13.86
C ALA A 101 1.28 8.35 14.95
N PHE A 102 0.56 7.41 15.55
CA PHE A 102 1.12 6.58 16.61
C PHE A 102 2.05 5.53 16.03
N ALA A 103 1.78 5.11 14.80
CA ALA A 103 2.60 4.10 14.13
C ALA A 103 4.02 4.61 13.91
N PHE A 104 4.14 5.88 13.55
CA PHE A 104 5.44 6.49 13.30
C PHE A 104 5.55 7.85 13.99
N GLY A 1 -23.57 4.82 -19.94
CA GLY A 1 -24.26 5.35 -18.78
C GLY A 1 -23.69 6.67 -18.30
N SER A 2 -24.42 7.35 -17.42
CA SER A 2 -23.97 8.63 -16.89
C SER A 2 -23.00 8.44 -15.73
N SER A 3 -22.06 7.53 -15.91
CA SER A 3 -21.07 7.24 -14.87
C SER A 3 -20.48 8.53 -14.31
N GLY A 4 -20.08 8.48 -13.04
CA GLY A 4 -19.51 9.66 -12.40
C GLY A 4 -18.02 9.79 -12.67
N SER A 5 -17.51 11.01 -12.52
CA SER A 5 -16.09 11.28 -12.74
C SER A 5 -15.50 12.11 -11.61
N SER A 6 -16.06 13.30 -11.41
CA SER A 6 -15.59 14.20 -10.36
C SER A 6 -16.20 13.83 -9.02
N GLY A 7 -16.27 12.53 -8.74
CA GLY A 7 -16.84 12.07 -7.49
C GLY A 7 -16.00 10.98 -6.85
N GLY A 8 -15.84 11.07 -5.53
CA GLY A 8 -15.05 10.07 -4.81
C GLY A 8 -14.23 10.68 -3.70
N THR A 9 -13.62 9.84 -2.88
CA THR A 9 -12.80 10.30 -1.76
C THR A 9 -11.33 10.35 -2.14
N GLN A 10 -10.61 11.29 -1.55
CA GLN A 10 -9.19 11.46 -1.83
C GLN A 10 -8.53 10.10 -2.08
N LEU A 11 -8.52 9.26 -1.06
CA LEU A 11 -7.93 7.93 -1.17
C LEU A 11 -8.50 7.17 -2.36
N GLU A 12 -9.82 7.21 -2.51
CA GLU A 12 -10.49 6.53 -3.60
C GLU A 12 -9.92 6.98 -4.95
N LYS A 13 -9.65 8.26 -5.07
CA LYS A 13 -9.09 8.81 -6.30
C LYS A 13 -7.71 8.23 -6.60
N LEU A 14 -6.77 8.47 -5.68
CA LEU A 14 -5.42 7.96 -5.85
C LEU A 14 -5.41 6.44 -5.98
N MET A 15 -5.93 5.76 -4.95
CA MET A 15 -5.98 4.30 -4.95
C MET A 15 -6.60 3.79 -6.25
N GLU A 16 -7.57 4.52 -6.78
CA GLU A 16 -8.23 4.13 -8.01
C GLU A 16 -7.24 4.12 -9.18
N ASN A 17 -6.38 5.12 -9.23
CA ASN A 17 -5.38 5.22 -10.29
C ASN A 17 -4.32 4.12 -10.15
N MET A 18 -3.90 3.87 -8.92
CA MET A 18 -2.90 2.85 -8.65
C MET A 18 -3.45 1.46 -8.92
N ARG A 19 -4.57 1.12 -8.27
CA ARG A 19 -5.19 -0.18 -8.45
C ARG A 19 -5.26 -0.55 -9.93
N ASN A 20 -5.37 0.45 -10.78
CA ASN A 20 -5.45 0.23 -12.23
C ASN A 20 -4.14 -0.35 -12.75
N ASP A 21 -3.10 0.48 -12.79
CA ASP A 21 -1.79 0.06 -13.28
C ASP A 21 -1.26 -1.10 -12.44
N ILE A 22 -1.75 -1.20 -11.21
CA ILE A 22 -1.32 -2.27 -10.31
C ILE A 22 -2.04 -3.58 -10.62
N ALA A 23 -3.31 -3.47 -10.98
CA ALA A 23 -4.10 -4.65 -11.31
C ALA A 23 -3.84 -5.12 -12.74
N SER A 24 -3.31 -4.22 -13.57
CA SER A 24 -3.01 -4.54 -14.96
C SER A 24 -1.55 -4.94 -15.11
N HIS A 25 -0.68 -4.32 -14.33
CA HIS A 25 0.75 -4.62 -14.38
C HIS A 25 1.30 -4.87 -12.98
N PRO A 26 0.68 -5.81 -12.26
CA PRO A 26 1.10 -6.17 -10.91
C PRO A 26 2.59 -6.41 -10.79
N PRO A 27 3.16 -6.07 -9.63
CA PRO A 27 4.60 -6.23 -9.38
C PRO A 27 5.01 -7.69 -9.26
N VAL A 28 6.30 -7.96 -9.39
CA VAL A 28 6.81 -9.32 -9.30
C VAL A 28 6.89 -9.79 -7.85
N GLU A 29 6.19 -10.88 -7.55
CA GLU A 29 6.18 -11.42 -6.20
C GLU A 29 7.58 -11.84 -5.77
N GLY A 30 8.10 -11.19 -4.73
CA GLY A 30 9.43 -11.52 -4.24
C GLY A 30 10.51 -10.76 -4.96
N SER A 31 10.19 -9.55 -5.41
CA SER A 31 11.15 -8.71 -6.13
C SER A 31 11.61 -7.54 -5.26
N TYR A 32 10.65 -6.83 -4.69
CA TYR A 32 10.95 -5.67 -3.84
C TYR A 32 11.33 -6.13 -2.44
N ALA A 33 12.48 -5.64 -1.96
CA ALA A 33 12.96 -5.99 -0.62
C ALA A 33 12.53 -4.93 0.40
N PRO A 34 11.63 -5.32 1.31
CA PRO A 34 11.13 -4.42 2.35
C PRO A 34 12.19 -4.11 3.40
N ARG A 35 12.40 -2.82 3.66
CA ARG A 35 13.39 -2.39 4.64
C ARG A 35 12.72 -1.64 5.78
N ARG A 36 13.32 -1.73 6.97
CA ARG A 36 12.79 -1.07 8.15
C ARG A 36 12.71 0.45 7.94
N GLY A 37 11.49 0.97 7.84
CA GLY A 37 11.31 2.40 7.64
C GLY A 37 11.25 2.77 6.17
N GLU A 38 10.66 1.89 5.37
CA GLU A 38 10.53 2.13 3.93
C GLU A 38 9.08 1.96 3.48
N PHE A 39 8.65 2.84 2.58
CA PHE A 39 7.29 2.79 2.06
C PHE A 39 7.17 1.80 0.90
N CYS A 40 5.99 1.22 0.74
CA CYS A 40 5.76 0.26 -0.34
C CYS A 40 4.30 -0.16 -0.38
N ILE A 41 3.92 -0.87 -1.43
CA ILE A 41 2.55 -1.34 -1.59
C ILE A 41 2.39 -2.78 -1.11
N ALA A 42 1.36 -3.03 -0.32
CA ALA A 42 1.10 -4.36 0.19
C ALA A 42 -0.19 -4.94 -0.38
N LYS A 43 -0.23 -6.26 -0.52
CA LYS A 43 -1.41 -6.94 -1.07
C LYS A 43 -2.35 -7.36 0.04
N PHE A 44 -3.61 -6.96 -0.07
CA PHE A 44 -4.62 -7.30 0.92
C PHE A 44 -5.22 -8.67 0.65
N VAL A 45 -5.75 -9.31 1.69
CA VAL A 45 -6.36 -10.62 1.55
C VAL A 45 -7.29 -10.68 0.34
N ASP A 46 -7.81 -9.52 -0.05
CA ASP A 46 -8.71 -9.44 -1.19
C ASP A 46 -7.95 -9.08 -2.46
N GLY A 47 -6.67 -9.46 -2.50
CA GLY A 47 -5.85 -9.18 -3.66
C GLY A 47 -5.86 -7.71 -4.03
N GLU A 48 -6.01 -6.85 -3.03
CA GLU A 48 -6.04 -5.41 -3.25
C GLU A 48 -4.78 -4.75 -2.72
N TRP A 49 -4.06 -4.06 -3.60
CA TRP A 49 -2.83 -3.38 -3.22
C TRP A 49 -3.13 -2.08 -2.48
N TYR A 50 -2.35 -1.81 -1.44
CA TYR A 50 -2.54 -0.59 -0.65
C TYR A 50 -1.21 -0.05 -0.15
N ARG A 51 -1.16 1.24 0.13
CA ARG A 51 0.06 1.88 0.62
C ARG A 51 0.34 1.48 2.06
N ALA A 52 1.60 1.16 2.34
CA ALA A 52 2.00 0.77 3.69
C ALA A 52 3.48 1.05 3.93
N ARG A 53 3.82 1.34 5.18
CA ARG A 53 5.21 1.63 5.54
C ARG A 53 5.79 0.50 6.40
N VAL A 54 6.89 -0.07 5.95
CA VAL A 54 7.55 -1.15 6.68
C VAL A 54 7.84 -0.74 8.11
N GLU A 55 7.31 -1.50 9.05
CA GLU A 55 7.51 -1.22 10.47
C GLU A 55 8.63 -2.09 11.04
N LYS A 56 8.62 -3.37 10.69
CA LYS A 56 9.63 -4.31 11.16
C LYS A 56 9.76 -5.49 10.21
N VAL A 57 10.92 -5.61 9.58
CA VAL A 57 11.17 -6.70 8.64
C VAL A 57 11.80 -7.90 9.35
N GLU A 58 10.99 -8.94 9.58
CA GLU A 58 11.47 -10.14 10.25
C GLU A 58 12.17 -11.07 9.26
N SER A 59 11.41 -11.58 8.30
CA SER A 59 11.97 -12.49 7.30
C SER A 59 11.22 -12.36 5.97
N PRO A 60 11.84 -12.84 4.89
CA PRO A 60 11.25 -12.78 3.54
C PRO A 60 9.80 -13.26 3.53
N ALA A 61 9.40 -13.96 4.58
CA ALA A 61 8.05 -14.48 4.68
C ALA A 61 7.22 -13.66 5.68
N LYS A 62 7.91 -12.96 6.57
CA LYS A 62 7.25 -12.13 7.58
C LYS A 62 7.76 -10.71 7.53
N ILE A 63 6.89 -9.77 7.16
CA ILE A 63 7.26 -8.36 7.08
C ILE A 63 6.21 -7.49 7.75
N HIS A 64 6.55 -6.93 8.90
CA HIS A 64 5.65 -6.07 9.65
C HIS A 64 5.47 -4.72 8.94
N VAL A 65 4.22 -4.37 8.66
CA VAL A 65 3.91 -3.11 7.99
C VAL A 65 2.65 -2.47 8.55
N PHE A 66 2.38 -1.24 8.13
CA PHE A 66 1.19 -0.53 8.59
C PHE A 66 0.56 0.26 7.45
N TYR A 67 -0.69 -0.06 7.16
CA TYR A 67 -1.42 0.62 6.08
C TYR A 67 -1.64 2.08 6.42
N ILE A 68 -0.97 2.96 5.68
CA ILE A 68 -1.10 4.40 5.90
C ILE A 68 -2.32 4.96 5.18
N ASP A 69 -3.27 4.08 4.87
CA ASP A 69 -4.49 4.48 4.19
C ASP A 69 -5.71 4.31 5.09
N TYR A 70 -5.70 3.24 5.88
CA TYR A 70 -6.80 2.94 6.78
C TYR A 70 -6.36 3.10 8.24
N GLY A 71 -5.17 2.58 8.55
CA GLY A 71 -4.66 2.68 9.90
C GLY A 71 -4.64 1.33 10.61
N ASN A 72 -4.16 0.31 9.90
CA ASN A 72 -4.09 -1.03 10.47
C ASN A 72 -2.75 -1.68 10.16
N ARG A 73 -2.31 -2.58 11.05
CA ARG A 73 -1.04 -3.27 10.86
C ARG A 73 -1.26 -4.73 10.52
N GLU A 74 -0.35 -5.29 9.71
CA GLU A 74 -0.46 -6.69 9.30
C GLU A 74 0.92 -7.23 8.90
N VAL A 75 1.19 -8.47 9.29
CA VAL A 75 2.47 -9.11 8.98
C VAL A 75 2.36 -9.91 7.68
N LEU A 76 2.85 -9.33 6.59
CA LEU A 76 2.81 -10.00 5.29
C LEU A 76 4.23 -10.23 4.75
N PRO A 77 4.38 -11.27 3.93
CA PRO A 77 5.68 -11.61 3.33
C PRO A 77 6.13 -10.59 2.29
N SER A 78 7.36 -10.76 1.81
CA SER A 78 7.92 -9.84 0.81
C SER A 78 7.29 -10.08 -0.55
N THR A 79 6.46 -11.11 -0.65
CA THR A 79 5.80 -11.45 -1.90
C THR A 79 4.62 -10.53 -2.16
N ARG A 80 3.98 -10.06 -1.09
CA ARG A 80 2.84 -9.18 -1.20
C ARG A 80 3.29 -7.72 -1.23
N LEU A 81 4.57 -7.49 -1.05
CA LEU A 81 5.13 -6.14 -1.06
C LEU A 81 5.78 -5.82 -2.40
N GLY A 82 5.56 -4.61 -2.89
CA GLY A 82 6.13 -4.20 -4.16
C GLY A 82 6.61 -2.76 -4.15
N THR A 83 7.25 -2.34 -5.24
CA THR A 83 7.75 -0.98 -5.35
C THR A 83 6.61 0.02 -5.50
N LEU A 84 6.47 0.89 -4.51
CA LEU A 84 5.41 1.90 -4.53
C LEU A 84 5.75 3.01 -5.53
N SER A 85 5.01 3.03 -6.64
CA SER A 85 5.23 4.04 -7.67
C SER A 85 5.14 5.44 -7.09
N PRO A 86 5.96 6.36 -7.63
CA PRO A 86 5.99 7.75 -7.17
C PRO A 86 4.73 8.52 -7.56
N ALA A 87 3.98 7.97 -8.52
CA ALA A 87 2.75 8.60 -8.97
C ALA A 87 1.60 8.33 -8.00
N PHE A 88 1.64 7.16 -7.37
CA PHE A 88 0.59 6.78 -6.42
C PHE A 88 1.07 6.97 -4.99
N SER A 89 2.38 7.14 -4.82
CA SER A 89 2.97 7.33 -3.51
C SER A 89 2.25 8.43 -2.73
N THR A 90 2.09 8.23 -1.43
CA THR A 90 1.42 9.21 -0.59
C THR A 90 1.88 10.63 -0.90
N ARG A 91 3.12 10.75 -1.36
CA ARG A 91 3.67 12.06 -1.70
C ARG A 91 2.62 12.94 -2.36
N VAL A 92 1.68 12.31 -3.07
CA VAL A 92 0.62 13.04 -3.75
C VAL A 92 -0.62 13.15 -2.87
N LEU A 93 -0.91 12.08 -2.13
CA LEU A 93 -2.07 12.05 -1.24
C LEU A 93 -1.65 11.76 0.19
N PRO A 94 -2.22 12.52 1.14
CA PRO A 94 -1.92 12.35 2.57
C PRO A 94 -2.47 11.05 3.13
N ALA A 95 -1.70 10.41 4.00
CA ALA A 95 -2.11 9.16 4.61
C ALA A 95 -3.43 9.32 5.38
N GLN A 96 -4.46 8.62 4.94
CA GLN A 96 -5.77 8.69 5.58
C GLN A 96 -5.82 7.78 6.81
N ALA A 97 -4.70 7.14 7.11
CA ALA A 97 -4.62 6.24 8.25
C ALA A 97 -4.97 6.97 9.55
N THR A 98 -5.52 6.23 10.51
CA THR A 98 -5.89 6.81 11.79
C THR A 98 -4.77 6.65 12.82
N GLU A 99 -4.20 5.45 12.88
CA GLU A 99 -3.12 5.19 13.83
C GLU A 99 -1.78 5.57 13.23
N TYR A 100 -1.81 6.24 12.08
CA TYR A 100 -0.60 6.67 11.41
C TYR A 100 0.15 7.71 12.24
N ALA A 101 -0.58 8.71 12.73
CA ALA A 101 0.01 9.76 13.55
C ALA A 101 0.93 9.18 14.62
N PHE A 102 0.48 8.10 15.25
CA PHE A 102 1.25 7.44 16.30
C PHE A 102 2.13 6.34 15.71
N ALA A 103 1.70 5.79 14.59
CA ALA A 103 2.44 4.72 13.92
C ALA A 103 3.91 5.08 13.78
N PHE A 104 4.17 6.34 13.41
CA PHE A 104 5.54 6.82 13.23
C PHE A 104 5.73 8.19 13.87
N GLY A 1 -19.21 26.30 -0.10
CA GLY A 1 -17.97 25.54 -0.15
C GLY A 1 -18.20 24.10 -0.55
N SER A 2 -18.73 23.30 0.37
CA SER A 2 -18.98 21.89 0.11
C SER A 2 -20.39 21.49 0.56
N SER A 3 -20.73 21.86 1.80
CA SER A 3 -22.04 21.55 2.35
C SER A 3 -22.28 20.05 2.34
N GLY A 4 -21.26 19.27 2.71
CA GLY A 4 -21.40 17.83 2.72
C GLY A 4 -20.26 17.14 2.00
N SER A 5 -20.03 15.86 2.32
CA SER A 5 -18.97 15.09 1.69
C SER A 5 -19.55 13.95 0.86
N SER A 6 -19.78 14.23 -0.43
CA SER A 6 -20.34 13.23 -1.33
C SER A 6 -19.42 13.04 -2.54
N GLY A 7 -19.77 12.05 -3.36
CA GLY A 7 -18.97 11.77 -4.55
C GLY A 7 -17.73 10.94 -4.24
N GLY A 8 -16.70 11.09 -5.06
CA GLY A 8 -15.48 10.35 -4.85
C GLY A 8 -14.72 10.80 -3.62
N THR A 9 -13.69 10.04 -3.25
CA THR A 9 -12.89 10.37 -2.07
C THR A 9 -11.41 10.45 -2.42
N GLN A 10 -10.72 11.43 -1.86
CA GLN A 10 -9.30 11.61 -2.11
C GLN A 10 -8.60 10.27 -2.31
N LEU A 11 -8.64 9.43 -1.28
CA LEU A 11 -8.01 8.11 -1.34
C LEU A 11 -8.56 7.31 -2.51
N GLU A 12 -9.87 7.38 -2.71
CA GLU A 12 -10.51 6.65 -3.81
C GLU A 12 -9.94 7.08 -5.16
N LYS A 13 -9.62 8.36 -5.28
CA LYS A 13 -9.06 8.90 -6.52
C LYS A 13 -7.67 8.32 -6.79
N LEU A 14 -6.77 8.51 -5.84
CA LEU A 14 -5.40 8.01 -5.98
C LEU A 14 -5.40 6.49 -6.10
N MET A 15 -5.99 5.82 -5.11
CA MET A 15 -6.06 4.36 -5.12
C MET A 15 -6.65 3.85 -6.42
N GLU A 16 -7.58 4.61 -6.99
CA GLU A 16 -8.23 4.23 -8.25
C GLU A 16 -7.23 4.23 -9.39
N ASN A 17 -6.30 5.18 -9.37
CA ASN A 17 -5.29 5.29 -10.41
C ASN A 17 -4.23 4.20 -10.26
N MET A 18 -3.91 3.85 -9.02
CA MET A 18 -2.93 2.82 -8.73
C MET A 18 -3.50 1.43 -8.99
N ARG A 19 -4.63 1.14 -8.36
CA ARG A 19 -5.29 -0.16 -8.52
C ARG A 19 -5.32 -0.56 -9.99
N ASN A 20 -5.37 0.42 -10.88
CA ASN A 20 -5.41 0.16 -12.32
C ASN A 20 -4.10 -0.45 -12.79
N ASP A 21 -3.05 0.36 -12.82
CA ASP A 21 -1.74 -0.10 -13.26
C ASP A 21 -1.23 -1.24 -12.37
N ILE A 22 -1.78 -1.31 -11.15
CA ILE A 22 -1.38 -2.34 -10.21
C ILE A 22 -2.11 -3.65 -10.49
N ALA A 23 -3.37 -3.54 -10.90
CA ALA A 23 -4.18 -4.71 -11.20
C ALA A 23 -3.90 -5.23 -12.61
N SER A 24 -3.35 -4.36 -13.45
CA SER A 24 -3.03 -4.73 -14.83
C SER A 24 -1.57 -5.14 -14.95
N HIS A 25 -0.71 -4.50 -14.17
CA HIS A 25 0.72 -4.81 -14.18
C HIS A 25 1.25 -5.04 -12.78
N PRO A 26 0.61 -5.97 -12.05
CA PRO A 26 0.99 -6.30 -10.67
C PRO A 26 2.49 -6.54 -10.54
N PRO A 27 3.03 -6.22 -9.35
CA PRO A 27 4.46 -6.40 -9.06
C PRO A 27 4.87 -7.86 -8.97
N VAL A 28 6.17 -8.12 -9.05
CA VAL A 28 6.69 -9.48 -8.98
C VAL A 28 6.72 -9.98 -7.54
N GLU A 29 5.98 -11.05 -7.28
CA GLU A 29 5.93 -11.62 -5.94
C GLU A 29 7.30 -12.10 -5.50
N GLY A 30 7.95 -11.32 -4.63
CA GLY A 30 9.27 -11.69 -4.14
C GLY A 30 10.38 -10.95 -4.87
N SER A 31 10.16 -9.67 -5.14
CA SER A 31 11.15 -8.85 -5.84
C SER A 31 11.59 -7.67 -4.98
N TYR A 32 10.62 -6.82 -4.63
CA TYR A 32 10.91 -5.64 -3.82
C TYR A 32 11.36 -6.05 -2.41
N ALA A 33 12.49 -5.51 -1.98
CA ALA A 33 13.03 -5.80 -0.67
C ALA A 33 12.61 -4.76 0.36
N PRO A 34 11.74 -5.17 1.30
CA PRO A 34 11.24 -4.28 2.35
C PRO A 34 12.32 -3.91 3.36
N ARG A 35 12.37 -2.62 3.71
CA ARG A 35 13.37 -2.14 4.67
C ARG A 35 12.69 -1.34 5.77
N ARG A 36 13.18 -1.51 7.00
CA ARG A 36 12.63 -0.81 8.15
C ARG A 36 12.59 0.69 7.90
N GLY A 37 11.39 1.24 7.79
CA GLY A 37 11.25 2.67 7.55
C GLY A 37 11.19 3.01 6.08
N GLU A 38 10.52 2.17 5.30
CA GLU A 38 10.39 2.38 3.87
C GLU A 38 8.95 2.18 3.41
N PHE A 39 8.48 3.06 2.54
CA PHE A 39 7.12 2.98 2.02
C PHE A 39 7.02 1.93 0.91
N CYS A 40 5.87 1.30 0.80
CA CYS A 40 5.64 0.28 -0.22
C CYS A 40 4.18 -0.13 -0.27
N ILE A 41 3.82 -0.92 -1.27
CA ILE A 41 2.44 -1.38 -1.43
C ILE A 41 2.29 -2.82 -0.96
N ALA A 42 1.28 -3.05 -0.12
CA ALA A 42 1.02 -4.38 0.42
C ALA A 42 -0.30 -4.93 -0.11
N LYS A 43 -0.28 -6.18 -0.55
CA LYS A 43 -1.48 -6.83 -1.07
C LYS A 43 -2.39 -7.28 0.06
N PHE A 44 -3.66 -6.91 -0.02
CA PHE A 44 -4.64 -7.28 1.00
C PHE A 44 -5.23 -8.66 0.70
N VAL A 45 -5.74 -9.30 1.75
CA VAL A 45 -6.34 -10.64 1.60
C VAL A 45 -7.38 -10.64 0.48
N ASP A 46 -7.94 -9.48 0.19
CA ASP A 46 -8.94 -9.37 -0.87
C ASP A 46 -8.28 -9.07 -2.22
N GLY A 47 -6.99 -9.35 -2.31
CA GLY A 47 -6.25 -9.11 -3.54
C GLY A 47 -6.25 -7.64 -3.94
N GLU A 48 -6.13 -6.77 -2.95
CA GLU A 48 -6.12 -5.33 -3.20
C GLU A 48 -4.86 -4.69 -2.64
N TRP A 49 -4.11 -4.01 -3.51
CA TRP A 49 -2.88 -3.35 -3.11
C TRP A 49 -3.16 -2.05 -2.36
N TYR A 50 -2.39 -1.78 -1.31
CA TYR A 50 -2.56 -0.57 -0.52
C TYR A 50 -1.21 -0.02 -0.06
N ARG A 51 -1.18 1.27 0.24
CA ARG A 51 0.04 1.92 0.69
C ARG A 51 0.35 1.56 2.14
N ALA A 52 1.59 1.17 2.40
CA ALA A 52 2.00 0.79 3.75
C ALA A 52 3.48 1.09 3.97
N ARG A 53 3.84 1.43 5.20
CA ARG A 53 5.22 1.74 5.54
C ARG A 53 5.83 0.64 6.41
N VAL A 54 6.88 0.02 5.91
CA VAL A 54 7.55 -1.06 6.64
C VAL A 54 7.85 -0.64 8.08
N GLU A 55 7.35 -1.42 9.03
CA GLU A 55 7.56 -1.13 10.44
C GLU A 55 8.67 -2.00 11.01
N LYS A 56 8.68 -3.27 10.64
CA LYS A 56 9.68 -4.22 11.11
C LYS A 56 9.82 -5.40 10.16
N VAL A 57 10.99 -5.53 9.55
CA VAL A 57 11.24 -6.62 8.61
C VAL A 57 11.87 -7.82 9.32
N GLU A 58 11.07 -8.85 9.54
CA GLU A 58 11.55 -10.06 10.21
C GLU A 58 12.26 -10.98 9.23
N SER A 59 11.49 -11.52 8.28
CA SER A 59 12.04 -12.43 7.28
C SER A 59 11.31 -12.28 5.95
N PRO A 60 11.94 -12.78 4.87
CA PRO A 60 11.36 -12.70 3.53
C PRO A 60 9.92 -13.18 3.49
N ALA A 61 9.50 -13.87 4.54
CA ALA A 61 8.14 -14.38 4.64
C ALA A 61 7.31 -13.58 5.63
N LYS A 62 8.00 -12.88 6.53
CA LYS A 62 7.34 -12.07 7.54
C LYS A 62 7.85 -10.62 7.50
N ILE A 63 6.97 -9.71 7.11
CA ILE A 63 7.33 -8.29 7.03
C ILE A 63 6.28 -7.42 7.70
N HIS A 64 6.62 -6.87 8.86
CA HIS A 64 5.71 -6.02 9.61
C HIS A 64 5.53 -4.67 8.91
N VAL A 65 4.29 -4.32 8.62
CA VAL A 65 3.99 -3.06 7.95
C VAL A 65 2.74 -2.41 8.54
N PHE A 66 2.45 -1.18 8.10
CA PHE A 66 1.29 -0.46 8.58
C PHE A 66 0.61 0.30 7.44
N TYR A 67 -0.64 -0.04 7.17
CA TYR A 67 -1.40 0.60 6.11
C TYR A 67 -1.64 2.07 6.42
N ILE A 68 -0.95 2.94 5.70
CA ILE A 68 -1.09 4.39 5.89
C ILE A 68 -2.33 4.93 5.18
N ASP A 69 -3.22 4.02 4.79
CA ASP A 69 -4.45 4.40 4.10
C ASP A 69 -5.66 4.20 4.99
N TYR A 70 -5.60 3.19 5.85
CA TYR A 70 -6.69 2.87 6.76
C TYR A 70 -6.28 3.09 8.21
N GLY A 71 -5.10 2.58 8.57
CA GLY A 71 -4.61 2.71 9.92
C GLY A 71 -4.54 1.40 10.66
N ASN A 72 -4.06 0.36 9.98
CA ASN A 72 -3.94 -0.96 10.57
C ASN A 72 -2.62 -1.62 10.19
N ARG A 73 -2.17 -2.56 11.01
CA ARG A 73 -0.93 -3.26 10.76
C ARG A 73 -1.19 -4.71 10.35
N GLU A 74 -0.22 -5.32 9.66
CA GLU A 74 -0.35 -6.70 9.22
C GLU A 74 1.01 -7.27 8.81
N VAL A 75 1.31 -8.46 9.31
CA VAL A 75 2.57 -9.11 9.01
C VAL A 75 2.48 -9.92 7.72
N LEU A 76 2.92 -9.32 6.62
CA LEU A 76 2.89 -9.99 5.32
C LEU A 76 4.29 -10.18 4.76
N PRO A 77 4.47 -11.22 3.93
CA PRO A 77 5.76 -11.52 3.31
C PRO A 77 6.18 -10.48 2.28
N SER A 78 7.39 -10.64 1.75
CA SER A 78 7.91 -9.72 0.74
C SER A 78 7.21 -9.92 -0.60
N THR A 79 6.46 -11.01 -0.70
CA THR A 79 5.75 -11.33 -1.94
C THR A 79 4.59 -10.36 -2.16
N ARG A 80 3.83 -10.11 -1.11
CA ARG A 80 2.68 -9.21 -1.19
C ARG A 80 3.14 -7.75 -1.19
N LEU A 81 4.44 -7.55 -1.06
CA LEU A 81 5.01 -6.20 -1.04
C LEU A 81 5.64 -5.86 -2.39
N GLY A 82 5.45 -4.61 -2.82
CA GLY A 82 6.00 -4.18 -4.09
C GLY A 82 6.44 -2.73 -4.07
N THR A 83 7.07 -2.28 -5.15
CA THR A 83 7.55 -0.92 -5.25
C THR A 83 6.39 0.06 -5.46
N LEU A 84 6.22 0.98 -4.51
CA LEU A 84 5.15 1.96 -4.59
C LEU A 84 5.49 3.06 -5.60
N SER A 85 4.75 3.09 -6.70
CA SER A 85 4.97 4.09 -7.74
C SER A 85 4.89 5.50 -7.17
N PRO A 86 5.72 6.41 -7.72
CA PRO A 86 5.77 7.80 -7.28
C PRO A 86 4.52 8.58 -7.66
N ALA A 87 3.80 8.07 -8.65
CA ALA A 87 2.57 8.72 -9.12
C ALA A 87 1.41 8.43 -8.17
N PHE A 88 1.51 7.33 -7.44
CA PHE A 88 0.48 6.94 -6.49
C PHE A 88 0.96 7.09 -5.05
N SER A 89 2.26 7.32 -4.89
CA SER A 89 2.85 7.48 -3.56
C SER A 89 2.12 8.55 -2.77
N THR A 90 2.03 8.36 -1.46
CA THR A 90 1.37 9.32 -0.59
C THR A 90 1.88 10.74 -0.82
N ARG A 91 3.03 10.84 -1.47
CA ARG A 91 3.63 12.14 -1.76
C ARG A 91 2.61 13.08 -2.37
N VAL A 92 1.62 12.52 -3.05
CA VAL A 92 0.58 13.32 -3.69
C VAL A 92 -0.66 13.42 -2.80
N LEU A 93 -0.99 12.32 -2.13
CA LEU A 93 -2.14 12.28 -1.24
C LEU A 93 -1.73 11.94 0.19
N PRO A 94 -2.32 12.66 1.16
CA PRO A 94 -2.02 12.45 2.58
C PRO A 94 -2.56 11.12 3.10
N ALA A 95 -1.80 10.49 3.97
CA ALA A 95 -2.20 9.20 4.55
C ALA A 95 -3.50 9.34 5.32
N GLN A 96 -4.54 8.67 4.83
CA GLN A 96 -5.85 8.71 5.47
C GLN A 96 -5.91 7.75 6.66
N ALA A 97 -4.79 7.07 6.91
CA ALA A 97 -4.72 6.12 8.01
C ALA A 97 -4.99 6.80 9.35
N THR A 98 -5.61 6.07 10.27
CA THR A 98 -5.95 6.59 11.58
C THR A 98 -4.75 6.49 12.52
N GLU A 99 -4.22 5.27 12.67
CA GLU A 99 -3.08 5.05 13.55
C GLU A 99 -1.76 5.32 12.81
N TYR A 100 -1.80 6.27 11.89
CA TYR A 100 -0.62 6.63 11.12
C TYR A 100 0.29 7.57 11.91
N ALA A 101 -0.31 8.33 12.82
CA ALA A 101 0.44 9.28 13.64
C ALA A 101 1.12 8.56 14.81
N PHE A 102 0.35 7.73 15.52
CA PHE A 102 0.89 6.99 16.66
C PHE A 102 1.45 5.64 16.21
N ALA A 103 2.15 5.64 15.08
CA ALA A 103 2.74 4.42 14.55
C ALA A 103 4.23 4.60 14.30
N PHE A 104 4.64 5.83 14.04
CA PHE A 104 6.05 6.14 13.79
C PHE A 104 6.50 7.35 14.60
N GLY A 1 -10.29 0.65 -19.96
CA GLY A 1 -10.66 0.87 -18.57
C GLY A 1 -12.16 0.91 -18.37
N SER A 2 -12.59 1.59 -17.31
CA SER A 2 -14.02 1.69 -17.02
C SER A 2 -14.59 3.01 -17.53
N SER A 3 -14.07 4.11 -17.03
CA SER A 3 -14.52 5.44 -17.43
C SER A 3 -13.41 6.47 -17.30
N GLY A 4 -13.65 7.67 -17.83
CA GLY A 4 -12.66 8.72 -17.76
C GLY A 4 -13.00 9.79 -16.74
N SER A 5 -12.94 9.42 -15.46
CA SER A 5 -13.26 10.35 -14.39
C SER A 5 -12.78 9.80 -13.04
N SER A 6 -12.96 10.60 -12.00
CA SER A 6 -12.54 10.20 -10.66
C SER A 6 -13.33 10.96 -9.59
N GLY A 7 -13.76 10.24 -8.56
CA GLY A 7 -14.52 10.87 -7.48
C GLY A 7 -14.50 10.05 -6.21
N GLY A 8 -15.55 10.19 -5.41
CA GLY A 8 -15.63 9.45 -4.16
C GLY A 8 -14.89 10.15 -3.03
N THR A 9 -13.63 9.76 -2.81
CA THR A 9 -12.82 10.35 -1.76
C THR A 9 -11.37 10.49 -2.20
N GLN A 10 -10.65 11.41 -1.57
CA GLN A 10 -9.24 11.63 -1.89
C GLN A 10 -8.51 10.31 -2.07
N LEU A 11 -8.35 9.57 -0.98
CA LEU A 11 -7.67 8.28 -1.02
C LEU A 11 -8.26 7.37 -2.09
N GLU A 12 -9.59 7.37 -2.17
CA GLU A 12 -10.28 6.55 -3.15
C GLU A 12 -9.80 6.86 -4.56
N LYS A 13 -9.64 8.15 -4.86
CA LYS A 13 -9.18 8.58 -6.17
C LYS A 13 -7.80 8.02 -6.48
N LEU A 14 -6.80 8.45 -5.72
CA LEU A 14 -5.43 8.00 -5.91
C LEU A 14 -5.39 6.47 -6.05
N MET A 15 -6.02 5.78 -5.12
CA MET A 15 -6.06 4.32 -5.15
C MET A 15 -6.68 3.81 -6.44
N GLU A 16 -7.78 4.44 -6.85
CA GLU A 16 -8.47 4.05 -8.08
C GLU A 16 -7.52 4.07 -9.27
N ASN A 17 -6.54 4.96 -9.23
CA ASN A 17 -5.56 5.09 -10.30
C ASN A 17 -4.48 4.01 -10.18
N MET A 18 -4.00 3.80 -8.96
CA MET A 18 -2.96 2.80 -8.72
C MET A 18 -3.50 1.39 -8.98
N ARG A 19 -4.59 1.05 -8.32
CA ARG A 19 -5.21 -0.27 -8.50
C ARG A 19 -5.27 -0.66 -9.96
N ASN A 20 -5.39 0.34 -10.82
CA ASN A 20 -5.46 0.11 -12.26
C ASN A 20 -4.14 -0.44 -12.80
N ASP A 21 -3.12 0.42 -12.83
CA ASP A 21 -1.80 0.01 -13.31
C ASP A 21 -1.23 -1.12 -12.46
N ILE A 22 -1.75 -1.25 -11.24
CA ILE A 22 -1.29 -2.28 -10.33
C ILE A 22 -1.98 -3.61 -10.62
N ALA A 23 -3.25 -3.54 -10.98
CA ALA A 23 -4.02 -4.74 -11.29
C ALA A 23 -3.77 -5.21 -12.72
N SER A 24 -3.28 -4.30 -13.55
CA SER A 24 -3.00 -4.61 -14.96
C SER A 24 -1.54 -5.03 -15.14
N HIS A 25 -0.66 -4.47 -14.32
CA HIS A 25 0.76 -4.79 -14.38
C HIS A 25 1.33 -5.03 -12.99
N PRO A 26 0.69 -5.93 -12.24
CA PRO A 26 1.11 -6.28 -10.88
C PRO A 26 2.61 -6.56 -10.80
N PRO A 27 3.21 -6.20 -9.65
CA PRO A 27 4.64 -6.41 -9.41
C PRO A 27 5.00 -7.87 -9.26
N VAL A 28 6.29 -8.19 -9.39
CA VAL A 28 6.76 -9.56 -9.27
C VAL A 28 6.96 -9.94 -7.80
N GLU A 29 6.31 -11.02 -7.39
CA GLU A 29 6.42 -11.49 -6.01
C GLU A 29 7.86 -11.79 -5.65
N GLY A 30 8.39 -11.05 -4.68
CA GLY A 30 9.76 -11.25 -4.25
C GLY A 30 10.74 -10.38 -5.02
N SER A 31 10.25 -9.28 -5.56
CA SER A 31 11.09 -8.36 -6.33
C SER A 31 11.54 -7.19 -5.47
N TYR A 32 10.61 -6.65 -4.68
CA TYR A 32 10.91 -5.52 -3.81
C TYR A 32 11.32 -6.01 -2.42
N ALA A 33 12.44 -5.48 -1.92
CA ALA A 33 12.95 -5.85 -0.61
C ALA A 33 12.54 -4.82 0.44
N PRO A 34 11.65 -5.23 1.36
CA PRO A 34 11.16 -4.37 2.43
C PRO A 34 12.24 -4.06 3.47
N ARG A 35 12.33 -2.79 3.87
CA ARG A 35 13.32 -2.37 4.85
C ARG A 35 12.67 -1.54 5.96
N ARG A 36 13.22 -1.64 7.16
CA ARG A 36 12.69 -0.90 8.31
C ARG A 36 12.68 0.60 8.03
N GLY A 37 11.48 1.16 7.91
CA GLY A 37 11.35 2.58 7.65
C GLY A 37 11.28 2.89 6.16
N GLU A 38 10.70 1.98 5.40
CA GLU A 38 10.56 2.16 3.96
C GLU A 38 9.11 2.01 3.52
N PHE A 39 8.68 2.89 2.62
CA PHE A 39 7.31 2.87 2.11
C PHE A 39 7.19 1.91 0.94
N CYS A 40 6.01 1.31 0.78
CA CYS A 40 5.76 0.37 -0.30
C CYS A 40 4.30 -0.06 -0.32
N ILE A 41 3.92 -0.79 -1.36
CA ILE A 41 2.54 -1.27 -1.50
C ILE A 41 2.42 -2.72 -1.04
N ALA A 42 1.35 -3.00 -0.31
CA ALA A 42 1.11 -4.35 0.21
C ALA A 42 -0.18 -4.93 -0.38
N LYS A 43 -0.19 -6.24 -0.59
CA LYS A 43 -1.35 -6.93 -1.13
C LYS A 43 -2.28 -7.40 -0.03
N PHE A 44 -3.52 -6.92 -0.06
CA PHE A 44 -4.51 -7.29 0.94
C PHE A 44 -5.15 -8.63 0.61
N VAL A 45 -5.67 -9.30 1.64
CA VAL A 45 -6.31 -10.60 1.45
C VAL A 45 -7.19 -10.61 0.20
N ASP A 46 -7.74 -9.44 -0.13
CA ASP A 46 -8.60 -9.31 -1.30
C ASP A 46 -7.78 -8.94 -2.54
N GLY A 47 -6.53 -9.39 -2.56
CA GLY A 47 -5.66 -9.09 -3.69
C GLY A 47 -5.65 -7.62 -4.05
N GLU A 48 -5.94 -6.76 -3.06
CA GLU A 48 -5.97 -5.32 -3.28
C GLU A 48 -4.70 -4.67 -2.73
N TRP A 49 -3.98 -3.98 -3.60
CA TRP A 49 -2.75 -3.30 -3.21
C TRP A 49 -3.05 -2.00 -2.46
N TYR A 50 -2.28 -1.73 -1.42
CA TYR A 50 -2.48 -0.52 -0.63
C TYR A 50 -1.14 0.02 -0.13
N ARG A 51 -1.10 1.32 0.15
CA ARG A 51 0.12 1.96 0.64
C ARG A 51 0.38 1.60 2.10
N ALA A 52 1.63 1.26 2.40
CA ALA A 52 2.02 0.89 3.75
C ALA A 52 3.50 1.17 4.00
N ARG A 53 3.85 1.43 5.26
CA ARG A 53 5.23 1.71 5.62
C ARG A 53 5.80 0.59 6.48
N VAL A 54 6.88 -0.02 6.00
CA VAL A 54 7.52 -1.11 6.74
C VAL A 54 7.82 -0.70 8.17
N GLU A 55 7.23 -1.43 9.12
CA GLU A 55 7.43 -1.15 10.54
C GLU A 55 8.53 -2.03 11.12
N LYS A 56 8.55 -3.29 10.69
CA LYS A 56 9.56 -4.24 11.17
C LYS A 56 9.70 -5.40 10.21
N VAL A 57 10.91 -5.60 9.68
CA VAL A 57 11.17 -6.68 8.74
C VAL A 57 11.77 -7.90 9.47
N GLU A 58 10.95 -8.92 9.66
CA GLU A 58 11.39 -10.14 10.33
C GLU A 58 12.10 -11.08 9.35
N SER A 59 11.37 -11.52 8.33
CA SER A 59 11.93 -12.42 7.33
C SER A 59 11.21 -12.26 6.00
N PRO A 60 11.85 -12.74 4.91
CA PRO A 60 11.29 -12.66 3.57
C PRO A 60 9.84 -13.13 3.51
N ALA A 61 9.42 -13.85 4.54
CA ALA A 61 8.06 -14.36 4.62
C ALA A 61 7.22 -13.56 5.62
N LYS A 62 7.89 -12.90 6.54
CA LYS A 62 7.22 -12.10 7.55
C LYS A 62 7.73 -10.66 7.54
N ILE A 63 6.89 -9.74 7.13
CA ILE A 63 7.26 -8.32 7.08
C ILE A 63 6.20 -7.45 7.73
N HIS A 64 6.52 -6.91 8.91
CA HIS A 64 5.58 -6.05 9.64
C HIS A 64 5.43 -4.71 8.93
N VAL A 65 4.19 -4.35 8.62
CA VAL A 65 3.90 -3.09 7.95
C VAL A 65 2.64 -2.45 8.49
N PHE A 66 2.42 -1.18 8.15
CA PHE A 66 1.25 -0.44 8.61
C PHE A 66 0.62 0.35 7.47
N TYR A 67 -0.61 0.00 7.12
CA TYR A 67 -1.32 0.70 6.04
C TYR A 67 -1.53 2.16 6.38
N ILE A 68 -0.86 3.04 5.65
CA ILE A 68 -0.98 4.47 5.87
C ILE A 68 -2.21 5.04 5.16
N ASP A 69 -3.15 4.16 4.83
CA ASP A 69 -4.38 4.57 4.16
C ASP A 69 -5.58 4.41 5.08
N TYR A 70 -5.61 3.31 5.83
CA TYR A 70 -6.72 3.04 6.75
C TYR A 70 -6.27 3.20 8.19
N GLY A 71 -5.03 2.80 8.47
CA GLY A 71 -4.50 2.91 9.82
C GLY A 71 -4.49 1.60 10.55
N ASN A 72 -4.05 0.53 9.86
CA ASN A 72 -4.00 -0.80 10.44
C ASN A 72 -2.63 -1.42 10.23
N ARG A 73 -2.39 -2.54 10.89
CA ARG A 73 -1.11 -3.25 10.77
C ARG A 73 -1.33 -4.72 10.41
N GLU A 74 -0.40 -5.27 9.63
CA GLU A 74 -0.49 -6.66 9.21
C GLU A 74 0.88 -7.20 8.82
N VAL A 75 1.19 -8.41 9.28
CA VAL A 75 2.47 -9.04 8.99
C VAL A 75 2.40 -9.84 7.69
N LEU A 76 2.83 -9.23 6.60
CA LEU A 76 2.82 -9.89 5.29
C LEU A 76 4.24 -10.10 4.78
N PRO A 77 4.41 -11.13 3.94
CA PRO A 77 5.71 -11.47 3.35
C PRO A 77 6.17 -10.44 2.34
N SER A 78 7.37 -10.64 1.80
CA SER A 78 7.93 -9.73 0.81
C SER A 78 7.24 -9.90 -0.55
N THR A 79 6.46 -10.97 -0.67
CA THR A 79 5.75 -11.24 -1.91
C THR A 79 4.61 -10.27 -2.12
N ARG A 80 3.83 -10.03 -1.07
CA ARG A 80 2.70 -9.11 -1.15
C ARG A 80 3.18 -7.67 -1.16
N LEU A 81 4.49 -7.47 -0.98
CA LEU A 81 5.07 -6.14 -0.98
C LEU A 81 5.74 -5.83 -2.31
N GLY A 82 5.53 -4.61 -2.80
CA GLY A 82 6.11 -4.21 -4.07
C GLY A 82 6.60 -2.77 -4.05
N THR A 83 7.27 -2.37 -5.13
CA THR A 83 7.78 -1.00 -5.23
C THR A 83 6.66 0.00 -5.43
N LEU A 84 6.50 0.90 -4.47
CA LEU A 84 5.46 1.92 -4.54
C LEU A 84 5.81 2.99 -5.57
N SER A 85 5.07 3.01 -6.67
CA SER A 85 5.31 3.99 -7.73
C SER A 85 5.21 5.42 -7.19
N PRO A 86 6.05 6.31 -7.74
CA PRO A 86 6.07 7.72 -7.33
C PRO A 86 4.82 8.47 -7.76
N ALA A 87 4.06 7.88 -8.68
CA ALA A 87 2.84 8.50 -9.16
C ALA A 87 1.67 8.24 -8.21
N PHE A 88 1.71 7.11 -7.52
CA PHE A 88 0.66 6.75 -6.58
C PHE A 88 1.15 6.90 -5.14
N SER A 89 2.45 7.12 -4.98
CA SER A 89 3.05 7.29 -3.66
C SER A 89 2.38 8.42 -2.89
N THR A 90 2.22 8.23 -1.58
CA THR A 90 1.60 9.24 -0.74
C THR A 90 2.12 10.64 -1.08
N ARG A 91 3.30 10.70 -1.68
CA ARG A 91 3.91 11.97 -2.05
C ARG A 91 2.88 12.90 -2.66
N VAL A 92 1.88 12.32 -3.33
CA VAL A 92 0.82 13.11 -3.96
C VAL A 92 -0.37 13.28 -3.03
N LEU A 93 -0.68 12.25 -2.27
CA LEU A 93 -1.79 12.29 -1.33
C LEU A 93 -1.33 11.92 0.08
N PRO A 94 -1.80 12.69 1.08
CA PRO A 94 -1.45 12.46 2.48
C PRO A 94 -2.08 11.19 3.03
N ALA A 95 -1.32 10.46 3.85
CA ALA A 95 -1.81 9.22 4.45
C ALA A 95 -3.09 9.47 5.24
N GLN A 96 -4.15 8.77 4.88
CA GLN A 96 -5.43 8.91 5.56
C GLN A 96 -5.53 7.93 6.73
N ALA A 97 -4.50 7.12 6.92
CA ALA A 97 -4.47 6.14 7.99
C ALA A 97 -4.80 6.80 9.33
N THR A 98 -5.61 6.12 10.14
CA THR A 98 -6.00 6.63 11.44
C THR A 98 -4.82 6.63 12.41
N GLU A 99 -4.23 5.46 12.62
CA GLU A 99 -3.10 5.32 13.52
C GLU A 99 -1.79 5.62 12.80
N TYR A 100 -1.86 6.51 11.81
CA TYR A 100 -0.68 6.89 11.04
C TYR A 100 0.29 7.70 11.89
N ALA A 101 -0.23 8.68 12.62
CA ALA A 101 0.59 9.51 13.48
C ALA A 101 1.29 8.68 14.55
N PHE A 102 0.53 7.80 15.19
CA PHE A 102 1.06 6.95 16.25
C PHE A 102 1.81 5.76 15.65
N ALA A 103 1.49 5.41 14.41
CA ALA A 103 2.13 4.30 13.73
C ALA A 103 3.65 4.44 13.76
N PHE A 104 4.13 5.66 13.53
CA PHE A 104 5.57 5.92 13.53
C PHE A 104 5.90 7.08 14.47
N GLY A 1 -16.27 -3.41 9.36
CA GLY A 1 -15.80 -2.23 10.06
C GLY A 1 -16.75 -1.05 9.88
N SER A 2 -16.60 -0.34 8.76
CA SER A 2 -17.43 0.82 8.49
C SER A 2 -17.86 0.84 7.03
N SER A 3 -19.17 0.96 6.80
CA SER A 3 -19.72 0.98 5.44
C SER A 3 -20.85 2.00 5.34
N GLY A 4 -20.78 2.84 4.31
CA GLY A 4 -21.80 3.85 4.10
C GLY A 4 -21.96 4.23 2.64
N SER A 5 -22.37 5.47 2.40
CA SER A 5 -22.56 5.95 1.05
C SER A 5 -21.75 7.23 0.79
N SER A 6 -21.22 7.35 -0.41
CA SER A 6 -20.42 8.52 -0.77
C SER A 6 -20.13 8.54 -2.27
N GLY A 7 -19.73 9.71 -2.78
CA GLY A 7 -19.42 9.83 -4.20
C GLY A 7 -17.97 9.59 -4.50
N GLY A 8 -17.09 10.13 -3.66
CA GLY A 8 -15.67 9.96 -3.85
C GLY A 8 -14.86 10.31 -2.62
N THR A 9 -13.57 9.96 -2.63
CA THR A 9 -12.70 10.24 -1.50
C THR A 9 -11.23 10.30 -1.94
N GLN A 10 -10.48 11.24 -1.37
CA GLN A 10 -9.08 11.39 -1.71
C GLN A 10 -8.43 10.05 -1.99
N LEU A 11 -8.52 9.14 -1.03
CA LEU A 11 -7.93 7.80 -1.17
C LEU A 11 -8.58 7.06 -2.33
N GLU A 12 -9.88 7.25 -2.51
CA GLU A 12 -10.61 6.59 -3.59
C GLU A 12 -10.08 7.04 -4.94
N LYS A 13 -9.60 8.27 -5.01
CA LYS A 13 -9.07 8.83 -6.25
C LYS A 13 -7.69 8.26 -6.55
N LEU A 14 -6.74 8.49 -5.64
CA LEU A 14 -5.38 8.00 -5.81
C LEU A 14 -5.37 6.50 -6.00
N MET A 15 -5.99 5.77 -5.08
CA MET A 15 -6.05 4.32 -5.15
C MET A 15 -6.68 3.87 -6.46
N GLU A 16 -7.64 4.65 -6.95
CA GLU A 16 -8.33 4.33 -8.20
C GLU A 16 -7.36 4.35 -9.38
N ASN A 17 -6.37 5.24 -9.30
CA ASN A 17 -5.38 5.36 -10.36
C ASN A 17 -4.33 4.26 -10.25
N MET A 18 -3.94 3.94 -9.03
CA MET A 18 -2.95 2.90 -8.79
C MET A 18 -3.52 1.52 -9.09
N ARG A 19 -4.64 1.20 -8.46
CA ARG A 19 -5.29 -0.10 -8.66
C ARG A 19 -5.30 -0.47 -10.14
N ASN A 20 -5.34 0.53 -11.01
CA ASN A 20 -5.34 0.31 -12.44
C ASN A 20 -4.02 -0.29 -12.91
N ASP A 21 -2.98 0.53 -12.90
CA ASP A 21 -1.66 0.07 -13.32
C ASP A 21 -1.17 -1.08 -12.46
N ILE A 22 -1.74 -1.18 -11.25
CA ILE A 22 -1.35 -2.25 -10.33
C ILE A 22 -2.09 -3.55 -10.64
N ALA A 23 -3.35 -3.42 -11.06
CA ALA A 23 -4.16 -4.58 -11.40
C ALA A 23 -3.87 -5.05 -12.82
N SER A 24 -3.27 -4.18 -13.63
CA SER A 24 -2.96 -4.51 -15.00
C SER A 24 -1.48 -4.90 -15.14
N HIS A 25 -0.63 -4.26 -14.34
CA HIS A 25 0.79 -4.55 -14.37
C HIS A 25 1.33 -4.79 -12.96
N PRO A 26 0.70 -5.71 -12.23
CA PRO A 26 1.10 -6.06 -10.86
C PRO A 26 2.60 -6.28 -10.73
N PRO A 27 3.13 -5.96 -9.54
CA PRO A 27 4.57 -6.12 -9.26
C PRO A 27 4.98 -7.58 -9.16
N VAL A 28 6.28 -7.83 -9.25
CA VAL A 28 6.81 -9.19 -9.16
C VAL A 28 6.97 -9.63 -7.72
N GLU A 29 6.33 -10.75 -7.38
CA GLU A 29 6.39 -11.28 -6.03
C GLU A 29 7.82 -11.71 -5.67
N GLY A 30 8.34 -11.14 -4.58
CA GLY A 30 9.69 -11.47 -4.16
C GLY A 30 10.74 -10.67 -4.90
N SER A 31 10.33 -9.54 -5.47
CA SER A 31 11.25 -8.69 -6.21
C SER A 31 11.67 -7.48 -5.38
N TYR A 32 10.71 -6.87 -4.70
CA TYR A 32 10.98 -5.71 -3.86
C TYR A 32 11.39 -6.13 -2.46
N ALA A 33 12.52 -5.61 -1.99
CA ALA A 33 13.01 -5.93 -0.66
C ALA A 33 12.57 -4.90 0.36
N PRO A 34 11.69 -5.32 1.28
CA PRO A 34 11.15 -4.44 2.32
C PRO A 34 12.21 -4.07 3.37
N ARG A 35 12.36 -2.77 3.60
CA ARG A 35 13.35 -2.29 4.57
C ARG A 35 12.65 -1.57 5.72
N ARG A 36 13.19 -1.74 6.93
CA ARG A 36 12.63 -1.12 8.12
C ARG A 36 12.60 0.40 7.97
N GLY A 37 11.40 0.95 7.78
CA GLY A 37 11.26 2.38 7.63
C GLY A 37 11.10 2.80 6.18
N GLU A 38 10.71 1.86 5.33
CA GLU A 38 10.53 2.13 3.91
C GLU A 38 9.07 1.95 3.50
N PHE A 39 8.62 2.78 2.57
CA PHE A 39 7.24 2.71 2.09
C PHE A 39 7.12 1.73 0.91
N CYS A 40 5.95 1.15 0.76
CA CYS A 40 5.71 0.19 -0.32
C CYS A 40 4.23 -0.21 -0.36
N ILE A 41 3.86 -0.97 -1.39
CA ILE A 41 2.49 -1.42 -1.55
C ILE A 41 2.33 -2.87 -1.07
N ALA A 42 1.30 -3.11 -0.27
CA ALA A 42 1.03 -4.44 0.25
C ALA A 42 -0.26 -5.01 -0.32
N LYS A 43 -0.27 -6.31 -0.58
CA LYS A 43 -1.44 -6.98 -1.13
C LYS A 43 -2.35 -7.48 -0.02
N PHE A 44 -3.58 -6.97 0.01
CA PHE A 44 -4.55 -7.38 1.02
C PHE A 44 -5.21 -8.70 0.64
N VAL A 45 -5.68 -9.43 1.65
CA VAL A 45 -6.33 -10.71 1.44
C VAL A 45 -7.32 -10.64 0.28
N ASP A 46 -7.78 -9.43 -0.03
CA ASP A 46 -8.73 -9.22 -1.11
C ASP A 46 -8.00 -8.89 -2.42
N GLY A 47 -6.74 -9.33 -2.52
CA GLY A 47 -5.96 -9.07 -3.70
C GLY A 47 -5.90 -7.59 -4.05
N GLU A 48 -6.22 -6.74 -3.08
CA GLU A 48 -6.21 -5.30 -3.29
C GLU A 48 -4.93 -4.69 -2.73
N TRP A 49 -4.21 -3.97 -3.58
CA TRP A 49 -2.96 -3.33 -3.17
C TRP A 49 -3.24 -2.05 -2.38
N TYR A 50 -2.44 -1.83 -1.34
CA TYR A 50 -2.61 -0.64 -0.50
C TYR A 50 -1.25 -0.12 -0.03
N ARG A 51 -1.22 1.17 0.31
CA ARG A 51 0.02 1.80 0.78
C ARG A 51 0.31 1.41 2.22
N ALA A 52 1.55 1.00 2.49
CA ALA A 52 1.95 0.60 3.83
C ALA A 52 3.43 0.88 4.06
N ARG A 53 3.77 1.33 5.25
CA ARG A 53 5.16 1.62 5.60
C ARG A 53 5.76 0.52 6.46
N VAL A 54 6.86 -0.07 5.99
CA VAL A 54 7.53 -1.13 6.71
C VAL A 54 7.82 -0.72 8.16
N GLU A 55 7.26 -1.46 9.11
CA GLU A 55 7.46 -1.16 10.52
C GLU A 55 8.59 -2.02 11.09
N LYS A 56 8.56 -3.31 10.78
CA LYS A 56 9.58 -4.23 11.27
C LYS A 56 9.71 -5.43 10.33
N VAL A 57 10.86 -5.53 9.68
CA VAL A 57 11.12 -6.64 8.76
C VAL A 57 11.79 -7.81 9.47
N GLU A 58 11.04 -8.89 9.66
CA GLU A 58 11.56 -10.08 10.32
C GLU A 58 12.30 -10.98 9.35
N SER A 59 11.57 -11.48 8.36
CA SER A 59 12.15 -12.36 7.35
C SER A 59 11.42 -12.23 6.01
N PRO A 60 12.02 -12.78 4.95
CA PRO A 60 11.44 -12.73 3.61
C PRO A 60 9.98 -13.14 3.60
N ALA A 61 9.55 -13.79 4.66
CA ALA A 61 8.16 -14.25 4.77
C ALA A 61 7.40 -13.45 5.83
N LYS A 62 8.15 -12.85 6.75
CA LYS A 62 7.55 -12.04 7.81
C LYS A 62 7.98 -10.59 7.71
N ILE A 63 7.06 -9.72 7.30
CA ILE A 63 7.34 -8.31 7.16
C ILE A 63 6.26 -7.46 7.82
N HIS A 64 6.58 -6.92 8.99
CA HIS A 64 5.64 -6.09 9.74
C HIS A 64 5.45 -4.74 9.05
N VAL A 65 4.21 -4.45 8.65
CA VAL A 65 3.90 -3.20 7.99
C VAL A 65 2.64 -2.56 8.57
N PHE A 66 2.36 -1.34 8.14
CA PHE A 66 1.18 -0.62 8.62
C PHE A 66 0.52 0.16 7.49
N TYR A 67 -0.74 -0.17 7.20
CA TYR A 67 -1.48 0.49 6.14
C TYR A 67 -1.72 1.95 6.48
N ILE A 68 -1.01 2.84 5.77
CA ILE A 68 -1.15 4.27 5.99
C ILE A 68 -2.37 4.84 5.27
N ASP A 69 -3.26 3.94 4.84
CA ASP A 69 -4.46 4.34 4.12
C ASP A 69 -5.70 4.14 4.99
N TYR A 70 -5.63 3.16 5.89
CA TYR A 70 -6.75 2.86 6.78
C TYR A 70 -6.33 3.04 8.24
N GLY A 71 -5.19 2.46 8.61
CA GLY A 71 -4.71 2.56 9.97
C GLY A 71 -4.66 1.21 10.67
N ASN A 72 -4.12 0.21 9.99
CA ASN A 72 -4.01 -1.13 10.55
C ASN A 72 -2.63 -1.72 10.32
N ARG A 73 -2.35 -2.85 10.96
CA ARG A 73 -1.06 -3.51 10.82
C ARG A 73 -1.24 -4.99 10.49
N GLU A 74 -0.32 -5.54 9.71
CA GLU A 74 -0.38 -6.94 9.33
C GLU A 74 1.00 -7.45 8.91
N VAL A 75 1.31 -8.69 9.29
CA VAL A 75 2.59 -9.30 8.95
C VAL A 75 2.50 -10.07 7.64
N LEU A 76 2.97 -9.46 6.56
CA LEU A 76 2.94 -10.09 5.25
C LEU A 76 4.36 -10.33 4.74
N PRO A 77 4.51 -11.35 3.88
CA PRO A 77 5.81 -11.71 3.30
C PRO A 77 6.30 -10.67 2.30
N SER A 78 7.54 -10.83 1.83
CA SER A 78 8.13 -9.91 0.87
C SER A 78 7.55 -10.14 -0.52
N THR A 79 6.58 -11.05 -0.62
CA THR A 79 5.96 -11.36 -1.90
C THR A 79 4.77 -10.43 -2.17
N ARG A 80 4.02 -10.12 -1.12
CA ARG A 80 2.87 -9.24 -1.25
C ARG A 80 3.30 -7.77 -1.27
N LEU A 81 4.59 -7.54 -1.08
CA LEU A 81 5.13 -6.19 -1.06
C LEU A 81 5.79 -5.85 -2.41
N GLY A 82 5.56 -4.64 -2.88
CA GLY A 82 6.14 -4.21 -4.14
C GLY A 82 6.62 -2.78 -4.11
N THR A 83 7.31 -2.36 -5.17
CA THR A 83 7.83 -1.01 -5.26
C THR A 83 6.71 0.01 -5.45
N LEU A 84 6.50 0.85 -4.45
CA LEU A 84 5.45 1.87 -4.52
C LEU A 84 5.83 2.98 -5.49
N SER A 85 5.05 3.12 -6.55
CA SER A 85 5.30 4.15 -7.56
C SER A 85 5.16 5.54 -6.96
N PRO A 86 6.01 6.48 -7.45
CA PRO A 86 5.99 7.87 -6.97
C PRO A 86 4.74 8.62 -7.42
N ALA A 87 4.04 8.06 -8.39
CA ALA A 87 2.82 8.69 -8.91
C ALA A 87 1.64 8.42 -7.97
N PHE A 88 1.65 7.26 -7.33
CA PHE A 88 0.58 6.89 -6.42
C PHE A 88 1.03 7.01 -4.96
N SER A 89 2.34 7.17 -4.77
CA SER A 89 2.91 7.29 -3.43
C SER A 89 2.18 8.38 -2.64
N THR A 90 2.07 8.18 -1.34
CA THR A 90 1.41 9.14 -0.47
C THR A 90 1.92 10.55 -0.71
N ARG A 91 3.15 10.65 -1.21
CA ARG A 91 3.77 11.95 -1.48
C ARG A 91 2.76 12.90 -2.12
N VAL A 92 1.78 12.33 -2.82
CA VAL A 92 0.75 13.12 -3.50
C VAL A 92 -0.51 13.20 -2.65
N LEU A 93 -0.85 12.10 -1.99
CA LEU A 93 -2.03 12.05 -1.14
C LEU A 93 -1.67 11.74 0.30
N PRO A 94 -2.30 12.46 1.25
CA PRO A 94 -2.05 12.28 2.68
C PRO A 94 -2.58 10.95 3.20
N ALA A 95 -1.84 10.33 4.11
CA ALA A 95 -2.24 9.06 4.68
C ALA A 95 -3.53 9.19 5.48
N GLN A 96 -4.58 8.51 5.01
CA GLN A 96 -5.87 8.56 5.67
C GLN A 96 -5.88 7.68 6.93
N ALA A 97 -4.76 7.00 7.16
CA ALA A 97 -4.64 6.13 8.33
C ALA A 97 -5.00 6.87 9.61
N THR A 98 -5.41 6.11 10.63
CA THR A 98 -5.80 6.70 11.91
C THR A 98 -4.67 6.59 12.92
N GLU A 99 -4.12 5.38 13.06
CA GLU A 99 -3.03 5.14 14.01
C GLU A 99 -1.70 5.58 13.41
N TYR A 100 -1.76 6.20 12.25
CA TYR A 100 -0.55 6.67 11.57
C TYR A 100 0.11 7.80 12.35
N ALA A 101 -0.71 8.76 12.81
CA ALA A 101 -0.20 9.89 13.56
C ALA A 101 0.83 9.45 14.59
N PHE A 102 0.62 8.28 15.17
CA PHE A 102 1.54 7.74 16.17
C PHE A 102 2.46 6.70 15.55
N ALA A 103 2.03 6.11 14.44
CA ALA A 103 2.82 5.11 13.75
C ALA A 103 4.16 5.67 13.29
N PHE A 104 4.15 6.94 12.89
CA PHE A 104 5.36 7.59 12.41
C PHE A 104 5.28 9.10 12.62
#